data_6VO7
# 
_entry.id   6VO7 
# 
_audit_conform.dict_name       mmcif_pdbx.dic 
_audit_conform.dict_version    5.380 
_audit_conform.dict_location   http://mmcif.pdb.org/dictionaries/ascii/mmcif_pdbx.dic 
# 
loop_
_database_2.database_id 
_database_2.database_code 
_database_2.pdbx_database_accession 
_database_2.pdbx_DOI 
PDB   6VO7         pdb_00006vo7 10.2210/pdb6vo7/pdb 
WWPDB D_1000246728 ?            ?                   
# 
_pdbx_database_status.status_code                     REL 
_pdbx_database_status.status_code_sf                  REL 
_pdbx_database_status.status_code_mr                  ? 
_pdbx_database_status.entry_id                        6VO7 
_pdbx_database_status.recvd_initial_deposition_date   2020-01-30 
_pdbx_database_status.SG_entry                        N 
_pdbx_database_status.deposit_site                    RCSB 
_pdbx_database_status.process_site                    RCSB 
_pdbx_database_status.status_code_cs                  ? 
_pdbx_database_status.status_code_nmr_data            ? 
_pdbx_database_status.methods_development_category    ? 
_pdbx_database_status.pdb_format_compatible           Y 
# 
loop_
_audit_author.name 
_audit_author.pdbx_ordinal 
_audit_author.identifier_ORCID 
'Carey, L.M.'    1 0000-0002-6103-2933 
'Martinez, N.G.' 2 0000-0003-3026-8887 
'Campbell, S.'   3 0000-0003-0311-409X 
# 
_citation.abstract                  ? 
_citation.abstract_id_CAS           ? 
_citation.book_id_ISBN              ? 
_citation.book_publisher            ? 
_citation.book_publisher_city       ? 
_citation.book_title                ? 
_citation.coordinate_linkage        ? 
_citation.country                   UK 
_citation.database_id_Medline       ? 
_citation.details                   ? 
_citation.id                        primary 
_citation.journal_abbrev            J.Mol.Biol. 
_citation.journal_id_ASTM           JMOBAK 
_citation.journal_id_CSD            0070 
_citation.journal_id_ISSN           1089-8638 
_citation.journal_full              ? 
_citation.journal_issue             ? 
_citation.journal_volume            433 
_citation.language                  ? 
_citation.page_first                166838 
_citation.page_last                 166838 
_citation.title                     
'Biophysical and Structural Characterization of Novel RAS-Binding Domains (RBDs) of PI3K alpha and PI3K gamma.' 
_citation.year                      2021 
_citation.database_id_CSD           ? 
_citation.pdbx_database_id_DOI      10.1016/j.jmb.2021.166838 
_citation.pdbx_database_id_PubMed   33539876 
_citation.unpublished_flag          ? 
# 
loop_
_citation_author.citation_id 
_citation_author.name 
_citation_author.ordinal 
_citation_author.identifier_ORCID 
primary 'Martinez, N.G.'  1 ? 
primary 'Thieker, D.F.'   2 ? 
primary 'Carey, L.M.'     3 ? 
primary 'Rasquinha, J.A.' 4 ? 
primary 'Kistler, S.K.'   5 ? 
primary 'Kuhlman, B.A.'   6 ? 
primary 'Campbell, S.L.'  7 ? 
# 
_cell.angle_alpha                  90.000 
_cell.angle_alpha_esd              ? 
_cell.angle_beta                   90.000 
_cell.angle_beta_esd               ? 
_cell.angle_gamma                  90.000 
_cell.angle_gamma_esd              ? 
_cell.entry_id                     6VO7 
_cell.details                      ? 
_cell.formula_units_Z              ? 
_cell.length_a                     71.548 
_cell.length_a_esd                 ? 
_cell.length_b                     83.914 
_cell.length_b_esd                 ? 
_cell.length_c                     63.988 
_cell.length_c_esd                 ? 
_cell.volume                       384176.201 
_cell.volume_esd                   ? 
_cell.Z_PDB                        8 
_cell.reciprocal_angle_alpha       ? 
_cell.reciprocal_angle_beta        ? 
_cell.reciprocal_angle_gamma       ? 
_cell.reciprocal_angle_alpha_esd   ? 
_cell.reciprocal_angle_beta_esd    ? 
_cell.reciprocal_angle_gamma_esd   ? 
_cell.reciprocal_length_a          ? 
_cell.reciprocal_length_b          ? 
_cell.reciprocal_length_c          ? 
_cell.reciprocal_length_a_esd      ? 
_cell.reciprocal_length_b_esd      ? 
_cell.reciprocal_length_c_esd      ? 
_cell.pdbx_unique_axis             ? 
# 
_symmetry.entry_id                         6VO7 
_symmetry.cell_setting                     ? 
_symmetry.Int_Tables_number                20 
_symmetry.space_group_name_Hall            'C 2c 2' 
_symmetry.space_group_name_H-M             'C 2 2 21' 
_symmetry.pdbx_full_space_group_name_H-M   ? 
# 
loop_
_entity.id 
_entity.type 
_entity.src_method 
_entity.pdbx_description 
_entity.formula_weight 
_entity.pdbx_number_of_molecules 
_entity.pdbx_ec 
_entity.pdbx_mutation 
_entity.pdbx_fragment 
_entity.details 
1 polymer man 'Phosphatidylinositol 4,5-bisphosphate 3-kinase catalytic subunit alpha isoform' 16799.793 1  2.7.1.153,2.7.11.1 ? 
'Ras Binding Domain (RBD)' ? 
2 water   nat water                                                                            18.015    26 ?                  ? ? 
? 
# 
_entity_name_com.entity_id   1 
_entity_name_com.name        
;PtdIns-3-kinase subunit alpha,Phosphatidylinositol 4,5-bisphosphate 3-kinase 110 kDa catalytic subunit alpha,p110alpha,Phosphoinositide-3-kinase catalytic alpha polypeptide,Serine/threonine protein kinase PIK3CA
;
# 
_entity_poly.entity_id                      1 
_entity_poly.type                           'polypeptide(L)' 
_entity_poly.nstd_linkage                   no 
_entity_poly.nstd_monomer                   no 
_entity_poly.pdbx_seq_one_letter_code       
;NSPHSRAMYVYPPNVESSPELPKHIYNKLDKGQIIVVIWVIVSPNNDKQKYTLKINHDCVPEQVIAEAIRKKTRSMLLSS
EQLKLCVLEYQGKYILKVCGCDEYFLEKYPLSQYKYIRSCIMLGRMPNLMLMAKESLYSQLPMD
;
_entity_poly.pdbx_seq_one_letter_code_can   
;NSPHSRAMYVYPPNVESSPELPKHIYNKLDKGQIIVVIWVIVSPNNDKQKYTLKINHDCVPEQVIAEAIRKKTRSMLLSS
EQLKLCVLEYQGKYILKVCGCDEYFLEKYPLSQYKYIRSCIMLGRMPNLMLMAKESLYSQLPMD
;
_entity_poly.pdbx_strand_id                 A 
_entity_poly.pdbx_target_identifier         ? 
# 
loop_
_entity_poly_seq.entity_id 
_entity_poly_seq.num 
_entity_poly_seq.mon_id 
_entity_poly_seq.hetero 
1 1   ASN n 
1 2   SER n 
1 3   PRO n 
1 4   HIS n 
1 5   SER n 
1 6   ARG n 
1 7   ALA n 
1 8   MET n 
1 9   TYR n 
1 10  VAL n 
1 11  TYR n 
1 12  PRO n 
1 13  PRO n 
1 14  ASN n 
1 15  VAL n 
1 16  GLU n 
1 17  SER n 
1 18  SER n 
1 19  PRO n 
1 20  GLU n 
1 21  LEU n 
1 22  PRO n 
1 23  LYS n 
1 24  HIS n 
1 25  ILE n 
1 26  TYR n 
1 27  ASN n 
1 28  LYS n 
1 29  LEU n 
1 30  ASP n 
1 31  LYS n 
1 32  GLY n 
1 33  GLN n 
1 34  ILE n 
1 35  ILE n 
1 36  VAL n 
1 37  VAL n 
1 38  ILE n 
1 39  TRP n 
1 40  VAL n 
1 41  ILE n 
1 42  VAL n 
1 43  SER n 
1 44  PRO n 
1 45  ASN n 
1 46  ASN n 
1 47  ASP n 
1 48  LYS n 
1 49  GLN n 
1 50  LYS n 
1 51  TYR n 
1 52  THR n 
1 53  LEU n 
1 54  LYS n 
1 55  ILE n 
1 56  ASN n 
1 57  HIS n 
1 58  ASP n 
1 59  CYS n 
1 60  VAL n 
1 61  PRO n 
1 62  GLU n 
1 63  GLN n 
1 64  VAL n 
1 65  ILE n 
1 66  ALA n 
1 67  GLU n 
1 68  ALA n 
1 69  ILE n 
1 70  ARG n 
1 71  LYS n 
1 72  LYS n 
1 73  THR n 
1 74  ARG n 
1 75  SER n 
1 76  MET n 
1 77  LEU n 
1 78  LEU n 
1 79  SER n 
1 80  SER n 
1 81  GLU n 
1 82  GLN n 
1 83  LEU n 
1 84  LYS n 
1 85  LEU n 
1 86  CYS n 
1 87  VAL n 
1 88  LEU n 
1 89  GLU n 
1 90  TYR n 
1 91  GLN n 
1 92  GLY n 
1 93  LYS n 
1 94  TYR n 
1 95  ILE n 
1 96  LEU n 
1 97  LYS n 
1 98  VAL n 
1 99  CYS n 
1 100 GLY n 
1 101 CYS n 
1 102 ASP n 
1 103 GLU n 
1 104 TYR n 
1 105 PHE n 
1 106 LEU n 
1 107 GLU n 
1 108 LYS n 
1 109 TYR n 
1 110 PRO n 
1 111 LEU n 
1 112 SER n 
1 113 GLN n 
1 114 TYR n 
1 115 LYS n 
1 116 TYR n 
1 117 ILE n 
1 118 ARG n 
1 119 SER n 
1 120 CYS n 
1 121 ILE n 
1 122 MET n 
1 123 LEU n 
1 124 GLY n 
1 125 ARG n 
1 126 MET n 
1 127 PRO n 
1 128 ASN n 
1 129 LEU n 
1 130 MET n 
1 131 LEU n 
1 132 MET n 
1 133 ALA n 
1 134 LYS n 
1 135 GLU n 
1 136 SER n 
1 137 LEU n 
1 138 TYR n 
1 139 SER n 
1 140 GLN n 
1 141 LEU n 
1 142 PRO n 
1 143 MET n 
1 144 ASP n 
# 
_entity_src_gen.entity_id                          1 
_entity_src_gen.pdbx_src_id                        1 
_entity_src_gen.pdbx_alt_source_flag               sample 
_entity_src_gen.pdbx_seq_type                      'Biological sequence' 
_entity_src_gen.pdbx_beg_seq_num                   1 
_entity_src_gen.pdbx_end_seq_num                   144 
_entity_src_gen.gene_src_common_name               Human 
_entity_src_gen.gene_src_genus                     ? 
_entity_src_gen.pdbx_gene_src_gene                 PIK3CA 
_entity_src_gen.gene_src_species                   ? 
_entity_src_gen.gene_src_strain                    ? 
_entity_src_gen.gene_src_tissue                    ? 
_entity_src_gen.gene_src_tissue_fraction           ? 
_entity_src_gen.gene_src_details                   ? 
_entity_src_gen.pdbx_gene_src_fragment             ? 
_entity_src_gen.pdbx_gene_src_scientific_name      'Homo sapiens' 
_entity_src_gen.pdbx_gene_src_ncbi_taxonomy_id     9606 
_entity_src_gen.pdbx_gene_src_variant              ? 
_entity_src_gen.pdbx_gene_src_cell_line            ? 
_entity_src_gen.pdbx_gene_src_atcc                 ? 
_entity_src_gen.pdbx_gene_src_organ                ? 
_entity_src_gen.pdbx_gene_src_organelle            ? 
_entity_src_gen.pdbx_gene_src_cell                 ? 
_entity_src_gen.pdbx_gene_src_cellular_location    ? 
_entity_src_gen.host_org_common_name               ? 
_entity_src_gen.pdbx_host_org_scientific_name      'Escherichia coli' 
_entity_src_gen.pdbx_host_org_ncbi_taxonomy_id     562 
_entity_src_gen.host_org_genus                     ? 
_entity_src_gen.pdbx_host_org_gene                 ? 
_entity_src_gen.pdbx_host_org_organ                ? 
_entity_src_gen.host_org_species                   ? 
_entity_src_gen.pdbx_host_org_tissue               ? 
_entity_src_gen.pdbx_host_org_tissue_fraction      ? 
_entity_src_gen.pdbx_host_org_strain               ? 
_entity_src_gen.pdbx_host_org_variant              ? 
_entity_src_gen.pdbx_host_org_cell_line            ? 
_entity_src_gen.pdbx_host_org_atcc                 ? 
_entity_src_gen.pdbx_host_org_culture_collection   ? 
_entity_src_gen.pdbx_host_org_cell                 ? 
_entity_src_gen.pdbx_host_org_organelle            ? 
_entity_src_gen.pdbx_host_org_cellular_location    ? 
_entity_src_gen.pdbx_host_org_vector_type          ? 
_entity_src_gen.pdbx_host_org_vector               ? 
_entity_src_gen.host_org_details                   ? 
_entity_src_gen.expression_system_id               ? 
_entity_src_gen.plasmid_name                       ? 
_entity_src_gen.plasmid_details                    ? 
_entity_src_gen.pdbx_description                   ? 
# 
_struct_ref.id                         1 
_struct_ref.db_name                    UNP 
_struct_ref.db_code                    PK3CA_HUMAN 
_struct_ref.pdbx_db_accession          P42336 
_struct_ref.pdbx_db_isoform            ? 
_struct_ref.entity_id                  1 
_struct_ref.pdbx_seq_one_letter_code   
;NSPHSRAMYVYPPNVESSPELPKHIYNKLDKGQIIVVIWVIVSPNNDKQKYTLKINHDCVPEQVIAEAIRKKTRSMLLSS
EQLKLCVLEYQGKYILKVCGCDEYFLEKYPLSQYKYIRSCIMLGRMPNLMLMAKESLYSQLPMD
;
_struct_ref.pdbx_align_begin           157 
# 
_struct_ref_seq.align_id                      1 
_struct_ref_seq.ref_id                        1 
_struct_ref_seq.pdbx_PDB_id_code              6VO7 
_struct_ref_seq.pdbx_strand_id                A 
_struct_ref_seq.seq_align_beg                 1 
_struct_ref_seq.pdbx_seq_align_beg_ins_code   ? 
_struct_ref_seq.seq_align_end                 144 
_struct_ref_seq.pdbx_seq_align_end_ins_code   ? 
_struct_ref_seq.pdbx_db_accession             P42336 
_struct_ref_seq.db_align_beg                  157 
_struct_ref_seq.pdbx_db_align_beg_ins_code    ? 
_struct_ref_seq.db_align_end                  300 
_struct_ref_seq.pdbx_db_align_end_ins_code    ? 
_struct_ref_seq.pdbx_auth_seq_align_beg       157 
_struct_ref_seq.pdbx_auth_seq_align_end       300 
# 
loop_
_chem_comp.id 
_chem_comp.type 
_chem_comp.mon_nstd_flag 
_chem_comp.name 
_chem_comp.pdbx_synonyms 
_chem_comp.formula 
_chem_comp.formula_weight 
ALA 'L-peptide linking' y ALANINE         ? 'C3 H7 N O2'     89.093  
ARG 'L-peptide linking' y ARGININE        ? 'C6 H15 N4 O2 1' 175.209 
ASN 'L-peptide linking' y ASPARAGINE      ? 'C4 H8 N2 O3'    132.118 
ASP 'L-peptide linking' y 'ASPARTIC ACID' ? 'C4 H7 N O4'     133.103 
CYS 'L-peptide linking' y CYSTEINE        ? 'C3 H7 N O2 S'   121.158 
GLN 'L-peptide linking' y GLUTAMINE       ? 'C5 H10 N2 O3'   146.144 
GLU 'L-peptide linking' y 'GLUTAMIC ACID' ? 'C5 H9 N O4'     147.129 
GLY 'peptide linking'   y GLYCINE         ? 'C2 H5 N O2'     75.067  
HIS 'L-peptide linking' y HISTIDINE       ? 'C6 H10 N3 O2 1' 156.162 
HOH non-polymer         . WATER           ? 'H2 O'           18.015  
ILE 'L-peptide linking' y ISOLEUCINE      ? 'C6 H13 N O2'    131.173 
LEU 'L-peptide linking' y LEUCINE         ? 'C6 H13 N O2'    131.173 
LYS 'L-peptide linking' y LYSINE          ? 'C6 H15 N2 O2 1' 147.195 
MET 'L-peptide linking' y METHIONINE      ? 'C5 H11 N O2 S'  149.211 
PHE 'L-peptide linking' y PHENYLALANINE   ? 'C9 H11 N O2'    165.189 
PRO 'L-peptide linking' y PROLINE         ? 'C5 H9 N O2'     115.130 
SER 'L-peptide linking' y SERINE          ? 'C3 H7 N O3'     105.093 
THR 'L-peptide linking' y THREONINE       ? 'C4 H9 N O3'     119.119 
TRP 'L-peptide linking' y TRYPTOPHAN      ? 'C11 H12 N2 O2'  204.225 
TYR 'L-peptide linking' y TYROSINE        ? 'C9 H11 N O3'    181.189 
VAL 'L-peptide linking' y VALINE          ? 'C5 H11 N O2'    117.146 
# 
_exptl.absorpt_coefficient_mu     ? 
_exptl.absorpt_correction_T_max   ? 
_exptl.absorpt_correction_T_min   ? 
_exptl.absorpt_correction_type    ? 
_exptl.absorpt_process_details    ? 
_exptl.entry_id                   6VO7 
_exptl.crystals_number            1 
_exptl.details                    ? 
_exptl.method                     'X-RAY DIFFRACTION' 
_exptl.method_details             ? 
# 
_exptl_crystal.colour                      ? 
_exptl_crystal.density_diffrn              ? 
_exptl_crystal.density_Matthews            2.93 
_exptl_crystal.density_method              ? 
_exptl_crystal.density_percent_sol         58.03 
_exptl_crystal.description                 ? 
_exptl_crystal.F_000                       ? 
_exptl_crystal.id                          1 
_exptl_crystal.preparation                 ? 
_exptl_crystal.size_max                    ? 
_exptl_crystal.size_mid                    ? 
_exptl_crystal.size_min                    ? 
_exptl_crystal.size_rad                    ? 
_exptl_crystal.colour_lustre               ? 
_exptl_crystal.colour_modifier             ? 
_exptl_crystal.colour_primary              ? 
_exptl_crystal.density_meas                ? 
_exptl_crystal.density_meas_esd            ? 
_exptl_crystal.density_meas_gt             ? 
_exptl_crystal.density_meas_lt             ? 
_exptl_crystal.density_meas_temp           ? 
_exptl_crystal.density_meas_temp_esd       ? 
_exptl_crystal.density_meas_temp_gt        ? 
_exptl_crystal.density_meas_temp_lt        ? 
_exptl_crystal.pdbx_crystal_image_url      ? 
_exptl_crystal.pdbx_crystal_image_format   ? 
_exptl_crystal.pdbx_mosaicity              ? 
_exptl_crystal.pdbx_mosaicity_esd          ? 
# 
_exptl_crystal_grow.apparatus       ? 
_exptl_crystal_grow.atmosphere      ? 
_exptl_crystal_grow.crystal_id      1 
_exptl_crystal_grow.details         ? 
_exptl_crystal_grow.method          'VAPOR DIFFUSION, SITTING DROP' 
_exptl_crystal_grow.method_ref      ? 
_exptl_crystal_grow.pH              8.5 
_exptl_crystal_grow.pressure        ? 
_exptl_crystal_grow.pressure_esd    ? 
_exptl_crystal_grow.seeding         ? 
_exptl_crystal_grow.seeding_ref     ? 
_exptl_crystal_grow.temp            293 
_exptl_crystal_grow.temp_details    ? 
_exptl_crystal_grow.temp_esd        ? 
_exptl_crystal_grow.time            ? 
_exptl_crystal_grow.pdbx_details    '0.1 M Tris-HCL, 0.7 M Na Citrate, pH 8.5' 
_exptl_crystal_grow.pdbx_pH_range   ? 
# 
_diffrn.ambient_environment              ? 
_diffrn.ambient_temp                     100 
_diffrn.ambient_temp_details             ? 
_diffrn.ambient_temp_esd                 ? 
_diffrn.crystal_id                       1 
_diffrn.crystal_support                  ? 
_diffrn.crystal_treatment                ? 
_diffrn.details                          ? 
_diffrn.id                               1 
_diffrn.ambient_pressure                 ? 
_diffrn.ambient_pressure_esd             ? 
_diffrn.ambient_pressure_gt              ? 
_diffrn.ambient_pressure_lt              ? 
_diffrn.ambient_temp_gt                  ? 
_diffrn.ambient_temp_lt                  ? 
_diffrn.pdbx_serial_crystal_experiment   N 
# 
_diffrn_detector.details                      ? 
_diffrn_detector.detector                     PIXEL 
_diffrn_detector.diffrn_id                    1 
_diffrn_detector.type                         'DECTRIS EIGER X 16M' 
_diffrn_detector.area_resol_mean              ? 
_diffrn_detector.dtime                        ? 
_diffrn_detector.pdbx_frames_total            ? 
_diffrn_detector.pdbx_collection_time_total   ? 
_diffrn_detector.pdbx_collection_date         2019-11-19 
_diffrn_detector.pdbx_frequency               ? 
# 
_diffrn_radiation.collimation                      ? 
_diffrn_radiation.diffrn_id                        1 
_diffrn_radiation.filter_edge                      ? 
_diffrn_radiation.inhomogeneity                    ? 
_diffrn_radiation.monochromator                    ? 
_diffrn_radiation.polarisn_norm                    ? 
_diffrn_radiation.polarisn_ratio                   ? 
_diffrn_radiation.probe                            ? 
_diffrn_radiation.type                             ? 
_diffrn_radiation.xray_symbol                      ? 
_diffrn_radiation.wavelength_id                    1 
_diffrn_radiation.pdbx_monochromatic_or_laue_m_l   M 
_diffrn_radiation.pdbx_wavelength_list             ? 
_diffrn_radiation.pdbx_wavelength                  ? 
_diffrn_radiation.pdbx_diffrn_protocol             'SINGLE WAVELENGTH' 
_diffrn_radiation.pdbx_analyzer                    ? 
_diffrn_radiation.pdbx_scattering_type             x-ray 
# 
_diffrn_radiation_wavelength.id           1 
_diffrn_radiation_wavelength.wavelength   1.00 
_diffrn_radiation_wavelength.wt           1.0 
# 
_diffrn_source.current                     ? 
_diffrn_source.details                     ? 
_diffrn_source.diffrn_id                   1 
_diffrn_source.power                       ? 
_diffrn_source.size                        ? 
_diffrn_source.source                      SYNCHROTRON 
_diffrn_source.target                      ? 
_diffrn_source.type                        'APS BEAMLINE 22-ID' 
_diffrn_source.voltage                     ? 
_diffrn_source.take-off_angle              ? 
_diffrn_source.pdbx_wavelength_list        1.00 
_diffrn_source.pdbx_wavelength             ? 
_diffrn_source.pdbx_synchrotron_beamline   22-ID 
_diffrn_source.pdbx_synchrotron_site       APS 
# 
_reflns.B_iso_Wilson_estimate            47.12 
_reflns.entry_id                         6VO7 
_reflns.data_reduction_details           ? 
_reflns.data_reduction_method            ? 
_reflns.d_resolution_high                2.31 
_reflns.d_resolution_low                 35.09 
_reflns.details                          ? 
_reflns.limit_h_max                      ? 
_reflns.limit_h_min                      ? 
_reflns.limit_k_max                      ? 
_reflns.limit_k_min                      ? 
_reflns.limit_l_max                      ? 
_reflns.limit_l_min                      ? 
_reflns.number_all                       ? 
_reflns.number_obs                       8574 
_reflns.observed_criterion               ? 
_reflns.observed_criterion_F_max         ? 
_reflns.observed_criterion_F_min         ? 
_reflns.observed_criterion_I_max         ? 
_reflns.observed_criterion_I_min         ? 
_reflns.observed_criterion_sigma_F       ? 
_reflns.observed_criterion_sigma_I       ? 
_reflns.percent_possible_obs             98.8 
_reflns.R_free_details                   ? 
_reflns.Rmerge_F_all                     ? 
_reflns.Rmerge_F_obs                     ? 
_reflns.Friedel_coverage                 ? 
_reflns.number_gt                        ? 
_reflns.threshold_expression             ? 
_reflns.pdbx_redundancy                  5.8 
_reflns.pdbx_Rmerge_I_obs                .171 
_reflns.pdbx_Rmerge_I_all                ? 
_reflns.pdbx_Rsym_value                  ? 
_reflns.pdbx_netI_over_av_sigmaI         ? 
_reflns.pdbx_netI_over_sigmaI            21.0 
_reflns.pdbx_res_netI_over_av_sigmaI_2   ? 
_reflns.pdbx_res_netI_over_sigmaI_2      ? 
_reflns.pdbx_chi_squared                 ? 
_reflns.pdbx_scaling_rejects             ? 
_reflns.pdbx_d_res_high_opt              ? 
_reflns.pdbx_d_res_low_opt               ? 
_reflns.pdbx_d_res_opt_method            ? 
_reflns.phase_calculation_details        ? 
_reflns.pdbx_Rrim_I_all                  .189 
_reflns.pdbx_Rpim_I_all                  .079 
_reflns.pdbx_d_opt                       ? 
_reflns.pdbx_number_measured_all         ? 
_reflns.pdbx_diffrn_id                   1 
_reflns.pdbx_ordinal                     1 
_reflns.pdbx_CC_half                     0.994 
_reflns.pdbx_CC_star                     ? 
_reflns.pdbx_R_split                     ? 
# 
_reflns_shell.d_res_high                  2.31 
_reflns_shell.d_res_low                   2.45 
_reflns_shell.meanI_over_sigI_all         ? 
_reflns_shell.meanI_over_sigI_obs         1.7 
_reflns_shell.number_measured_all         ? 
_reflns_shell.number_measured_obs         ? 
_reflns_shell.number_possible             ? 
_reflns_shell.number_unique_all           ? 
_reflns_shell.number_unique_obs           414 
_reflns_shell.percent_possible_all        97.4 
_reflns_shell.percent_possible_obs        ? 
_reflns_shell.Rmerge_F_all                ? 
_reflns_shell.Rmerge_F_obs                ? 
_reflns_shell.Rmerge_I_all                ? 
_reflns_shell.Rmerge_I_obs                .832 
_reflns_shell.meanI_over_sigI_gt          ? 
_reflns_shell.meanI_over_uI_all           ? 
_reflns_shell.meanI_over_uI_gt            ? 
_reflns_shell.number_measured_gt          ? 
_reflns_shell.number_unique_gt            ? 
_reflns_shell.percent_possible_gt         ? 
_reflns_shell.Rmerge_F_gt                 ? 
_reflns_shell.Rmerge_I_gt                 ? 
_reflns_shell.pdbx_redundancy             5.0 
_reflns_shell.pdbx_Rsym_value             ? 
_reflns_shell.pdbx_chi_squared            ? 
_reflns_shell.pdbx_netI_over_sigmaI_all   ? 
_reflns_shell.pdbx_netI_over_sigmaI_obs   ? 
_reflns_shell.pdbx_Rrim_I_all             ? 
_reflns_shell.pdbx_Rpim_I_all             .391 
_reflns_shell.pdbx_rejects                ? 
_reflns_shell.pdbx_ordinal                1 
_reflns_shell.pdbx_diffrn_id              1 
_reflns_shell.pdbx_CC_half                .679 
_reflns_shell.pdbx_CC_star                ? 
_reflns_shell.pdbx_R_split                ? 
# 
_refine.aniso_B[1][1]                            ? 
_refine.aniso_B[1][2]                            ? 
_refine.aniso_B[1][3]                            ? 
_refine.aniso_B[2][2]                            ? 
_refine.aniso_B[2][3]                            ? 
_refine.aniso_B[3][3]                            ? 
_refine.B_iso_max                                ? 
_refine.B_iso_mean                               50.74 
_refine.B_iso_min                                ? 
_refine.correlation_coeff_Fo_to_Fc               ? 
_refine.correlation_coeff_Fo_to_Fc_free          ? 
_refine.details                                  ? 
_refine.diff_density_max                         ? 
_refine.diff_density_max_esd                     ? 
_refine.diff_density_min                         ? 
_refine.diff_density_min_esd                     ? 
_refine.diff_density_rms                         ? 
_refine.diff_density_rms_esd                     ? 
_refine.entry_id                                 6VO7 
_refine.pdbx_refine_id                           'X-RAY DIFFRACTION' 
_refine.ls_abs_structure_details                 ? 
_refine.ls_abs_structure_Flack                   ? 
_refine.ls_abs_structure_Flack_esd               ? 
_refine.ls_abs_structure_Rogers                  ? 
_refine.ls_abs_structure_Rogers_esd              ? 
_refine.ls_d_res_high                            2.31 
_refine.ls_d_res_low                             35.09 
_refine.ls_extinction_coef                       ? 
_refine.ls_extinction_coef_esd                   ? 
_refine.ls_extinction_expression                 ? 
_refine.ls_extinction_method                     ? 
_refine.ls_goodness_of_fit_all                   ? 
_refine.ls_goodness_of_fit_all_esd               ? 
_refine.ls_goodness_of_fit_obs                   ? 
_refine.ls_goodness_of_fit_obs_esd               ? 
_refine.ls_hydrogen_treatment                    ? 
_refine.ls_matrix_type                           ? 
_refine.ls_number_constraints                    ? 
_refine.ls_number_parameters                     ? 
_refine.ls_number_reflns_all                     ? 
_refine.ls_number_reflns_obs                     8554 
_refine.ls_number_reflns_R_free                  855 
_refine.ls_number_reflns_R_work                  ? 
_refine.ls_number_restraints                     ? 
_refine.ls_percent_reflns_obs                    98.04 
_refine.ls_percent_reflns_R_free                 10.00 
_refine.ls_R_factor_all                          ? 
_refine.ls_R_factor_obs                          0.2027 
_refine.ls_R_factor_R_free                       0.2552 
_refine.ls_R_factor_R_free_error                 ? 
_refine.ls_R_factor_R_free_error_details         ? 
_refine.ls_R_factor_R_work                       0.1968 
_refine.ls_R_Fsqd_factor_obs                     ? 
_refine.ls_R_I_factor_obs                        ? 
_refine.ls_redundancy_reflns_all                 ? 
_refine.ls_redundancy_reflns_obs                 ? 
_refine.ls_restrained_S_all                      ? 
_refine.ls_restrained_S_obs                      ? 
_refine.ls_shift_over_esd_max                    ? 
_refine.ls_shift_over_esd_mean                   ? 
_refine.ls_structure_factor_coef                 ? 
_refine.ls_weighting_details                     ? 
_refine.ls_weighting_scheme                      ? 
_refine.ls_wR_factor_all                         ? 
_refine.ls_wR_factor_obs                         ? 
_refine.ls_wR_factor_R_free                      ? 
_refine.ls_wR_factor_R_work                      ? 
_refine.occupancy_max                            ? 
_refine.occupancy_min                            ? 
_refine.solvent_model_details                    ? 
_refine.solvent_model_param_bsol                 ? 
_refine.solvent_model_param_ksol                 ? 
_refine.pdbx_R_complete                          ? 
_refine.ls_R_factor_gt                           ? 
_refine.ls_goodness_of_fit_gt                    ? 
_refine.ls_goodness_of_fit_ref                   ? 
_refine.ls_shift_over_su_max                     ? 
_refine.ls_shift_over_su_max_lt                  ? 
_refine.ls_shift_over_su_mean                    ? 
_refine.ls_shift_over_su_mean_lt                 ? 
_refine.pdbx_ls_sigma_I                          ? 
_refine.pdbx_ls_sigma_F                          1.34 
_refine.pdbx_ls_sigma_Fsqd                       ? 
_refine.pdbx_data_cutoff_high_absF               ? 
_refine.pdbx_data_cutoff_high_rms_absF           ? 
_refine.pdbx_data_cutoff_low_absF                ? 
_refine.pdbx_isotropic_thermal_model             ? 
_refine.pdbx_ls_cross_valid_method               'FREE R-VALUE' 
_refine.pdbx_method_to_determine_struct          'MOLECULAR REPLACEMENT' 
_refine.pdbx_starting_model                      5XGH 
_refine.pdbx_stereochemistry_target_values       ? 
_refine.pdbx_R_Free_selection_details            ? 
_refine.pdbx_stereochem_target_val_spec_case     ? 
_refine.pdbx_overall_ESU_R                       ? 
_refine.pdbx_overall_ESU_R_Free                  ? 
_refine.pdbx_solvent_vdw_probe_radii             1.1100 
_refine.pdbx_solvent_ion_probe_radii             ? 
_refine.pdbx_solvent_shrinkage_radii             0.9000 
_refine.pdbx_real_space_R                        ? 
_refine.pdbx_density_correlation                 ? 
_refine.pdbx_pd_number_of_powder_patterns        ? 
_refine.pdbx_pd_number_of_points                 ? 
_refine.pdbx_pd_meas_number_of_points            ? 
_refine.pdbx_pd_proc_ls_prof_R_factor            ? 
_refine.pdbx_pd_proc_ls_prof_wR_factor           ? 
_refine.pdbx_pd_Marquardt_correlation_coeff      ? 
_refine.pdbx_pd_Fsqrd_R_factor                   ? 
_refine.pdbx_pd_ls_matrix_band_width             ? 
_refine.pdbx_overall_phase_error                 29.2057 
_refine.pdbx_overall_SU_R_free_Cruickshank_DPI   ? 
_refine.pdbx_overall_SU_R_free_Blow_DPI          ? 
_refine.pdbx_overall_SU_R_Blow_DPI               ? 
_refine.pdbx_TLS_residual_ADP_flag               ? 
_refine.pdbx_diffrn_id                           1 
_refine.overall_SU_B                             ? 
_refine.overall_SU_ML                            0.3327 
_refine.overall_SU_R_Cruickshank_DPI             ? 
_refine.overall_SU_R_free                        ? 
_refine.overall_FOM_free_R_set                   ? 
_refine.overall_FOM_work_R_set                   ? 
_refine.pdbx_average_fsc_overall                 ? 
_refine.pdbx_average_fsc_work                    ? 
_refine.pdbx_average_fsc_free                    ? 
# 
_refine_hist.pdbx_refine_id                   'X-RAY DIFFRACTION' 
_refine_hist.cycle_id                         LAST 
_refine_hist.details                          ? 
_refine_hist.d_res_high                       2.31 
_refine_hist.d_res_low                        35.09 
_refine_hist.number_atoms_solvent             26 
_refine_hist.number_atoms_total               1127 
_refine_hist.number_reflns_all                ? 
_refine_hist.number_reflns_obs                ? 
_refine_hist.number_reflns_R_free             ? 
_refine_hist.number_reflns_R_work             ? 
_refine_hist.R_factor_all                     ? 
_refine_hist.R_factor_obs                     ? 
_refine_hist.R_factor_R_free                  ? 
_refine_hist.R_factor_R_work                  ? 
_refine_hist.pdbx_number_residues_total       ? 
_refine_hist.pdbx_B_iso_mean_ligand           ? 
_refine_hist.pdbx_B_iso_mean_solvent          ? 
_refine_hist.pdbx_number_atoms_protein        1101 
_refine_hist.pdbx_number_atoms_nucleic_acid   0 
_refine_hist.pdbx_number_atoms_ligand         0 
_refine_hist.pdbx_number_atoms_lipid          ? 
_refine_hist.pdbx_number_atoms_carb           ? 
_refine_hist.pdbx_pseudo_atom_details         ? 
# 
loop_
_refine_ls_restr.pdbx_refine_id 
_refine_ls_restr.criterion 
_refine_ls_restr.dev_ideal 
_refine_ls_restr.dev_ideal_target 
_refine_ls_restr.number 
_refine_ls_restr.rejects 
_refine_ls_restr.type 
_refine_ls_restr.weight 
_refine_ls_restr.pdbx_restraint_function 
'X-RAY DIFFRACTION' ? 0.0107  ? 1134 ? f_bond_d           ? ? 
'X-RAY DIFFRACTION' ? 0.9504  ? 1538 ? f_angle_d          ? ? 
'X-RAY DIFFRACTION' ? 0.0673  ? 174  ? f_chiral_restr     ? ? 
'X-RAY DIFFRACTION' ? 0.0059  ? 192  ? f_plane_restr      ? ? 
'X-RAY DIFFRACTION' ? 19.1821 ? 430  ? f_dihedral_angle_d ? ? 
# 
loop_
_refine_ls_shell.pdbx_refine_id 
_refine_ls_shell.d_res_high 
_refine_ls_shell.d_res_low 
_refine_ls_shell.number_reflns_all 
_refine_ls_shell.number_reflns_obs 
_refine_ls_shell.number_reflns_R_free 
_refine_ls_shell.number_reflns_R_work 
_refine_ls_shell.percent_reflns_obs 
_refine_ls_shell.percent_reflns_R_free 
_refine_ls_shell.R_factor_all 
_refine_ls_shell.R_factor_obs 
_refine_ls_shell.R_factor_R_free 
_refine_ls_shell.R_factor_R_free_error 
_refine_ls_shell.R_factor_R_work 
_refine_ls_shell.redundancy_reflns_all 
_refine_ls_shell.redundancy_reflns_obs 
_refine_ls_shell.wR_factor_all 
_refine_ls_shell.wR_factor_obs 
_refine_ls_shell.wR_factor_R_free 
_refine_ls_shell.wR_factor_R_work 
_refine_ls_shell.pdbx_R_complete 
_refine_ls_shell.pdbx_total_number_of_bins_used 
_refine_ls_shell.pdbx_phase_error 
_refine_ls_shell.pdbx_fsc_work 
_refine_ls_shell.pdbx_fsc_free 
'X-RAY DIFFRACTION' 2.31 2.46  . . 132 1188 92.89 . . . 0.3484 . 0.2565 . . . . . . . . . . . 
'X-RAY DIFFRACTION' 2.46 2.65  . . 143 1289 99.44 . . . 0.3058 . 0.2628 . . . . . . . . . . . 
'X-RAY DIFFRACTION' 2.65 2.91  . . 143 1299 99.93 . . . 0.3179 . 0.2288 . . . . . . . . . . . 
'X-RAY DIFFRACTION' 2.91 3.33  . . 143 1276 99.79 . . . 0.3049 . 0.2153 . . . . . . . . . . . 
'X-RAY DIFFRACTION' 3.33 4.20  . . 144 1300 98.30 . . . 0.2321 . 0.1862 . . . . . . . . . . . 
'X-RAY DIFFRACTION' 4.20 35.09 . . 150 1347 97.91 . . . 0.2162 . 0.1697 . . . . . . . . . . . 
# 
_struct.entry_id                     6VO7 
_struct.title                        'Crystal structure of PI3K-alpha Ras Binding Domain (RBD)' 
_struct.pdbx_model_details           ? 
_struct.pdbx_formula_weight          ? 
_struct.pdbx_formula_weight_method   ? 
_struct.pdbx_model_type_details      ? 
_struct.pdbx_CASP_flag               N 
# 
_struct_keywords.entry_id        6VO7 
_struct_keywords.text            'Ras binding domain, oncogenic signaling, effector, ONCOPROTEIN' 
_struct_keywords.pdbx_keywords   ONCOPROTEIN 
# 
loop_
_struct_asym.id 
_struct_asym.pdbx_blank_PDB_chainid_flag 
_struct_asym.pdbx_modified 
_struct_asym.entity_id 
_struct_asym.details 
A N N 1 ? 
B N N 2 ? 
# 
loop_
_struct_conf.conf_type_id 
_struct_conf.id 
_struct_conf.pdbx_PDB_helix_id 
_struct_conf.beg_label_comp_id 
_struct_conf.beg_label_asym_id 
_struct_conf.beg_label_seq_id 
_struct_conf.pdbx_beg_PDB_ins_code 
_struct_conf.end_label_comp_id 
_struct_conf.end_label_asym_id 
_struct_conf.end_label_seq_id 
_struct_conf.pdbx_end_PDB_ins_code 
_struct_conf.beg_auth_comp_id 
_struct_conf.beg_auth_asym_id 
_struct_conf.beg_auth_seq_id 
_struct_conf.end_auth_comp_id 
_struct_conf.end_auth_asym_id 
_struct_conf.end_auth_seq_id 
_struct_conf.pdbx_PDB_helix_class 
_struct_conf.details 
_struct_conf.pdbx_PDB_helix_length 
HELX_P HELX_P1 AA1 SER A 2   ? TYR A 11  ? SER A 158 TYR A 167 1 ? 10 
HELX_P HELX_P2 AA2 PRO A 22  ? ASN A 27  ? PRO A 178 ASN A 183 1 ? 6  
HELX_P HELX_P3 AA3 VAL A 60  ? ARG A 74  ? VAL A 216 ARG A 230 1 ? 15 
HELX_P HELX_P4 AA4 SER A 79  ? LYS A 93  ? SER A 235 LYS A 249 1 ? 15 
HELX_P HELX_P5 AA5 PRO A 110 ? GLN A 113 ? PRO A 266 GLN A 269 5 ? 4  
HELX_P HELX_P6 AA6 TYR A 114 ? GLY A 124 ? TYR A 270 GLY A 280 1 ? 11 
HELX_P HELX_P7 AA7 LYS A 134 ? GLN A 140 ? LYS A 290 GLN A 296 1 ? 7  
# 
_struct_conf_type.id          HELX_P 
_struct_conf_type.criteria    ? 
_struct_conf_type.reference   ? 
# 
_struct_sheet.id               AA1 
_struct_sheet.type             ? 
_struct_sheet.number_strands   4 
_struct_sheet.details          ? 
# 
loop_
_struct_sheet_order.sheet_id 
_struct_sheet_order.range_id_1 
_struct_sheet_order.range_id_2 
_struct_sheet_order.offset 
_struct_sheet_order.sense 
AA1 1 2 ? anti-parallel 
AA1 2 3 ? parallel      
AA1 3 4 ? anti-parallel 
# 
loop_
_struct_sheet_range.sheet_id 
_struct_sheet_range.id 
_struct_sheet_range.beg_label_comp_id 
_struct_sheet_range.beg_label_asym_id 
_struct_sheet_range.beg_label_seq_id 
_struct_sheet_range.pdbx_beg_PDB_ins_code 
_struct_sheet_range.end_label_comp_id 
_struct_sheet_range.end_label_asym_id 
_struct_sheet_range.end_label_seq_id 
_struct_sheet_range.pdbx_end_PDB_ins_code 
_struct_sheet_range.beg_auth_comp_id 
_struct_sheet_range.beg_auth_asym_id 
_struct_sheet_range.beg_auth_seq_id 
_struct_sheet_range.end_auth_comp_id 
_struct_sheet_range.end_auth_asym_id 
_struct_sheet_range.end_auth_seq_id 
AA1 1 GLN A 49  ? ASN A 56  ? GLN A 205 ASN A 212 
AA1 2 GLN A 33  ? VAL A 40  ? GLN A 189 VAL A 196 
AA1 3 ASN A 128 ? ALA A 133 ? ASN A 284 ALA A 289 
AA1 4 TYR A 94  ? VAL A 98  ? TYR A 250 VAL A 254 
# 
loop_
_pdbx_struct_sheet_hbond.sheet_id 
_pdbx_struct_sheet_hbond.range_id_1 
_pdbx_struct_sheet_hbond.range_id_2 
_pdbx_struct_sheet_hbond.range_1_label_atom_id 
_pdbx_struct_sheet_hbond.range_1_label_comp_id 
_pdbx_struct_sheet_hbond.range_1_label_asym_id 
_pdbx_struct_sheet_hbond.range_1_label_seq_id 
_pdbx_struct_sheet_hbond.range_1_PDB_ins_code 
_pdbx_struct_sheet_hbond.range_1_auth_atom_id 
_pdbx_struct_sheet_hbond.range_1_auth_comp_id 
_pdbx_struct_sheet_hbond.range_1_auth_asym_id 
_pdbx_struct_sheet_hbond.range_1_auth_seq_id 
_pdbx_struct_sheet_hbond.range_2_label_atom_id 
_pdbx_struct_sheet_hbond.range_2_label_comp_id 
_pdbx_struct_sheet_hbond.range_2_label_asym_id 
_pdbx_struct_sheet_hbond.range_2_label_seq_id 
_pdbx_struct_sheet_hbond.range_2_PDB_ins_code 
_pdbx_struct_sheet_hbond.range_2_auth_atom_id 
_pdbx_struct_sheet_hbond.range_2_auth_comp_id 
_pdbx_struct_sheet_hbond.range_2_auth_asym_id 
_pdbx_struct_sheet_hbond.range_2_auth_seq_id 
AA1 1 2 O TYR A 51  ? O TYR A 207 N ILE A 38  ? N ILE A 194 
AA1 2 3 N TRP A 39  ? N TRP A 195 O LEU A 129 ? O LEU A 285 
AA1 3 4 O MET A 130 ? O MET A 286 N LYS A 97  ? N LYS A 253 
# 
_atom_sites.entry_id                    6VO7 
_atom_sites.Cartn_transf_matrix[1][1]   ? 
_atom_sites.Cartn_transf_matrix[1][2]   ? 
_atom_sites.Cartn_transf_matrix[1][3]   ? 
_atom_sites.Cartn_transf_matrix[2][1]   ? 
_atom_sites.Cartn_transf_matrix[2][2]   ? 
_atom_sites.Cartn_transf_matrix[2][3]   ? 
_atom_sites.Cartn_transf_matrix[3][1]   ? 
_atom_sites.Cartn_transf_matrix[3][2]   ? 
_atom_sites.Cartn_transf_matrix[3][3]   ? 
_atom_sites.Cartn_transf_vector[1]      ? 
_atom_sites.Cartn_transf_vector[2]      ? 
_atom_sites.Cartn_transf_vector[3]      ? 
_atom_sites.fract_transf_matrix[1][1]   -0.00022359 
_atom_sites.fract_transf_matrix[1][2]   0.00922560 
_atom_sites.fract_transf_matrix[1][3]   -0.01049738 
_atom_sites.fract_transf_matrix[2][1]   0.01174739 
_atom_sites.fract_transf_matrix[2][2]   -0.00137414 
_atom_sites.fract_transf_matrix[2][3]   -0.00145788 
_atom_sites.fract_transf_matrix[3][1]   -0.00261537 
_atom_sites.fract_transf_matrix[3][2]   -0.01160089 
_atom_sites.fract_transf_matrix[3][3]   -0.01013971 
_atom_sites.fract_transf_vector[1]      0.201795 
_atom_sites.fract_transf_vector[2]      0.240947 
_atom_sites.fract_transf_vector[3]      -0.102677 
_atom_sites.solution_primary            ? 
_atom_sites.solution_secondary          ? 
_atom_sites.solution_hydrogens          ? 
_atom_sites.special_details             ? 
# 
loop_
_atom_type.symbol 
_atom_type.scat_dispersion_real 
_atom_type.scat_dispersion_imag 
_atom_type.scat_Cromer_Mann_a1 
_atom_type.scat_Cromer_Mann_a2 
_atom_type.scat_Cromer_Mann_a3 
_atom_type.scat_Cromer_Mann_a4 
_atom_type.scat_Cromer_Mann_b1 
_atom_type.scat_Cromer_Mann_b2 
_atom_type.scat_Cromer_Mann_b3 
_atom_type.scat_Cromer_Mann_b4 
_atom_type.scat_Cromer_Mann_c 
_atom_type.scat_source 
_atom_type.scat_dispersion_source 
C ? ? 3.54356 2.42580 ? ? 25.62398 1.50364  ? ? 0.0 
;2-Gaussian fit: Grosse-Kunstleve RW, Sauter NK, Adams PD: Newsletter of the IUCr Commission on Crystallographic Computing 2004, 3, 22-31.
;
? 
N ? ? 4.01032 2.96436 ? ? 19.97189 1.75589  ? ? 0.0 
;2-Gaussian fit: Grosse-Kunstleve RW, Sauter NK, Adams PD: Newsletter of the IUCr Commission on Crystallographic Computing 2004, 3, 22-31.
;
? 
O ? ? 4.49882 3.47563 ? ? 15.80542 1.70748  ? ? 0.0 
;2-Gaussian fit: Grosse-Kunstleve RW, Sauter NK, Adams PD: Newsletter of the IUCr Commission on Crystallographic Computing 2004, 3, 22-31.
;
? 
S ? ? 9.55732 6.39887 ? ? 1.23737  29.19336 ? ? 0.0 
;2-Gaussian fit: Grosse-Kunstleve RW, Sauter NK, Adams PD: Newsletter of the IUCr Commission on Crystallographic Computing 2004, 3, 22-31.
;
? 
# 
loop_
_atom_site.group_PDB 
_atom_site.id 
_atom_site.type_symbol 
_atom_site.label_atom_id 
_atom_site.label_alt_id 
_atom_site.label_comp_id 
_atom_site.label_asym_id 
_atom_site.label_entity_id 
_atom_site.label_seq_id 
_atom_site.pdbx_PDB_ins_code 
_atom_site.Cartn_x 
_atom_site.Cartn_y 
_atom_site.Cartn_z 
_atom_site.occupancy 
_atom_site.B_iso_or_equiv 
_atom_site.pdbx_formal_charge 
_atom_site.auth_seq_id 
_atom_site.auth_comp_id 
_atom_site.auth_asym_id 
_atom_site.auth_atom_id 
_atom_site.pdbx_PDB_model_num 
ATOM   1    N N   . ASN A 1 1   ? 14.98418  13.28037  15.25567  1.000 44.88609 ? 157 ASN A N   1 
ATOM   2    C CA  . ASN A 1 1   ? 13.95084  12.93486  14.26835  1.000 41.27134 ? 157 ASN A CA  1 
ATOM   3    C C   . ASN A 1 1   ? 13.87762  11.42634  14.08656  1.000 39.58997 ? 157 ASN A C   1 
ATOM   4    O O   . ASN A 1 1   ? 14.88866  10.77864  13.86861  1.000 43.09612 ? 157 ASN A O   1 
ATOM   5    C CB  . ASN A 1 1   ? 14.23260  13.58347  12.91106  1.000 36.23420 ? 157 ASN A CB  1 
ATOM   6    C CG  . ASN A 1 1   ? 14.67167  15.01990  13.02703  1.000 41.14741 ? 157 ASN A CG  1 
ATOM   7    O OD1 . ASN A 1 1   ? 15.76589  15.38225  12.58454  1.000 41.39801 ? 157 ASN A OD1 1 
ATOM   8    N ND2 . ASN A 1 1   ? 13.82455  15.85431  13.61329  1.000 35.50068 ? 157 ASN A ND2 1 
ATOM   9    N N   . SER A 1 2   ? 12.67077  10.87519  14.15914  1.000 40.76671 ? 158 SER A N   1 
ATOM   10   C CA  . SER A 1 2   ? 12.47223  9.46266   13.91526  1.000 36.82985 ? 158 SER A CA  1 
ATOM   11   C C   . SER A 1 2   ? 12.88211  9.11392   12.48693  1.000 37.75731 ? 158 SER A C   1 
ATOM   12   O O   . SER A 1 2   ? 12.89632  9.97811   11.60706  1.000 32.70483 ? 158 SER A O   1 
ATOM   13   C CB  . SER A 1 2   ? 11.00946  9.09317   14.12499  1.000 38.26793 ? 158 SER A CB  1 
ATOM   14   O OG  . SER A 1 2   ? 10.25598  9.55426   13.00575  1.000 42.39627 ? 158 SER A OG  1 
ATOM   15   N N   . PRO A 1 3   ? 13.23560  7.84550   12.23943  1.000 43.73830 ? 159 PRO A N   1 
ATOM   16   C CA  . PRO A 1 3   ? 13.47763  7.41325   10.84513  1.000 39.05474 ? 159 PRO A CA  1 
ATOM   17   C C   . PRO A 1 3   ? 12.26732  7.61503   9.94312   1.000 40.69435 ? 159 PRO A C   1 
ATOM   18   O O   . PRO A 1 3   ? 12.42452  7.95761   8.76158   1.000 40.42039 ? 159 PRO A O   1 
ATOM   19   C CB  . PRO A 1 3   ? 13.82995  5.92348   10.99297  1.000 39.85054 ? 159 PRO A CB  1 
ATOM   20   C CG  . PRO A 1 3   ? 14.30508  5.77397   12.40395  1.000 39.96843 ? 159 PRO A CG  1 
ATOM   21   C CD  . PRO A 1 3   ? 13.50021  6.77291   13.21646  1.000 41.90280 ? 159 PRO A CD  1 
ATOM   22   N N   . HIS A 1 4   ? 11.05876  7.41200   10.47481  1.000 35.82566 ? 160 HIS A N   1 
ATOM   23   C CA  . HIS A 1 4   ? 9.85335   7.65971   9.69161   1.000 42.34028 ? 160 HIS A CA  1 
ATOM   24   C C   . HIS A 1 4   ? 9.75504   9.12410   9.26841   1.000 41.56310 ? 160 HIS A C   1 
ATOM   25   O O   . HIS A 1 4   ? 9.41448   9.42193   8.11539   1.000 40.56640 ? 160 HIS A O   1 
ATOM   26   C CB  . HIS A 1 4   ? 8.61832   7.23301   10.49065  1.000 38.90646 ? 160 HIS A CB  1 
ATOM   27   C CG  . HIS A 1 4   ? 7.32206   7.44766   9.77487   1.000 48.71129 ? 160 HIS A CG  1 
ATOM   28   N ND1 . HIS A 1 4   ? 6.43364   8.44564   10.12762  1.000 56.58049 ? 160 HIS A ND1 1 
ATOM   29   C CD2 . HIS A 1 4   ? 6.75266   6.78597   8.73679   1.000 44.19510 ? 160 HIS A CD2 1 
ATOM   30   C CE1 . HIS A 1 4   ? 5.38144   8.39626   9.33039   1.000 58.42828 ? 160 HIS A CE1 1 
ATOM   31   N NE2 . HIS A 1 4   ? 5.55233   7.40053   8.47429   1.000 50.55950 ? 160 HIS A NE2 1 
ATOM   32   N N   . SER A 1 5   ? 10.05362  10.05562  10.18323  1.000 41.73908 ? 161 SER A N   1 
ATOM   33   C CA  . SER A 1 5   ? 9.97227   11.47489  9.84118   1.000 39.43822 ? 161 SER A CA  1 
ATOM   34   C C   . SER A 1 5   ? 11.00008  11.83990  8.77930   1.000 35.16972 ? 161 SER A C   1 
ATOM   35   O O   . SER A 1 5   ? 10.69494  12.56637  7.82649   1.000 34.11534 ? 161 SER A O   1 
ATOM   36   C CB  . SER A 1 5   ? 10.16934  12.33961  11.08825  1.000 36.43043 ? 161 SER A CB  1 
ATOM   37   O OG  . SER A 1 5   ? 9.08747   12.19475  11.98925  1.000 45.01004 ? 161 SER A OG  1 
ATOM   38   N N   . ARG A 1 6   ? 12.22803  11.35990  8.93314   1.000 33.33862 ? 162 ARG A N   1 
ATOM   39   C CA  . ARG A 1 6   ? 13.22832  11.61051  7.90445   1.000 35.41398 ? 162 ARG A CA  1 
ATOM   40   C C   . ARG A 1 6   ? 12.76876  11.06139  6.55820   1.000 40.20809 ? 162 ARG A C   1 
ATOM   41   O O   . ARG A 1 6   ? 12.91631  11.72746  5.52535   1.000 41.91987 ? 162 ARG A O   1 
ATOM   42   C CB  . ARG A 1 6   ? 14.56596  10.99053  8.30574   1.000 42.93920 ? 162 ARG A CB  1 
ATOM   43   C CG  . ARG A 1 6   ? 15.16076  11.51182  9.60734   1.000 37.97413 ? 162 ARG A CG  1 
ATOM   44   C CD  . ARG A 1 6   ? 16.48485  10.84960  9.84929   1.000 39.28459 ? 162 ARG A CD  1 
ATOM   45   N NE  . ARG A 1 6   ? 17.39140  11.12812  8.74195   1.000 49.38028 ? 162 ARG A NE  1 
ATOM   46   C CZ  . ARG A 1 6   ? 18.27385  10.25770  8.26176   1.000 52.44226 ? 162 ARG A CZ  1 
ATOM   47   N NH1 . ARG A 1 6   ? 18.34882  9.04205   8.78557   1.000 47.67963 ? 162 ARG A NH1 1 
ATOM   48   N NH2 . ARG A 1 6   ? 19.06530  10.60211  7.25206   1.000 53.27342 ? 162 ARG A NH2 1 
ATOM   49   N N   . ALA A 1 7   ? 12.18157  9.85972   6.54785   1.000 37.24254 ? 163 ALA A N   1 
ATOM   50   C CA  . ALA A 1 7   ? 11.67570  9.30970   5.28700   1.000 39.23043 ? 163 ALA A CA  1 
ATOM   51   C C   . ALA A 1 7   ? 10.52752  10.14717  4.73597   1.000 39.22820 ? 163 ALA A C   1 
ATOM   52   O O   . ALA A 1 7   ? 10.43414  10.35244  3.52031   1.000 42.70555 ? 163 ALA A O   1 
ATOM   53   C CB  . ALA A 1 7   ? 11.24476  7.86317   5.47488   1.000 33.46687 ? 163 ALA A CB  1 
ATOM   54   N N   . MET A 1 8   ? 9.66525   10.67166  5.60674   1.000 37.14933 ? 164 MET A N   1 
ATOM   55   C CA  . MET A 1 8   ? 8.61451   11.57219  5.13567   1.000 43.47753 ? 164 MET A CA  1 
ATOM   56   C C   . MET A 1 8   ? 9.17953   12.83868  4.50577   1.000 46.30701 ? 164 MET A C   1 
ATOM   57   O O   . MET A 1 8   ? 8.58409   13.38361  3.56736   1.000 49.81069 ? 164 MET A O   1 
ATOM   58   C CB  . MET A 1 8   ? 7.67896   11.94662  6.28488   1.000 44.09261 ? 164 MET A CB  1 
ATOM   59   C CG  . MET A 1 8   ? 6.82245   10.78488  6.75607   1.000 51.96385 ? 164 MET A CG  1 
ATOM   60   S SD  . MET A 1 8   ? 5.15858   11.34063  7.11350   1.000 78.26150 ? 164 MET A SD  1 
ATOM   61   C CE  . MET A 1 8   ? 4.63707   11.83340  5.47125   1.000 59.36156 ? 164 MET A CE  1 
ATOM   62   N N   . TYR A 1 9   ? 10.31447  13.33087  5.00469   1.000 38.78635 ? 165 TYR A N   1 
ATOM   63   C CA  . TYR A 1 9   ? 10.88483  14.54159  4.42952   1.000 38.88091 ? 165 TYR A CA  1 
ATOM   64   C C   . TYR A 1 9   ? 11.54570  14.25128  3.08847   1.000 38.82106 ? 165 TYR A C   1 
ATOM   65   O O   . TYR A 1 9   ? 11.46914  15.06807  2.16755   1.000 41.50670 ? 165 TYR A O   1 
ATOM   66   C CB  . TYR A 1 9   ? 11.88840  15.17065  5.40836   1.000 34.24218 ? 165 TYR A CB  1 
ATOM   67   C CG  . TYR A 1 9   ? 12.49975  16.44063  4.89506   1.000 38.22199 ? 165 TYR A CG  1 
ATOM   68   C CD1 . TYR A 1 9   ? 11.80570  17.64305  4.99460   1.000 39.81188 ? 165 TYR A CD1 1 
ATOM   69   C CD2 . TYR A 1 9   ? 13.76583  16.45071  4.30574   1.000 41.31227 ? 165 TYR A CD2 1 
ATOM   70   C CE1 . TYR A 1 9   ? 12.33821  18.81984  4.51424   1.000 34.57758 ? 165 TYR A CE1 1 
ATOM   71   C CE2 . TYR A 1 9   ? 14.32384  17.64613  3.82524   1.000 42.01174 ? 165 TYR A CE2 1 
ATOM   72   C CZ  . TYR A 1 9   ? 13.59003  18.82520  3.93707   1.000 43.82834 ? 165 TYR A CZ  1 
ATOM   73   O OH  . TYR A 1 9   ? 14.09144  20.02624  3.46936   1.000 55.98410 ? 165 TYR A OH  1 
ATOM   74   N N   . VAL A 1 10  ? 12.21736  13.10202  2.97087   1.000 40.02442 ? 166 VAL A N   1 
ATOM   75   C CA  . VAL A 1 10  ? 12.93897  12.76382  1.74755   1.000 41.20167 ? 166 VAL A CA  1 
ATOM   76   C C   . VAL A 1 10  ? 11.99384  12.25208  0.65486   1.000 43.09661 ? 166 VAL A C   1 
ATOM   77   O O   . VAL A 1 10  ? 12.23032  12.49931  -0.53361  1.000 51.31869 ? 166 VAL A O   1 
ATOM   78   C CB  . VAL A 1 10  ? 14.05655  11.74466  2.05967   1.000 50.86671 ? 166 VAL A CB  1 
ATOM   79   C CG1 . VAL A 1 10  ? 14.57712  11.07196  0.78233   1.000 46.76450 ? 166 VAL A CG1 1 
ATOM   80   C CG2 . VAL A 1 10  ? 15.21942  12.41500  2.80378   1.000 35.94758 ? 166 VAL A CG2 1 
ATOM   81   N N   . TYR A 1 11  ? 10.91112  11.56497  1.02207   1.000 39.03196 ? 167 TYR A N   1 
ATOM   82   C CA  . TYR A 1 11  ? 9.95667   10.99558  0.06400   1.000 39.83145 ? 167 TYR A CA  1 
ATOM   83   C C   . TYR A 1 11  ? 8.53994   11.42617  0.42999   1.000 36.70479 ? 167 TYR A C   1 
ATOM   84   O O   . TYR A 1 11  ? 7.74996   10.61952  0.93089   1.000 37.64265 ? 167 TYR A O   1 
ATOM   85   C CB  . TYR A 1 11  ? 10.04518  9.46778   0.04288   1.000 35.73335 ? 167 TYR A CB  1 
ATOM   86   C CG  . TYR A 1 11  ? 11.42336  8.91097   -0.20420  1.000 44.01487 ? 167 TYR A CG  1 
ATOM   87   C CD1 . TYR A 1 11  ? 11.99040  8.95554   -1.47263  1.000 45.33647 ? 167 TYR A CD1 1 
ATOM   88   C CD2 . TYR A 1 11  ? 12.14264  8.29931   0.81407   1.000 43.66279 ? 167 TYR A CD2 1 
ATOM   89   C CE1 . TYR A 1 11  ? 13.24434  8.42992   -1.72028  1.000 47.23365 ? 167 TYR A CE1 1 
ATOM   90   C CE2 . TYR A 1 11  ? 13.39788  7.77361   0.57697   1.000 48.55824 ? 167 TYR A CE2 1 
ATOM   91   C CZ  . TYR A 1 11  ? 13.94454  7.84855   -0.69629  1.000 49.87181 ? 167 TYR A CZ  1 
ATOM   92   O OH  . TYR A 1 11  ? 15.18967  7.32622   -0.96084  1.000 61.17331 ? 167 TYR A OH  1 
ATOM   93   N N   . PRO A 1 12  ? 8.19926   12.69847  0.22126   1.000 42.43556 ? 168 PRO A N   1 
ATOM   94   C CA  . PRO A 1 12  ? 6.87865   13.19285  0.65592   1.000 43.02160 ? 168 PRO A CA  1 
ATOM   95   C C   . PRO A 1 12  ? 5.75912   12.52299  -0.11533  1.000 48.40077 ? 168 PRO A C   1 
ATOM   96   O O   . PRO A 1 12  ? 5.89518   12.23414  -1.31343  1.000 50.61116 ? 168 PRO A O   1 
ATOM   97   C CB  . PRO A 1 12  ? 6.94051   14.69498  0.35167   1.000 38.54097 ? 168 PRO A CB  1 
ATOM   98   C CG  . PRO A 1 12  ? 8.01084   14.82808  -0.68857  1.000 39.39324 ? 168 PRO A CG  1 
ATOM   99   C CD  . PRO A 1 12  ? 9.01209   13.75845  -0.39968  1.000 38.04947 ? 168 PRO A CD  1 
ATOM   100  N N   . PRO A 1 13  ? 4.63836   12.24002  0.54529   1.000 57.05982 ? 169 PRO A N   1 
ATOM   101  C CA  . PRO A 1 13  ? 3.50909   11.61786  -0.15319  1.000 49.16847 ? 169 PRO A CA  1 
ATOM   102  C C   . PRO A 1 13  ? 3.08726   12.44759  -1.35896  1.000 46.23148 ? 169 PRO A C   1 
ATOM   103  O O   . PRO A 1 13  ? 3.07716   13.67757  -1.31633  1.000 48.45925 ? 169 PRO A O   1 
ATOM   104  C CB  . PRO A 1 13  ? 2.41326   11.58036  0.91834   1.000 52.47157 ? 169 PRO A CB  1 
ATOM   105  C CG  . PRO A 1 13  ? 3.15640   11.59929  2.22932   1.000 51.36419 ? 169 PRO A CG  1 
ATOM   106  C CD  . PRO A 1 13  ? 4.35764   12.46533  1.97824   1.000 55.61622 ? 169 PRO A CD  1 
ATOM   107  N N   . ASN A 1 14  ? 2.74926   11.76624  -2.45120  1.000 54.23994 ? 170 ASN A N   1 
ATOM   108  C CA  . ASN A 1 14  ? 2.31479   12.43972  -3.67685  1.000 53.23001 ? 170 ASN A CA  1 
ATOM   109  C C   . ASN A 1 14  ? 0.80038   12.30356  -3.77624  1.000 46.94040 ? 170 ASN A C   1 
ATOM   110  O O   . ASN A 1 14  ? 0.28214   11.39476  -4.43075  1.000 53.59524 ? 170 ASN A O   1 
ATOM   111  C CB  . ASN A 1 14  ? 3.01428   11.85071  -4.89111  1.000 49.26750 ? 170 ASN A CB  1 
ATOM   112  C CG  . ASN A 1 14  ? 3.00436   12.79246  -6.06311  1.000 53.80295 ? 170 ASN A CG  1 
ATOM   113  O OD1 . ASN A 1 14  ? 1.99525   13.42158  -6.35152  1.000 60.14430 ? 170 ASN A OD1 1 
ATOM   114  N ND2 . ASN A 1 14  ? 4.13573   12.91924  -6.72808  1.000 60.28089 ? 170 ASN A ND2 1 
ATOM   115  N N   . VAL A 1 15  ? 0.08452   13.22048  -3.12558  1.000 42.03714 ? 171 VAL A N   1 
ATOM   116  C CA  . VAL A 1 15  ? -1.35799  13.09495  -2.93356  1.000 47.98911 ? 171 VAL A CA  1 
ATOM   117  C C   . VAL A 1 15  ? -2.08985  14.33017  -3.44748  1.000 55.89889 ? 171 VAL A C   1 
ATOM   118  O O   . VAL A 1 15  ? -1.52492  15.42788  -3.52668  1.000 50.96100 ? 171 VAL A O   1 
ATOM   119  C CB  . VAL A 1 15  ? -1.70393  12.85944  -1.45284  1.000 47.53071 ? 171 VAL A CB  1 
ATOM   120  C CG1 . VAL A 1 15  ? -1.12328  11.52845  -0.97992  1.000 49.17041 ? 171 VAL A CG1 1 
ATOM   121  C CG2 . VAL A 1 15  ? -1.18352  14.01606  -0.61387  1.000 49.68388 ? 171 VAL A CG2 1 
ATOM   122  N N   . GLU A 1 16  ? -3.36804  14.14133  -3.79259  1.000 50.78850 ? 172 GLU A N   1 
ATOM   123  C CA  . GLU A 1 16  ? -4.24763  15.21461  -4.23265  1.000 48.71691 ? 172 GLU A CA  1 
ATOM   124  C C   . GLU A 1 16  ? -4.78312  15.99686  -3.03979  1.000 53.26596 ? 172 GLU A C   1 
ATOM   125  O O   . GLU A 1 16  ? -4.69236  15.56629  -1.88627  1.000 55.35955 ? 172 GLU A O   1 
ATOM   126  C CB  . GLU A 1 16  ? -5.42472  14.66381  -5.04049  1.000 49.97902 ? 172 GLU A CB  1 
ATOM   127  C CG  . GLU A 1 16  ? -5.02617  13.76361  -6.19563  1.000 58.29088 ? 172 GLU A CG  1 
ATOM   128  C CD  . GLU A 1 16  ? -4.64096  14.52847  -7.45828  1.000 67.83848 ? 172 GLU A CD  1 
ATOM   129  O OE1 . GLU A 1 16  ? -4.70957  15.78889  -7.46621  1.000 64.13919 ? 172 GLU A OE1 1 
ATOM   130  O OE2 . GLU A 1 16  ? -4.28679  13.84614  -8.44895  1.000 67.89817 ? 172 GLU A OE2 1 
ATOM   131  N N   . SER A 1 17  ? -5.40091  17.14565  -3.33784  1.000 55.61476 ? 173 SER A N   1 
ATOM   132  C CA  . SER A 1 17  ? -5.75179  18.09318  -2.28460  1.000 51.03272 ? 173 SER A CA  1 
ATOM   133  C C   . SER A 1 17  ? -6.84589  17.55847  -1.35981  1.000 58.03998 ? 173 SER A C   1 
ATOM   134  O O   . SER A 1 17  ? -6.85341  17.88444  -0.16643  1.000 55.45926 ? 173 SER A O   1 
ATOM   135  C CB  . SER A 1 17  ? -6.17063  19.42420  -2.90873  1.000 58.26540 ? 173 SER A CB  1 
ATOM   136  N N   . SER A 1 18  ? -7.75691  16.72819  -1.86105  1.000 58.08644 ? 174 SER A N   1 
ATOM   137  C CA  . SER A 1 18  ? -8.84853  16.29001  -1.00726  1.000 52.09466 ? 174 SER A CA  1 
ATOM   138  C C   . SER A 1 18  ? -9.08255  14.78356  -1.10525  1.000 51.95618 ? 174 SER A C   1 
ATOM   139  O O   . SER A 1 18  ? -8.91261  14.19601  -2.17380  1.000 52.94014 ? 174 SER A O   1 
ATOM   140  C CB  . SER A 1 18  ? -10.14711 17.01666  -1.37421  1.000 56.15697 ? 174 SER A CB  1 
ATOM   141  O OG  . SER A 1 18  ? -11.24966 16.43718  -0.70427  1.000 57.93453 ? 174 SER A OG  1 
ATOM   142  N N   . PRO A 1 19  ? -9.50542  14.15242  -0.01053  1.000 50.94355 ? 175 PRO A N   1 
ATOM   143  C CA  . PRO A 1 19  ? -9.83952  12.71635  -0.07384  1.000 51.59522 ? 175 PRO A CA  1 
ATOM   144  C C   . PRO A 1 19  ? -11.13757 12.41767  -0.81065  1.000 53.91808 ? 175 PRO A C   1 
ATOM   145  O O   . PRO A 1 19  ? -11.44004 11.23963  -1.03398  1.000 55.66764 ? 175 PRO A O   1 
ATOM   146  C CB  . PRO A 1 19  ? -9.94767  12.31379  1.40413   1.000 43.92440 ? 175 PRO A CB  1 
ATOM   147  C CG  . PRO A 1 19  ? -10.35678 13.58790  2.09720   1.000 48.57282 ? 175 PRO A CG  1 
ATOM   148  C CD  . PRO A 1 19  ? -9.66938  14.70255  1.34589   1.000 46.92829 ? 175 PRO A CD  1 
ATOM   149  N N   . GLU A 1 20  ? -11.91630 13.42619  -1.17795  1.000 54.48893 ? 176 GLU A N   1 
ATOM   150  C CA  . GLU A 1 20  ? -13.13538 13.17639  -1.92941  1.000 55.76434 ? 176 GLU A CA  1 
ATOM   151  C C   . GLU A 1 20  ? -12.78893 12.74256  -3.34729  1.000 54.16290 ? 176 GLU A C   1 
ATOM   152  O O   . GLU A 1 20  ? -12.04975 13.42725  -4.06082  1.000 51.53670 ? 176 GLU A O   1 
ATOM   153  C CB  . GLU A 1 20  ? -14.01598 14.42215  -1.95157  1.000 56.73052 ? 176 GLU A CB  1 
ATOM   154  C CG  . GLU A 1 20  ? -15.41656 14.16342  -2.44870  1.000 67.11872 ? 176 GLU A CG  1 
ATOM   155  C CD  . GLU A 1 20  ? -16.35837 15.30913  -2.13408  1.000 82.92614 ? 176 GLU A CD  1 
ATOM   156  O OE1 . GLU A 1 20  ? -16.09099 16.44455  -2.58657  1.000 83.35439 ? 176 GLU A OE1 1 
ATOM   157  O OE2 . GLU A 1 20  ? -17.35571 15.07347  -1.41455  1.000 86.03248 ? 176 GLU A OE2 1 
ATOM   158  N N   . LEU A 1 21  ? -13.32977 11.60459  -3.75535  1.000 52.45202 ? 177 LEU A N   1 
ATOM   159  C CA  . LEU A 1 21  ? -13.01707 11.05448  -5.05768  1.000 49.48204 ? 177 LEU A CA  1 
ATOM   160  C C   . LEU A 1 21  ? -14.01838 11.56059  -6.08281  1.000 43.04679 ? 177 LEU A C   1 
ATOM   161  O O   . LEU A 1 21  ? -15.21804 11.30229  -5.93408  1.000 52.98881 ? 177 LEU A O   1 
ATOM   162  C CB  . LEU A 1 21  ? -13.04108 9.54221   -5.00281  1.000 46.59548 ? 177 LEU A CB  1 
ATOM   163  C CG  . LEU A 1 21  ? -12.26395 8.86015   -6.11677  1.000 39.95763 ? 177 LEU A CG  1 
ATOM   164  C CD1 . LEU A 1 21  ? -10.82694 9.29202   -6.08605  1.000 40.18064 ? 177 LEU A CD1 1 
ATOM   165  C CD2 . LEU A 1 21  ? -12.37560 7.35653   -5.97521  1.000 40.85738 ? 177 LEU A CD2 1 
ATOM   166  N N   . PRO A 1 22  ? -13.58319 12.26564  -7.12347  1.000 43.23545 ? 178 PRO A N   1 
ATOM   167  C CA  . PRO A 1 22  ? -14.51594 12.74101  -8.15578  1.000 52.33466 ? 178 PRO A CA  1 
ATOM   168  C C   . PRO A 1 22  ? -15.39298 11.62850  -8.72203  1.000 50.51012 ? 178 PRO A C   1 
ATOM   169  O O   . PRO A 1 22  ? -15.00685 10.45702  -8.76520  1.000 52.83113 ? 178 PRO A O   1 
ATOM   170  C CB  . PRO A 1 22  ? -13.58325 13.30695  -9.23343  1.000 49.31843 ? 178 PRO A CB  1 
ATOM   171  C CG  . PRO A 1 22  ? -12.36366 13.70847  -8.47381  1.000 48.67976 ? 178 PRO A CG  1 
ATOM   172  C CD  . PRO A 1 22  ? -12.19652 12.66282  -7.40844  1.000 51.12671 ? 178 PRO A CD  1 
ATOM   173  N N   . LYS A 1 23  ? -16.58779 12.01793  -9.16920  1.000 49.31057 ? 179 LYS A N   1 
ATOM   174  C CA  . LYS A 1 23  ? -17.55983 11.04659  -9.66130  1.000 44.86197 ? 179 LYS A CA  1 
ATOM   175  C C   . LYS A 1 23  ? -17.01322 10.25709  -10.83947 1.000 48.87599 ? 179 LYS A C   1 
ATOM   176  O O   . LYS A 1 23  ? -17.11751 9.02088   -10.88247 1.000 49.91295 ? 179 LYS A O   1 
ATOM   177  C CB  . LYS A 1 23  ? -18.85731 11.76227  -10.04990 1.000 56.22469 ? 179 LYS A CB  1 
ATOM   178  C CG  . LYS A 1 23  ? -19.81719 11.99535  -8.88991  1.000 58.12039 ? 179 LYS A CG  1 
ATOM   179  C CD  . LYS A 1 23  ? -20.31481 10.65889  -8.33759  1.000 64.64376 ? 179 LYS A CD  1 
ATOM   180  C CE  . LYS A 1 23  ? -21.18633 10.83462  -7.09008  1.000 67.85190 ? 179 LYS A CE  1 
ATOM   181  N NZ  . LYS A 1 23  ? -21.56521 9.49999   -6.52271  1.000 67.57071 ? 179 LYS A NZ  1 
ATOM   182  N N   . HIS A 1 24  ? -16.42328 10.94950  -11.81465 1.000 46.24516 ? 180 HIS A N   1 
ATOM   183  C CA  . HIS A 1 24  ? -15.98331 10.24455  -13.00811 1.000 46.29197 ? 180 HIS A CA  1 
ATOM   184  C C   . HIS A 1 24  ? -14.86560 9.25325   -12.70479 1.000 50.72234 ? 180 HIS A C   1 
ATOM   185  O O   . HIS A 1 24  ? -14.64291 8.32731   -13.49534 1.000 53.09996 ? 180 HIS A O   1 
ATOM   186  C CB  . HIS A 1 24  ? -15.54448 11.24331  -14.08366 1.000 50.15915 ? 180 HIS A CB  1 
ATOM   187  C CG  . HIS A 1 24  ? -14.36300 12.07216  -13.69062 1.000 53.21731 ? 180 HIS A CG  1 
ATOM   188  N ND1 . HIS A 1 24  ? -14.47038 13.18315  -12.88104 1.000 56.36299 ? 180 HIS A ND1 1 
ATOM   189  C CD2 . HIS A 1 24  ? -13.05049 11.95512  -13.99852 1.000 50.77007 ? 180 HIS A CD2 1 
ATOM   190  C CE1 . HIS A 1 24  ? -13.27350 13.71298  -12.70319 1.000 50.85417 ? 180 HIS A CE1 1 
ATOM   191  N NE2 . HIS A 1 24  ? -12.39458 12.98743  -13.37287 1.000 59.36555 ? 180 HIS A NE2 1 
ATOM   192  N N   . ILE A 1 25  ? -14.17197 9.41284   -11.58204 1.000 44.00453 ? 181 ILE A N   1 
ATOM   193  C CA  . ILE A 1 25  ? -13.20493 8.40947   -11.14897 1.000 43.39287 ? 181 ILE A CA  1 
ATOM   194  C C   . ILE A 1 25  ? -13.87133 7.34004   -10.30378 1.000 42.77697 ? 181 ILE A C   1 
ATOM   195  O O   . ILE A 1 25  ? -13.66286 6.14091   -10.50993 1.000 38.67732 ? 181 ILE A O   1 
ATOM   196  C CB  . ILE A 1 25  ? -12.05891 9.07661   -10.36604 1.000 41.12308 ? 181 ILE A CB  1 
ATOM   197  C CG1 . ILE A 1 25  ? -11.44541 10.20425  -11.18558 1.000 45.39119 ? 181 ILE A CG1 1 
ATOM   198  C CG2 . ILE A 1 25  ? -11.05080 8.02442   -9.96477  1.000 37.32225 ? 181 ILE A CG2 1 
ATOM   199  C CD1 . ILE A 1 25  ? -10.07923 10.63523  -10.69477 1.000 55.78539 ? 181 ILE A CD1 1 
ATOM   200  N N   . TYR A 1 26  ? -14.64827 7.77213   -9.31232  1.000 39.66513 ? 182 TYR A N   1 
ATOM   201  C CA  . TYR A 1 26  ? -15.33393 6.83535   -8.43668  1.000 37.91529 ? 182 TYR A CA  1 
ATOM   202  C C   . TYR A 1 26  ? -16.19944 5.87189   -9.23037  1.000 37.34466 ? 182 TYR A C   1 
ATOM   203  O O   . TYR A 1 26  ? -16.33791 4.70034   -8.85765  1.000 44.81548 ? 182 TYR A O   1 
ATOM   204  C CB  . TYR A 1 26  ? -16.19641 7.59824   -7.41631  1.000 42.85123 ? 182 TYR A CB  1 
ATOM   205  C CG  . TYR A 1 26  ? -17.04031 6.67178   -6.57485  1.000 41.72915 ? 182 TYR A CG  1 
ATOM   206  C CD1 . TYR A 1 26  ? -16.50640 6.05755   -5.44571  1.000 44.60142 ? 182 TYR A CD1 1 
ATOM   207  C CD2 . TYR A 1 26  ? -18.35415 6.37378   -6.92459  1.000 45.69979 ? 182 TYR A CD2 1 
ATOM   208  C CE1 . TYR A 1 26  ? -17.25203 5.19659   -4.67526  1.000 37.58495 ? 182 TYR A CE1 1 
ATOM   209  C CE2 . TYR A 1 26  ? -19.11889 5.50228   -6.15101  1.000 44.71580 ? 182 TYR A CE2 1 
ATOM   210  C CZ  . TYR A 1 26  ? -18.55873 4.92626   -5.02614  1.000 43.73559 ? 182 TYR A CZ  1 
ATOM   211  O OH  . TYR A 1 26  ? -19.29447 4.06806   -4.25214  1.000 43.72464 ? 182 TYR A OH  1 
ATOM   212  N N   . ASN A 1 27  ? -16.81137 6.34779   -10.31830 1.000 36.72943 ? 183 ASN A N   1 
ATOM   213  C CA  . ASN A 1 27  ? -17.75246 5.48868   -11.03465 1.000 43.56359 ? 183 ASN A CA  1 
ATOM   214  C C   . ASN A 1 27  ? -17.06271 4.41001   -11.84953 1.000 41.81214 ? 183 ASN A C   1 
ATOM   215  O O   . ASN A 1 27  ? -17.75131 3.50469   -12.32692 1.000 39.22538 ? 183 ASN A O   1 
ATOM   216  C CB  . ASN A 1 27  ? -18.67033 6.30217   -11.95518 1.000 37.71689 ? 183 ASN A CB  1 
ATOM   217  C CG  . ASN A 1 27  ? -19.69162 7.09833   -11.18314 1.000 37.83188 ? 183 ASN A CG  1 
ATOM   218  O OD1 . ASN A 1 27  ? -19.96144 6.80738   -10.01773 1.000 40.38293 ? 183 ASN A OD1 1 
ATOM   219  N ND2 . ASN A 1 27  ? -20.27255 8.10193   -11.82394 1.000 40.34498 ? 183 ASN A ND2 1 
ATOM   220  N N   . LYS A 1 28  ? -15.73847 4.46752   -12.01493 1.000 38.35802 ? 184 LYS A N   1 
ATOM   221  C CA  . LYS A 1 28  ? -15.05749 3.34292   -12.66096 1.000 40.36580 ? 184 LYS A CA  1 
ATOM   222  C C   . LYS A 1 28  ? -14.77719 2.20137   -11.69693 1.000 39.67860 ? 184 LYS A C   1 
ATOM   223  O O   . LYS A 1 28  ? -14.37019 1.12167   -12.13255 1.000 40.17198 ? 184 LYS A O   1 
ATOM   224  C CB  . LYS A 1 28  ? -13.74411 3.78478   -13.29255 1.000 41.31646 ? 184 LYS A CB  1 
ATOM   225  C CG  . LYS A 1 28  ? -13.80128 5.13383   -13.94582 1.000 43.66334 ? 184 LYS A CG  1 
ATOM   226  C CD  . LYS A 1 28  ? -13.04415 5.12059   -15.24647 1.000 44.26329 ? 184 LYS A CD  1 
ATOM   227  C CE  . LYS A 1 28  ? -12.91262 6.53871   -15.76850 1.000 54.21180 ? 184 LYS A CE  1 
ATOM   228  N NZ  . LYS A 1 28  ? -12.25156 6.56003   -17.09932 1.000 61.48204 ? 184 LYS A NZ  1 
ATOM   229  N N   . LEU A 1 29  ? -15.06336 2.37394   -10.43804 1.000 41.31298 ? 185 LEU A N   1 
ATOM   230  C CA  . LEU A 1 29  ? -14.78692 1.31920   -9.52146  1.000 43.29648 ? 185 LEU A CA  1 
ATOM   231  C C   . LEU A 1 29  ? -15.88926 0.29859   -9.41498  1.000 43.30190 ? 185 LEU A C   1 
ATOM   232  O O   . LEU A 1 29  ? -16.86645 0.39001   -10.06744 1.000 40.15560 ? 185 LEU A O   1 
ATOM   233  C CB  . LEU A 1 29  ? -14.36270 1.87387   -8.17091  1.000 36.28837 ? 185 LEU A CB  1 
ATOM   234  C CG  . LEU A 1 29  ? -13.21233 2.84979   -8.23248  1.000 38.46661 ? 185 LEU A CG  1 
ATOM   235  C CD1 . LEU A 1 29  ? -12.97473 3.57825   -6.95556  1.000 33.90231 ? 185 LEU A CD1 1 
ATOM   236  C CD2 . LEU A 1 29  ? -11.94483 2.26790   -8.74291  1.000 32.72138 ? 185 LEU A CD2 1 
ATOM   237  N N   . ASP A 1 30  ? -15.67939 -0.71676  -8.61415  1.000 44.52974 ? 186 ASP A N   1 
ATOM   238  C CA  . ASP A 1 30  ? -16.67771 -1.76891  -8.42443  1.000 43.53679 ? 186 ASP A CA  1 
ATOM   239  C C   . ASP A 1 30  ? -17.25277 -1.57780  -7.02592  1.000 47.43660 ? 186 ASP A C   1 
ATOM   240  O O   . ASP A 1 30  ? -16.64529 -2.00344  -6.03752  1.000 42.19638 ? 186 ASP A O   1 
ATOM   241  C CB  . ASP A 1 30  ? -16.04824 -3.15137  -8.60494  1.000 41.49176 ? 186 ASP A CB  1 
ATOM   242  C CG  . ASP A 1 30  ? -17.00547 -4.29290  -8.26962  1.000 54.54499 ? 186 ASP A CG  1 
ATOM   243  O OD1 . ASP A 1 30  ? -18.22609 -4.04437  -8.15435  1.000 54.51051 ? 186 ASP A OD1 1 
ATOM   244  O OD2 . ASP A 1 30  ? -16.53270 -5.44885  -8.12789  1.000 63.70891 ? 186 ASP A OD2 1 
ATOM   245  N N   . LYS A 1 31  ? -18.42201 -0.93281  -6.95211  1.000 52.16094 ? 187 LYS A N   1 
ATOM   246  C CA  . LYS A 1 31  ? -19.03575 -0.56827  -5.67732  1.000 45.89705 ? 187 LYS A CA  1 
ATOM   247  C C   . LYS A 1 31  ? -17.99175 0.02548   -4.73169  1.000 43.68375 ? 187 LYS A C   1 
ATOM   248  O O   . LYS A 1 31  ? -17.83257 -0.39574  -3.58339  1.000 45.47062 ? 187 LYS A O   1 
ATOM   249  C CB  . LYS A 1 31  ? -19.74227 -1.77280  -5.05253  1.000 46.12230 ? 187 LYS A CB  1 
ATOM   250  C CG  . LYS A 1 31  ? -20.89917 -2.30279  -5.89710  1.000 50.72383 ? 187 LYS A CG  1 
ATOM   251  C CD  . LYS A 1 31  ? -21.38914 -3.66054  -5.41025  1.000 54.35893 ? 187 LYS A CD  1 
ATOM   252  C CE  . LYS A 1 31  ? -22.84842 -3.90023  -5.80152  1.000 61.08945 ? 187 LYS A CE  1 
ATOM   253  N NZ  . LYS A 1 31  ? -23.11216 -3.80079  -7.29297  1.000 54.66194 ? 187 LYS A NZ  1 
ATOM   254  N N   . GLY A 1 32  ? -17.23954 0.99608   -5.25014  1.000 43.64013 ? 188 GLY A N   1 
ATOM   255  C CA  . GLY A 1 32  ? -16.22341 1.66821   -4.46406  1.000 35.55704 ? 188 GLY A CA  1 
ATOM   256  C C   . GLY A 1 32  ? -14.93572 0.89862   -4.24246  1.000 39.45956 ? 188 GLY A C   1 
ATOM   257  O O   . GLY A 1 32  ? -14.05207 1.38291   -3.52943  1.000 39.49820 ? 188 GLY A O   1 
ATOM   258  N N   . GLN A 1 33  ? -14.77668 -0.27587  -4.82934  1.000 40.91052 ? 189 GLN A N   1 
ATOM   259  C CA  . GLN A 1 33  ? -13.58945 -1.08126  -4.58248  1.000 44.11390 ? 189 GLN A CA  1 
ATOM   260  C C   . GLN A 1 33  ? -12.65708 -1.06271  -5.78436  1.000 40.23464 ? 189 GLN A C   1 
ATOM   261  O O   . GLN A 1 33  ? -13.10259 -1.15205  -6.93588  1.000 35.54723 ? 189 GLN A O   1 
ATOM   262  C CB  . GLN A 1 33  ? -13.97014 -2.51751  -4.22820  1.000 41.52840 ? 189 GLN A CB  1 
ATOM   263  C CG  . GLN A 1 33  ? -14.82845 -2.59603  -2.98605  1.000 39.31279 ? 189 GLN A CG  1 
ATOM   264  C CD  . GLN A 1 33  ? -14.83509 -3.96584  -2.36964  1.000 45.98917 ? 189 GLN A CD  1 
ATOM   265  O OE1 . GLN A 1 33  ? -15.40426 -4.90596  -2.92277  1.000 53.61487 ? 189 GLN A OE1 1 
ATOM   266  N NE2 . GLN A 1 33  ? -14.18428 -4.09957  -1.22548  1.000 47.89475 ? 189 GLN A NE2 1 
ATOM   267  N N   . ILE A 1 34  ? -11.37891 -0.97978  -5.50303  1.000 40.55886 ? 190 ILE A N   1 
ATOM   268  C CA  . ILE A 1 34  ? -10.32466 -0.98743  -6.48289  1.000 39.31637 ? 190 ILE A CA  1 
ATOM   269  C C   . ILE A 1 34  ? -9.52004  -2.28197  -6.47934  1.000 43.33601 ? 190 ILE A C   1 
ATOM   270  O O   . ILE A 1 34  ? -9.26379  -2.82196  -5.46679  1.000 35.12093 ? 190 ILE A O   1 
ATOM   271  C CB  . ILE A 1 34  ? -9.40806  0.22011   -6.27600  1.000 36.95387 ? 190 ILE A CB  1 
ATOM   272  C CG1 . ILE A 1 34  ? -8.31915  0.29423   -7.31521  1.000 36.31350 ? 190 ILE A CG1 1 
ATOM   273  C CG2 . ILE A 1 34  ? -8.79758  0.21898   -4.92790  1.000 40.02385 ? 190 ILE A CG2 1 
ATOM   274  C CD1 . ILE A 1 34  ? -7.32782  1.35802   -7.08180  1.000 45.14598 ? 190 ILE A CD1 1 
ATOM   275  N N   . ILE A 1 35  ? -9.17795  -2.79010  -7.64154  1.000 37.62869 ? 191 ILE A N   1 
ATOM   276  C CA  . ILE A 1 35  ? -8.35314  -3.98287  -7.76735  1.000 36.10719 ? 191 ILE A CA  1 
ATOM   277  C C   . ILE A 1 35  ? -6.90311  -3.53442  -7.90076  1.000 41.01445 ? 191 ILE A C   1 
ATOM   278  O O   . ILE A 1 35  ? -6.57701  -2.73786  -8.78678  1.000 35.42130 ? 191 ILE A O   1 
ATOM   279  C CB  . ILE A 1 35  ? -8.78138  -4.83084  -8.98013  1.000 34.76285 ? 191 ILE A CB  1 
ATOM   280  C CG1 . ILE A 1 35  ? -10.23301 -5.27889  -8.84368  1.000 35.63202 ? 191 ILE A CG1 1 
ATOM   281  C CG2 . ILE A 1 35  ? -7.85676  -6.05661  -9.13708  1.000 35.67800 ? 191 ILE A CG2 1 
ATOM   282  C CD1 . ILE A 1 35  ? -10.86894 -5.72814  -10.12770 1.000 32.52847 ? 191 ILE A CD1 1 
ATOM   283  N N   . VAL A 1 36  ? -6.03000  -4.03593  -7.02198  1.000 35.33845 ? 192 VAL A N   1 
ATOM   284  C CA  . VAL A 1 36  ? -4.60584  -3.70258  -7.05094  1.000 39.90940 ? 192 VAL A CA  1 
ATOM   285  C C   . VAL A 1 36  ? -3.77942  -4.97967  -6.91269  1.000 42.05622 ? 192 VAL A C   1 
ATOM   286  O O   . VAL A 1 36  ? -4.23839  -5.98074  -6.34871  1.000 44.91465 ? 192 VAL A O   1 
ATOM   287  C CB  . VAL A 1 36  ? -4.23025  -2.69254  -5.93293  1.000 37.16166 ? 192 VAL A CB  1 
ATOM   288  C CG1 . VAL A 1 36  ? -5.12711  -1.45128  -5.99199  1.000 41.41495 ? 192 VAL A CG1 1 
ATOM   289  C CG2 . VAL A 1 36  ? -4.37176  -3.32660  -4.57916  1.000 41.81641 ? 192 VAL A CG2 1 
ATOM   290  N N   . VAL A 1 37  ? -2.54321  -4.94567  -7.41378  1.000 40.92582 ? 193 VAL A N   1 
ATOM   291  C CA  . VAL A 1 37  ? -1.60213  -6.05559  -7.27751  1.000 42.07352 ? 193 VAL A CA  1 
ATOM   292  C C   . VAL A 1 37  ? -0.51568  -5.66919  -6.27669  1.000 46.27925 ? 193 VAL A C   1 
ATOM   293  O O   . VAL A 1 37  ? 0.14117   -4.63382  -6.43927  1.000 41.17251 ? 193 VAL A O   1 
ATOM   294  C CB  . VAL A 1 37  ? -0.97865  -6.44203  -8.63302  1.000 46.50726 ? 193 VAL A CB  1 
ATOM   295  C CG1 . VAL A 1 37  ? -0.00037  -7.58280  -8.45409  1.000 46.11943 ? 193 VAL A CG1 1 
ATOM   296  C CG2 . VAL A 1 37  ? -2.06420  -6.80990  -9.65219  1.000 37.95350 ? 193 VAL A CG2 1 
ATOM   297  N N   . ILE A 1 38  ? -0.31766  -6.50817  -5.25537  1.000 45.34586 ? 194 ILE A N   1 
ATOM   298  C CA  . ILE A 1 38  ? 0.71854   -6.31030  -4.24474  1.000 46.63691 ? 194 ILE A CA  1 
ATOM   299  C C   . ILE A 1 38  ? 1.81487   -7.35007  -4.45225  1.000 51.86894 ? 194 ILE A C   1 
ATOM   300  O O   . ILE A 1 38  ? 1.56000   -8.55493  -4.35664  1.000 49.28939 ? 194 ILE A O   1 
ATOM   301  C CB  . ILE A 1 38  ? 0.17185   -6.43150  -2.81374  1.000 55.06700 ? 194 ILE A CB  1 
ATOM   302  C CG1 . ILE A 1 38  ? -1.04329  -5.51960  -2.56030  1.000 51.13451 ? 194 ILE A CG1 1 
ATOM   303  C CG2 . ILE A 1 38  ? 1.31563   -6.18352  -1.81729  1.000 46.61237 ? 194 ILE A CG2 1 
ATOM   304  C CD1 . ILE A 1 38  ? -0.76039  -4.05139  -2.67005  1.000 39.10782 ? 194 ILE A CD1 1 
ATOM   305  N N   . TRP A 1 39  ? 3.04241   -6.89113  -4.66357  1.000 50.25072 ? 195 TRP A N   1 
ATOM   306  C CA  . TRP A 1 39  ? 4.19925   -7.77057  -4.76341  1.000 47.90253 ? 195 TRP A CA  1 
ATOM   307  C C   . TRP A 1 39  ? 4.90373   -7.92820  -3.41770  1.000 58.33386 ? 195 TRP A C   1 
ATOM   308  O O   . TRP A 1 39  ? 4.98251   -6.98678  -2.62397  1.000 51.74896 ? 195 TRP A O   1 
ATOM   309  C CB  . TRP A 1 39  ? 5.17713   -7.22779  -5.79847  1.000 45.01780 ? 195 TRP A CB  1 
ATOM   310  C CG  . TRP A 1 39  ? 4.59320   -7.21491  -7.18074  1.000 52.94991 ? 195 TRP A CG  1 
ATOM   311  C CD1 . TRP A 1 39  ? 3.89795   -6.19579  -7.76820  1.000 54.88010 ? 195 TRP A CD1 1 
ATOM   312  C CD2 . TRP A 1 39  ? 4.63928   -8.27648  -8.14664  1.000 57.32114 ? 195 TRP A CD2 1 
ATOM   313  N NE1 . TRP A 1 39  ? 3.51969   -6.55161  -9.04216  1.000 56.36341 ? 195 TRP A NE1 1 
ATOM   314  C CE2 . TRP A 1 39  ? 3.95781   -7.82613  -9.29682  1.000 57.66503 ? 195 TRP A CE2 1 
ATOM   315  C CE3 . TRP A 1 39  ? 5.18596   -9.56647  -8.14958  1.000 56.69306 ? 195 TRP A CE3 1 
ATOM   316  C CZ2 . TRP A 1 39  ? 3.81222   -8.61453  -10.43797 1.000 63.51825 ? 195 TRP A CZ2 1 
ATOM   317  C CZ3 . TRP A 1 39  ? 5.04512   -10.34507 -9.28622  1.000 59.99881 ? 195 TRP A CZ3 1 
ATOM   318  C CH2 . TRP A 1 39  ? 4.36551   -9.86629  -10.41545 1.000 56.67988 ? 195 TRP A CH2 1 
ATOM   319  N N   . VAL A 1 40  ? 5.40170   -9.13848  -3.15250  1.000 61.26394 ? 196 VAL A N   1 
ATOM   320  C CA  . VAL A 1 40  ? 6.27332   -9.39391  -2.01081  1.000 62.13309 ? 196 VAL A CA  1 
ATOM   321  C C   . VAL A 1 40  ? 7.50238   -10.14137 -2.51148  1.000 72.37364 ? 196 VAL A C   1 
ATOM   322  O O   . VAL A 1 40  ? 7.47948   -10.80303 -3.55185  1.000 71.56119 ? 196 VAL A O   1 
ATOM   323  C CB  . VAL A 1 40  ? 5.58715   -10.20185 -0.88480  1.000 59.17608 ? 196 VAL A CB  1 
ATOM   324  C CG1 . VAL A 1 40  ? 4.13436   -9.81034  -0.75610  1.000 64.63801 ? 196 VAL A CG1 1 
ATOM   325  C CG2 . VAL A 1 40  ? 5.71698   -11.68809 -1.13521  1.000 71.14288 ? 196 VAL A CG2 1 
ATOM   326  N N   . ILE A 1 41  ? 8.58772   -10.02112 -1.75918  1.000 76.94209 ? 197 ILE A N   1 
ATOM   327  C CA  . ILE A 1 41  ? 9.81561   -10.74959 -2.05007  1.000 72.30152 ? 197 ILE A CA  1 
ATOM   328  C C   . ILE A 1 41  ? 9.85557   -11.95691 -1.12142  1.000 78.75173 ? 197 ILE A C   1 
ATOM   329  O O   . ILE A 1 41  ? 9.97469   -11.80809 0.09864   1.000 73.79665 ? 197 ILE A O   1 
ATOM   330  C CB  . ILE A 1 41  ? 11.05881  -9.86592  -1.88979  1.000 63.91817 ? 197 ILE A CB  1 
ATOM   331  N N   . VAL A 1 42  ? 9.74925   -13.13495 -1.70976  1.000 80.76244 ? 198 VAL A N   1 
ATOM   332  C CA  . VAL A 1 42  ? 9.73182   -14.34673 -0.93692  1.000 80.70399 ? 198 VAL A CA  1 
ATOM   333  C C   . VAL A 1 42  ? 10.88341  -15.27872 -1.26658  1.000 85.60542 ? 198 VAL A C   1 
ATOM   334  O O   . VAL A 1 42  ? 11.81217  -15.40778 -0.47841  1.000 85.61453 ? 198 VAL A O   1 
ATOM   335  C CB  . VAL A 1 42  ? 8.41055   -15.08368 -1.13703  1.000 80.77311 ? 198 VAL A CB  1 
ATOM   336  N N   . ASP A 1 47  ? 12.85069  -14.13315 -4.40398  1.000 88.00304 ? 203 ASP A N   1 
ATOM   337  C CA  . ASP A 1 47  ? 11.72688  -14.51576 -5.25155  1.000 85.98841 ? 203 ASP A CA  1 
ATOM   338  C C   . ASP A 1 47  ? 10.60613  -13.53218 -5.04897  1.000 82.67325 ? 203 ASP A C   1 
ATOM   339  O O   . ASP A 1 47  ? 10.56094  -12.86161 -4.07521  1.000 82.80892 ? 203 ASP A O   1 
ATOM   340  C CB  . ASP A 1 47  ? 11.26100  -15.92005 -4.92728  1.000 84.15452 ? 203 ASP A CB  1 
ATOM   341  N N   . LYS A 1 48  ? 9.70857   -13.43535 -5.98863  1.000 77.04869 ? 204 LYS A N   1 
ATOM   342  C CA  . LYS A 1 48  ? 8.62064   -12.46803 -5.88227  1.000 76.37746 ? 204 LYS A CA  1 
ATOM   343  C C   . LYS A 1 48  ? 7.28469   -13.13461 -6.18531  1.000 71.36662 ? 204 LYS A C   1 
ATOM   344  O O   . LYS A 1 48  ? 7.08141   -13.64749 -7.29081  1.000 71.26658 ? 204 LYS A O   1 
ATOM   345  C CB  . LYS A 1 48  ? 8.84782   -11.28362 -6.82742  1.000 67.67484 ? 204 LYS A CB  1 
ATOM   346  N N   . GLN A 1 49  ? 6.37610   -13.11008 -5.20838  1.000 67.51188 ? 205 GLN A N   1 
ATOM   347  C CA  . GLN A 1 49  ? 4.99611   -13.54573 -5.37279  1.000 68.00393 ? 205 GLN A CA  1 
ATOM   348  C C   . GLN A 1 49  ? 4.08243   -12.33459 -5.54716  1.000 65.58281 ? 205 GLN A C   1 
ATOM   349  O O   . GLN A 1 49  ? 4.34179   -11.26097 -5.00059  1.000 61.29383 ? 205 GLN A O   1 
ATOM   350  C CB  . GLN A 1 49  ? 4.53543   -14.36126 -4.16370  1.000 66.22395 ? 205 GLN A CB  1 
ATOM   351  C CG  . GLN A 1 49  ? 5.54689   -15.37845 -3.67850  1.000 79.33938 ? 205 GLN A CG  1 
ATOM   352  C CD  . GLN A 1 49  ? 5.22060   -15.91952 -2.29098  1.000 90.24327 ? 205 GLN A CD  1 
ATOM   353  O OE1 . GLN A 1 49  ? 4.94606   -15.15710 -1.35545  1.000 83.33228 ? 205 GLN A OE1 1 
ATOM   354  N NE2 . GLN A 1 49  ? 5.25114   -17.24543 -2.15206  1.000 90.32255 ? 205 GLN A NE2 1 
ATOM   355  N N   . LYS A 1 50  ? 3.00356   -12.51379 -6.30613  1.000 60.25709 ? 206 LYS A N   1 
ATOM   356  C CA  . LYS A 1 50  ? 2.05175   -11.44195 -6.55019  1.000 59.48178 ? 206 LYS A CA  1 
ATOM   357  C C   . LYS A 1 50  ? 0.70301   -11.78317 -5.93059  1.000 63.51654 ? 206 LYS A C   1 
ATOM   358  O O   . LYS A 1 50  ? 0.28796   -12.94500 -5.88297  1.000 59.64621 ? 206 LYS A O   1 
ATOM   359  C CB  . LYS A 1 50  ? 1.89006   -11.15384 -8.05109  1.000 52.82102 ? 206 LYS A CB  1 
ATOM   360  C CG  . LYS A 1 50  ? 0.73051   -11.85683 -8.72942  1.000 51.04004 ? 206 LYS A CG  1 
ATOM   361  C CD  . LYS A 1 50  ? 0.51125   -11.34174 -10.15611 1.000 62.11900 ? 206 LYS A CD  1 
ATOM   362  N N   . TYR A 1 51  ? 0.02492   -10.75507 -5.44000  1.000 57.61412 ? 207 TYR A N   1 
ATOM   363  C CA  . TYR A 1 51  ? -1.28460  -10.91915 -4.82666  1.000 58.86883 ? 207 TYR A CA  1 
ATOM   364  C C   . TYR A 1 51  ? -2.21952  -9.87508  -5.40705  1.000 57.38357 ? 207 TYR A C   1 
ATOM   365  O O   . TYR A 1 51  ? -1.91140  -8.67931  -5.39195  1.000 59.07138 ? 207 TYR A O   1 
ATOM   366  C CB  . TYR A 1 51  ? -1.20566  -10.79113 -3.30580  1.000 59.00306 ? 207 TYR A CB  1 
ATOM   367  C CG  . TYR A 1 51  ? -0.39103  -11.89265 -2.68413  1.000 66.83417 ? 207 TYR A CG  1 
ATOM   368  C CD1 . TYR A 1 51  ? -0.91834  -13.17218 -2.53917  1.000 62.35100 ? 207 TYR A CD1 1 
ATOM   369  C CD2 . TYR A 1 51  ? 0.90684   -11.65996 -2.24631  1.000 67.29233 ? 207 TYR A CD2 1 
ATOM   370  C CE1 . TYR A 1 51  ? -0.17366  -14.19077 -1.97893  1.000 62.78185 ? 207 TYR A CE1 1 
ATOM   371  C CE2 . TYR A 1 51  ? 1.65796   -12.66721 -1.67758  1.000 68.67663 ? 207 TYR A CE2 1 
ATOM   372  C CZ  . TYR A 1 51  ? 1.11303   -13.93249 -1.54900  1.000 71.47934 ? 207 TYR A CZ  1 
ATOM   373  O OH  . TYR A 1 51  ? 1.86386   -14.94043 -0.99020  1.000 78.15629 ? 207 TYR A OH  1 
ATOM   374  N N   . THR A 1 52  ? -3.35077  -10.32613 -5.92316  1.000 47.64504 ? 208 THR A N   1 
ATOM   375  C CA  . THR A 1 52  ? -4.34812  -9.44423  -6.50228  1.000 52.12894 ? 208 THR A CA  1 
ATOM   376  C C   . THR A 1 52  ? -5.46730  -9.25272  -5.48329  1.000 52.58707 ? 208 THR A C   1 
ATOM   377  O O   . THR A 1 52  ? -6.06612  -10.22793 -5.01609  1.000 51.19854 ? 208 THR A O   1 
ATOM   378  C CB  . THR A 1 52  ? -4.85428  -10.01997 -7.82300  1.000 52.16727 ? 208 THR A CB  1 
ATOM   379  O OG1 . THR A 1 52  ? -3.71562  -10.30273 -8.65631  1.000 45.72118 ? 208 THR A OG1 1 
ATOM   380  C CG2 . THR A 1 52  ? -5.75333  -9.02362  -8.53530  1.000 41.18364 ? 208 THR A CG2 1 
ATOM   381  N N   . LEU A 1 53  ? -5.71017  -7.99964  -5.10650  1.000 44.00687 ? 209 LEU A N   1 
ATOM   382  C CA  . LEU A 1 53  ? -6.66677  -7.64789  -4.06464  1.000 50.08851 ? 209 LEU A CA  1 
ATOM   383  C C   . LEU A 1 53  ? -7.78574  -6.79135  -4.64348  1.000 42.03948 ? 209 LEU A C   1 
ATOM   384  O O   . LEU A 1 53  ? -7.56918  -6.01809  -5.58094  1.000 42.74416 ? 209 LEU A O   1 
ATOM   385  C CB  . LEU A 1 53  ? -5.98808  -6.85899  -2.91976  1.000 43.80690 ? 209 LEU A CB  1 
ATOM   386  C CG  . LEU A 1 53  ? -4.89784  -7.40798  -1.97948  1.000 51.14058 ? 209 LEU A CG  1 
ATOM   387  C CD1 . LEU A 1 53  ? -3.72220  -8.04556  -2.69534  1.000 54.36137 ? 209 LEU A CD1 1 
ATOM   388  C CD2 . LEU A 1 53  ? -4.38906  -6.28337  -1.09782  1.000 48.88364 ? 209 LEU A CD2 1 
ATOM   389  N N   . LYS A 1 54  ? -8.98091  -6.92242  -4.06349  1.000 45.02505 ? 210 LYS A N   1 
ATOM   390  C CA  . LYS A 1 54  ? -10.10211 -6.00218  -4.27074  1.000 36.16618 ? 210 LYS A CA  1 
ATOM   391  C C   . LYS A 1 54  ? -10.41755 -5.37320  -2.91768  1.000 40.95971 ? 210 LYS A C   1 
ATOM   392  O O   . LYS A 1 54  ? -10.82766 -6.07618  -1.98758  1.000 46.81996 ? 210 LYS A O   1 
ATOM   393  C CB  . LYS A 1 54  ? -11.32668 -6.72788  -4.83850  1.000 41.19799 ? 210 LYS A CB  1 
ATOM   394  C CG  . LYS A 1 54  ? -12.40869 -5.80654  -5.39312  1.000 36.60147 ? 210 LYS A CG  1 
ATOM   395  C CD  . LYS A 1 54  ? -13.40651 -6.55702  -6.26844  1.000 54.30458 ? 210 LYS A CD  1 
ATOM   396  C CE  . LYS A 1 54  ? -14.68758 -6.92668  -5.51816  1.000 53.90396 ? 210 LYS A CE  1 
ATOM   397  N NZ  . LYS A 1 54  ? -15.68932 -7.55358  -6.43522  1.000 54.41724 ? 210 LYS A NZ  1 
ATOM   398  N N   . ILE A 1 55  ? -10.20642 -4.06296  -2.78659  1.000 40.42649 ? 211 ILE A N   1 
ATOM   399  C CA  . ILE A 1 55  ? -10.36330 -3.38210  -1.50449  1.000 39.88129 ? 211 ILE A CA  1 
ATOM   400  C C   . ILE A 1 55  ? -11.04041 -2.03803  -1.69624  1.000 43.81901 ? 211 ILE A C   1 
ATOM   401  O O   . ILE A 1 55  ? -10.97164 -1.42522  -2.77421  1.000 35.95757 ? 211 ILE A O   1 
ATOM   402  C CB  . ILE A 1 55  ? -9.01953  -3.16486  -0.78032  1.000 45.69837 ? 211 ILE A CB  1 
ATOM   403  C CG1 . ILE A 1 55  ? -8.16837  -2.14505  -1.55321  1.000 44.08106 ? 211 ILE A CG1 1 
ATOM   404  C CG2 . ILE A 1 55  ? -8.29286  -4.49177  -0.57321  1.000 53.31754 ? 211 ILE A CG2 1 
ATOM   405  C CD1 . ILE A 1 55  ? -6.68334  -2.24110  -1.25916  1.000 48.17850 ? 211 ILE A CD1 1 
ATOM   406  N N   . ASN A 1 56  ? -11.68556 -1.57413  -0.62104  1.000 44.97756 ? 212 ASN A N   1 
ATOM   407  C CA  . ASN A 1 56  ? -12.25299 -0.23101  -0.56564  1.000 44.04913 ? 212 ASN A CA  1 
ATOM   408  C C   . ASN A 1 56  ? -11.21679 0.78765   -0.98267  1.000 39.00241 ? 212 ASN A C   1 
ATOM   409  O O   . ASN A 1 56  ? -10.07666 0.74882   -0.52180  1.000 41.19030 ? 212 ASN A O   1 
ATOM   410  C CB  . ASN A 1 56  ? -12.74180 0.09232   0.84737   1.000 42.40114 ? 212 ASN A CB  1 
ATOM   411  C CG  . ASN A 1 56  ? -13.95604 -0.70555  1.23188   1.000 46.32185 ? 212 ASN A CG  1 
ATOM   412  O OD1 . ASN A 1 56  ? -14.52265 -1.42257  0.40742   1.000 51.81802 ? 212 ASN A OD1 1 
ATOM   413  N ND2 . ASN A 1 56  ? -14.37484 -0.58673  2.48630   1.000 49.87261 ? 212 ASN A ND2 1 
ATOM   414  N N   . HIS A 1 57  ? -11.62220 1.71221   -1.85112  1.000 41.71879 ? 213 HIS A N   1 
ATOM   415  C CA  . HIS A 1 57  ? -10.67736 2.71247   -2.33297  1.000 40.90570 ? 213 HIS A CA  1 
ATOM   416  C C   . HIS A 1 57  ? -10.13965 3.60604   -1.21292  1.000 39.00922 ? 213 HIS A C   1 
ATOM   417  O O   . HIS A 1 57  ? -9.05798  4.18172   -1.36914  1.000 41.26520 ? 213 HIS A O   1 
ATOM   418  C CB  . HIS A 1 57  ? -11.33553 3.56165   -3.42606  1.000 40.81991 ? 213 HIS A CB  1 
ATOM   419  C CG  . HIS A 1 57  ? -12.26366 4.61253   -2.89549  1.000 43.20842 ? 213 HIS A CG  1 
ATOM   420  N ND1 . HIS A 1 57  ? -11.83827 5.88649   -2.57316  1.000 37.80502 ? 213 HIS A ND1 1 
ATOM   421  C CD2 . HIS A 1 57  ? -13.59184 4.57385   -2.62425  1.000 37.75845 ? 213 HIS A CD2 1 
ATOM   422  C CE1 . HIS A 1 57  ? -12.86976 6.58715   -2.12849  1.000 46.69162 ? 213 HIS A CE1 1 
ATOM   423  N NE2 . HIS A 1 57  ? -13.94118 5.81381   -2.14487  1.000 39.57368 ? 213 HIS A NE2 1 
ATOM   424  N N   . ASP A 1 58  ? -10.86021 3.75516   -0.09721  1.000 45.67193 ? 214 ASP A N   1 
ATOM   425  C CA  . ASP A 1 58  ? -10.42340 4.63463   0.98330   1.000 43.11778 ? 214 ASP A CA  1 
ATOM   426  C C   . ASP A 1 58  ? -9.76465  3.88048   2.13860   1.000 45.69793 ? 214 ASP A C   1 
ATOM   427  O O   . ASP A 1 58  ? -9.64229  4.42669   3.23916   1.000 49.43167 ? 214 ASP A O   1 
ATOM   428  C CB  . ASP A 1 58  ? -11.58618 5.49826   1.48346   1.000 42.92960 ? 214 ASP A CB  1 
ATOM   429  C CG  . ASP A 1 58  ? -12.75667 4.69328   1.98195   1.000 46.87547 ? 214 ASP A CG  1 
ATOM   430  O OD1 . ASP A 1 58  ? -12.68932 3.44765   2.01490   1.000 55.47488 ? 214 ASP A OD1 1 
ATOM   431  O OD2 . ASP A 1 58  ? -13.77064 5.32034   2.34294   1.000 63.01041 ? 214 ASP A OD2 1 
ATOM   432  N N   . CYS A 1 59  ? -9.31619  2.65019   1.90927   1.000 46.65418 ? 215 CYS A N   1 
ATOM   433  C CA  . CYS A 1 59  ? -8.38929  2.01024   2.83700   1.000 46.29474 ? 215 CYS A CA  1 
ATOM   434  C C   . CYS A 1 59  ? -7.10072  2.81798   2.95223   1.000 41.04374 ? 215 CYS A C   1 
ATOM   435  O O   . CYS A 1 59  ? -6.55407  3.26234   1.94371   1.000 42.60812 ? 215 CYS A O   1 
ATOM   436  C CB  . CYS A 1 59  ? -8.05775  0.59448   2.35529   1.000 44.15756 ? 215 CYS A CB  1 
ATOM   437  S SG  . CYS A 1 59  ? -9.35557  -0.63375  2.61102   1.000 64.23626 ? 215 CYS A SG  1 
ATOM   438  N N   . VAL A 1 60  ? -6.60373  3.00977   4.17670   1.000 34.87389 ? 216 VAL A N   1 
ATOM   439  C CA  . VAL A 1 60  ? -5.30121  3.65658   4.33528   1.000 35.56636 ? 216 VAL A CA  1 
ATOM   440  C C   . VAL A 1 60  ? -4.23642  2.58957   4.07921   1.000 42.24690 ? 216 VAL A C   1 
ATOM   441  O O   . VAL A 1 60  ? -4.56335  1.39195   4.06954   1.000 42.75975 ? 216 VAL A O   1 
ATOM   442  C CB  . VAL A 1 60  ? -5.15153  4.35053   5.71289   1.000 50.05112 ? 216 VAL A CB  1 
ATOM   443  C CG1 . VAL A 1 60  ? -6.21572  5.48142   5.89726   1.000 33.27293 ? 216 VAL A CG1 1 
ATOM   444  C CG2 . VAL A 1 60  ? -5.19909  3.35759   6.87043   1.000 40.66539 ? 216 VAL A CG2 1 
ATOM   445  N N   . PRO A 1 61  ? -2.97593  2.96524   3.81132   1.000 39.61129 ? 217 PRO A N   1 
ATOM   446  C CA  . PRO A 1 61  ? -1.95700  1.95090   3.44673   1.000 47.00542 ? 217 PRO A CA  1 
ATOM   447  C C   . PRO A 1 61  ? -1.83126  0.77326   4.40097   1.000 43.82448 ? 217 PRO A C   1 
ATOM   448  O O   . PRO A 1 61  ? -1.66793  -0.36302  3.94345   1.000 53.57007 ? 217 PRO A O   1 
ATOM   449  C CB  . PRO A 1 61  ? -0.66247  2.77317   3.40816   1.000 41.75508 ? 217 PRO A CB  1 
ATOM   450  C CG  . PRO A 1 61  ? -1.10708  4.11539   2.95819   1.000 44.51677 ? 217 PRO A CG  1 
ATOM   451  C CD  . PRO A 1 61  ? -2.50774  4.33276   3.52391   1.000 37.94596 ? 217 PRO A CD  1 
ATOM   452  N N   . GLU A 1 62  ? -1.90233  1.00611   5.70959   1.000 47.33005 ? 218 GLU A N   1 
ATOM   453  C CA  . GLU A 1 62  ? -1.77318  -0.08925  6.66284   1.000 43.31907 ? 218 GLU A CA  1 
ATOM   454  C C   . GLU A 1 62  ? -2.89370  -1.11514  6.51342   1.000 50.67499 ? 218 GLU A C   1 
ATOM   455  O O   . GLU A 1 62  ? -2.69680  -2.29021  6.84528   1.000 49.79581 ? 218 GLU A O   1 
ATOM   456  C CB  . GLU A 1 62  ? -1.74975  0.45827   8.08488   1.000 46.61416 ? 218 GLU A CB  1 
ATOM   457  C CG  . GLU A 1 62  ? -0.50219  0.12175   8.86635   1.000 50.47348 ? 218 GLU A CG  1 
ATOM   458  C CD  . GLU A 1 62  ? -0.64017  0.46118   10.34462  1.000 56.72732 ? 218 GLU A CD  1 
ATOM   459  N N   . GLN A 1 63  ? -4.07792  -0.70107  6.03842   1.000 46.61571 ? 219 GLN A N   1 
ATOM   460  C CA  . GLN A 1 63  ? -5.15055  -1.67219  5.83093   1.000 46.04728 ? 219 GLN A CA  1 
ATOM   461  C C   . GLN A 1 63  ? -4.96369  -2.45242  4.54075   1.000 45.32416 ? 219 GLN A C   1 
ATOM   462  O O   . GLN A 1 63  ? -5.41773  -3.59623  4.44527   1.000 53.27674 ? 219 GLN A O   1 
ATOM   463  C CB  . GLN A 1 63  ? -6.51722  -0.99595  5.79661   1.000 48.49038 ? 219 GLN A CB  1 
ATOM   464  C CG  . GLN A 1 63  ? -6.79868  -0.03782  6.94157   1.000 52.54058 ? 219 GLN A CG  1 
ATOM   465  C CD  . GLN A 1 63  ? -8.14876  0.64215   6.76770   1.000 57.09720 ? 219 GLN A CD  1 
ATOM   466  O OE1 . GLN A 1 63  ? -8.25696  1.67541   6.09895   1.000 51.93978 ? 219 GLN A OE1 1 
ATOM   467  N NE2 . GLN A 1 63  ? -9.19119  0.04561   7.34147   1.000 60.09598 ? 219 GLN A NE2 1 
ATOM   468  N N   . VAL A 1 64  ? -4.33352  -1.84947  3.53270   1.000 42.93870 ? 220 VAL A N   1 
ATOM   469  C CA  . VAL A 1 64  ? -3.97619  -2.60183  2.33927   1.000 46.36558 ? 220 VAL A CA  1 
ATOM   470  C C   . VAL A 1 64  ? -3.01095  -3.72125  2.70367   1.000 49.44191 ? 220 VAL A C   1 
ATOM   471  O O   . VAL A 1 64  ? -3.19822  -4.87984  2.31123   1.000 48.54497 ? 220 VAL A O   1 
ATOM   472  C CB  . VAL A 1 64  ? -3.38362  -1.66823  1.27242   1.000 46.70248 ? 220 VAL A CB  1 
ATOM   473  C CG1 . VAL A 1 64  ? -3.06057  -2.44806  0.03296   1.000 38.72336 ? 220 VAL A CG1 1 
ATOM   474  C CG2 . VAL A 1 64  ? -4.33979  -0.53273  0.96590   1.000 44.19502 ? 220 VAL A CG2 1 
ATOM   475  N N   . ILE A 1 65  ? -1.98217  -3.39672  3.49423   1.000 44.01321 ? 221 ILE A N   1 
ATOM   476  C CA  . ILE A 1 65  ? -1.01235  -4.40052  3.92553   1.000 40.98828 ? 221 ILE A CA  1 
ATOM   477  C C   . ILE A 1 65  ? -1.70278  -5.49760  4.71763   1.000 42.49643 ? 221 ILE A C   1 
ATOM   478  O O   . ILE A 1 65  ? -1.41714  -6.68769  4.54442   1.000 48.21002 ? 221 ILE A O   1 
ATOM   479  C CB  . ILE A 1 65  ? 0.11304   -3.73325  4.73830   1.000 49.82610 ? 221 ILE A CB  1 
ATOM   480  C CG1 . ILE A 1 65  ? 0.95331   -2.84278  3.82799   1.000 42.48504 ? 221 ILE A CG1 1 
ATOM   481  C CG2 . ILE A 1 65  ? 0.97939   -4.77392  5.44963   1.000 41.96961 ? 221 ILE A CG2 1 
ATOM   482  C CD1 . ILE A 1 65  ? 1.85212   -1.91226  4.56139   1.000 40.84471 ? 221 ILE A CD1 1 
ATOM   483  N N   . ALA A 1 66  ? -2.65139  -5.12507  5.56720   1.000 41.86728 ? 222 ALA A N   1 
ATOM   484  C CA  . ALA A 1 66  ? -3.39586  -6.13901  6.29506   1.000 43.96444 ? 222 ALA A CA  1 
ATOM   485  C C   . ALA A 1 66  ? -4.07116  -7.10375  5.33509   1.000 49.72545 ? 222 ALA A C   1 
ATOM   486  O O   . ALA A 1 66  ? -4.03696  -8.32180  5.54077   1.000 53.32398 ? 222 ALA A O   1 
ATOM   487  C CB  . ALA A 1 66  ? -4.41913  -5.48430  7.21712   1.000 39.22574 ? 222 ALA A CB  1 
ATOM   488  N N   . GLU A 1 67  ? -4.65602  -6.58148  4.25804   1.000 51.63896 ? 223 GLU A N   1 
ATOM   489  C CA  . GLU A 1 67  ? -5.37684  -7.44379  3.32516   1.000 49.45964 ? 223 GLU A CA  1 
ATOM   490  C C   . GLU A 1 67  ? -4.42724  -8.32039  2.51722   1.000 52.16712 ? 223 GLU A C   1 
ATOM   491  O O   . GLU A 1 67  ? -4.72831  -9.49336  2.26769   1.000 51.89122 ? 223 GLU A O   1 
ATOM   492  C CB  . GLU A 1 67  ? -6.26141  -6.60406  2.40300   1.000 52.89736 ? 223 GLU A CB  1 
ATOM   493  C CG  . GLU A 1 67  ? -7.68649  -6.44177  2.93015   1.000 67.98477 ? 223 GLU A CG  1 
ATOM   494  C CD  . GLU A 1 67  ? -8.38903  -7.78775  3.15626   1.000 76.55842 ? 223 GLU A CD  1 
ATOM   495  O OE1 . GLU A 1 67  ? -8.29603  -8.67572  2.27403   1.000 73.46031 ? 223 GLU A OE1 1 
ATOM   496  O OE2 . GLU A 1 67  ? -9.02610  -7.95644  4.22257   1.000 81.42728 ? 223 GLU A OE2 1 
ATOM   497  N N   . ALA A 1 68  ? -3.28164  -7.77979  2.09181   1.000 51.35704 ? 224 ALA A N   1 
ATOM   498  C CA  . ALA A 1 68  ? -2.29329  -8.63314  1.43531   1.000 52.03453 ? 224 ALA A CA  1 
ATOM   499  C C   . ALA A 1 68  ? -1.91218  -9.80213  2.33845   1.000 47.00771 ? 224 ALA A C   1 
ATOM   500  O O   . ALA A 1 68  ? -1.92697  -10.95900 1.91189   1.000 46.20268 ? 224 ALA A O   1 
ATOM   501  C CB  . ALA A 1 68  ? -1.05955  -7.81787  1.04436   1.000 44.22078 ? 224 ALA A CB  1 
ATOM   502  N N   . ILE A 1 69  ? -1.61153  -9.51395  3.60656   1.000 49.33327 ? 225 ILE A N   1 
ATOM   503  C CA  . ILE A 1 69  ? -1.25043  -10.55629 4.56418   1.000 48.33270 ? 225 ILE A CA  1 
ATOM   504  C C   . ILE A 1 69  ? -2.38844  -11.55369 4.72112   1.000 49.83311 ? 225 ILE A C   1 
ATOM   505  O O   . ILE A 1 69  ? -2.16207  -12.75977 4.83735   1.000 54.16797 ? 225 ILE A O   1 
ATOM   506  C CB  . ILE A 1 69  ? -0.85006  -9.91252  5.90833   1.000 51.18790 ? 225 ILE A CB  1 
ATOM   507  C CG1 . ILE A 1 69  ? 0.38176   -9.04725  5.69186   1.000 53.52750 ? 225 ILE A CG1 1 
ATOM   508  C CG2 . ILE A 1 69  ? -0.54314  -10.96039 6.97410   1.000 48.76365 ? 225 ILE A CG2 1 
ATOM   509  C CD1 . ILE A 1 69  ? 1.39329   -9.71844  4.73159   1.000 58.00984 ? 225 ILE A CD1 1 
ATOM   510  N N   . ARG A 1 70  ? -3.60486  -11.11457 4.64962   1.000 51.94014 ? 226 ARG A N   1 
ATOM   511  C CA  . ARG A 1 70  ? -4.69091  -12.01766 4.76850   1.000 53.35307 ? 226 ARG A CA  1 
ATOM   512  C C   . ARG A 1 70  ? -4.72798  -12.93873 3.57235   1.000 56.73387 ? 226 ARG A C   1 
ATOM   513  O O   . ARG A 1 70  ? -4.92903  -14.10004 3.70907   1.000 49.09670 ? 226 ARG A O   1 
ATOM   514  C CB  . ARG A 1 70  ? -5.95249  -11.22032 4.87831   1.000 60.53850 ? 226 ARG A CB  1 
ATOM   515  C CG  . ARG A 1 70  ? -7.13387  -11.90991 5.46646   1.000 65.93104 ? 226 ARG A CG  1 
ATOM   516  C CD  . ARG A 1 70  ? -8.00318  -10.87876 6.14621   1.000 74.90867 ? 226 ARG A CD  1 
ATOM   517  N NE  . ARG A 1 70  ? -7.25631  -10.11746 7.13091   1.000 72.08160 ? 226 ARG A NE  1 
ATOM   518  C CZ  . ARG A 1 70  ? -7.41857  -8.82647  7.34490   1.000 71.25118 ? 226 ARG A CZ  1 
ATOM   519  N NH1 . ARG A 1 70  ? -8.28841  -8.13449  6.64809   1.000 73.71164 ? 226 ARG A NH1 1 
ATOM   520  N NH2 . ARG A 1 70  ? -6.70051  -8.22222  8.24544   1.000 71.32170 ? 226 ARG A NH2 1 
ATOM   521  N N   . LYS A 1 71  ? -4.53477  -12.40564 2.38704   1.000 52.51372 ? 227 LYS A N   1 
ATOM   522  C CA  . LYS A 1 71  ? -4.51866  -13.23619 1.19075   1.000 57.41872 ? 227 LYS A CA  1 
ATOM   523  C C   . LYS A 1 71  ? -3.35614  -14.22296 1.22149   1.000 57.93575 ? 227 LYS A C   1 
ATOM   524  O O   . LYS A 1 71  ? -3.53579  -15.40760 0.92316   1.000 57.58400 ? 227 LYS A O   1 
ATOM   525  C CB  . LYS A 1 71  ? -4.45092  -12.34892 -0.05609  1.000 53.18738 ? 227 LYS A CB  1 
ATOM   526  C CG  . LYS A 1 71  ? -4.34764  -13.11882 -1.36736  1.000 59.44263 ? 227 LYS A CG  1 
ATOM   527  C CD  . LYS A 1 71  ? -5.40438  -12.64762 -2.35675  1.000 68.86213 ? 227 LYS A CD  1 
ATOM   528  C CE  . LYS A 1 71  ? -6.76619  -12.48025 -1.67603  1.000 67.35764 ? 227 LYS A CE  1 
ATOM   529  N NZ  . LYS A 1 71  ? -7.76176  -11.82763 -2.58051  1.000 60.99035 ? 227 LYS A NZ  1 
ATOM   530  N N   . LYS A 1 72  ? -2.16263  -13.75776 1.61289   1.000 58.84316 ? 228 LYS A N   1 
ATOM   531  C CA  . LYS A 1 72  ? -0.97499  -14.60930 1.57952   1.000 53.21229 ? 228 LYS A CA  1 
ATOM   532  C C   . LYS A 1 72  ? -1.09285  -15.79109 2.53663   1.000 52.41377 ? 228 LYS A C   1 
ATOM   533  O O   . LYS A 1 72  ? -0.68117  -16.90516 2.20386   1.000 55.74204 ? 228 LYS A O   1 
ATOM   534  C CB  . LYS A 1 72  ? 0.27113   -13.78547 1.90152   1.000 55.29756 ? 228 LYS A CB  1 
ATOM   535  C CG  . LYS A 1 72  ? 1.51769   -14.61827 2.15366   1.000 52.92932 ? 228 LYS A CG  1 
ATOM   536  C CD  . LYS A 1 72  ? 2.77785   -13.77791 2.00923   1.000 65.92368 ? 228 LYS A CD  1 
ATOM   537  C CE  . LYS A 1 72  ? 3.96571   -14.43211 2.70717   1.000 63.23411 ? 228 LYS A CE  1 
ATOM   538  N NZ  . LYS A 1 72  ? 3.72154   -14.50610 4.17721   1.000 55.30553 ? 228 LYS A NZ  1 
ATOM   539  N N   . THR A 1 73  ? -1.65579  -15.58059 3.72025   1.000 52.84391 ? 229 THR A N   1 
ATOM   540  C CA  . THR A 1 73  ? -1.71055  -16.65163 4.70545   1.000 57.08430 ? 229 THR A CA  1 
ATOM   541  C C   . THR A 1 73  ? -3.02248  -17.41173 4.70049   1.000 61.13549 ? 229 THR A C   1 
ATOM   542  O O   . THR A 1 73  ? -3.20375  -18.29546 5.54410   1.000 60.71750 ? 229 THR A O   1 
ATOM   543  C CB  . THR A 1 73  ? -1.49422  -16.12051 6.11962   1.000 53.81822 ? 229 THR A CB  1 
ATOM   544  O OG1 . THR A 1 73  ? -2.74205  -15.62359 6.59889   1.000 52.06909 ? 229 THR A OG1 1 
ATOM   545  C CG2 . THR A 1 73  ? -0.42490  -15.01899 6.14486   1.000 51.95531 ? 229 THR A CG2 1 
ATOM   546  N N   . ARG A 1 74  ? -3.95782  -17.08342 3.81861   1.000 64.37387 ? 230 ARG A N   1 
ATOM   547  C CA  . ARG A 1 74  ? -5.08933  -17.98154 3.66455   1.000 69.36737 ? 230 ARG A CA  1 
ATOM   548  C C   . ARG A 1 74  ? -4.58741  -19.30777 3.09812   1.000 68.39719 ? 230 ARG A C   1 
ATOM   549  O O   . ARG A 1 74  ? -3.58930  -19.36407 2.36564   1.000 68.04939 ? 230 ARG A O   1 
ATOM   550  C CB  . ARG A 1 74  ? -6.16790  -17.36814 2.77396   1.000 68.71599 ? 230 ARG A CB  1 
ATOM   551  C CG  . ARG A 1 74  ? -6.14067  -17.86209 1.34999   1.000 69.40758 ? 230 ARG A CG  1 
ATOM   552  C CD  . ARG A 1 74  ? -7.10720  -17.08669 0.49022   1.000 72.46651 ? 230 ARG A CD  1 
ATOM   553  N NE  . ARG A 1 74  ? -7.22717  -17.67336 -0.83902  1.000 82.22656 ? 230 ARG A NE  1 
ATOM   554  C CZ  . ARG A 1 74  ? -8.03847  -18.68346 -1.13559  1.000 85.26480 ? 230 ARG A CZ  1 
ATOM   555  N NH1 . ARG A 1 74  ? -8.80377  -19.22017 -0.19159  1.000 87.55712 ? 230 ARG A NH1 1 
ATOM   556  N NH2 . ARG A 1 74  ? -8.08724  -19.15707 -2.37364  1.000 86.85170 ? 230 ARG A NH2 1 
ATOM   557  N N   . SER A 1 75  ? -5.25792  -20.38535 3.49285   1.000 67.14355 ? 231 SER A N   1 
ATOM   558  C CA  . SER A 1 75  ? -4.80381  -21.75148 3.25720   1.000 68.70034 ? 231 SER A CA  1 
ATOM   559  C C   . SER A 1 75  ? -3.52969  -22.08914 4.03311   1.000 68.01967 ? 231 SER A C   1 
ATOM   560  O O   . SER A 1 75  ? -2.79979  -23.00251 3.64757   1.000 79.19217 ? 231 SER A O   1 
ATOM   561  C CB  . SER A 1 75  ? -4.60565  -22.02986 1.75674   1.000 60.30475 ? 231 SER A CB  1 
ATOM   562  N N   . MET A 1 76  ? -3.23421  -21.37909 5.12351   1.000 59.20070 ? 232 MET A N   1 
ATOM   563  C CA  . MET A 1 76  ? -2.12537  -21.72736 6.00813   1.000 61.93036 ? 232 MET A CA  1 
ATOM   564  C C   . MET A 1 76  ? -2.60039  -22.16498 7.39119   1.000 64.60476 ? 232 MET A C   1 
ATOM   565  O O   . MET A 1 76  ? -1.77064  -22.36900 8.28602   1.000 61.58912 ? 232 MET A O   1 
ATOM   566  C CB  . MET A 1 76  ? -1.14503  -20.55906 6.15254   1.000 61.49352 ? 232 MET A CB  1 
ATOM   567  C CG  . MET A 1 76  ? -0.15999  -20.36134 5.00181   1.000 65.35945 ? 232 MET A CG  1 
ATOM   568  S SD  . MET A 1 76  ? 1.02644   -19.05878 5.45422   1.000 58.03106 ? 232 MET A SD  1 
ATOM   569  C CE  . MET A 1 76  ? 1.93990   -18.81651 3.93807   1.000 52.53251 ? 232 MET A CE  1 
ATOM   570  N N   . LEU A 1 77  ? -3.91454  -22.29317 7.59013   1.000 61.17237 ? 233 LEU A N   1 
ATOM   571  C CA  . LEU A 1 77  ? -4.53852  -22.94927 8.73908   1.000 66.03088 ? 233 LEU A CA  1 
ATOM   572  C C   . LEU A 1 77  ? -4.33057  -22.19001 10.04237  1.000 66.43090 ? 233 LEU A C   1 
ATOM   573  O O   . LEU A 1 77  ? -4.59958  -22.73510 11.12687  1.000 68.23929 ? 233 LEU A O   1 
ATOM   574  C CB  . LEU A 1 77  ? -4.04999  -24.39814 8.91597   1.000 63.55712 ? 233 LEU A CB  1 
ATOM   575  C CG  . LEU A 1 77  ? -4.25144  -25.48245 7.84881   1.000 69.96516 ? 233 LEU A CG  1 
ATOM   576  C CD1 . LEU A 1 77  ? -3.47930  -25.21603 6.55262   1.000 67.37172 ? 233 LEU A CD1 1 
ATOM   577  C CD2 . LEU A 1 77  ? -3.83690  -26.83676 8.41129   1.000 62.81377 ? 233 LEU A CD2 1 
ATOM   578  N N   . LEU A 1 78  ? -3.86159  -20.95157 9.98103   1.000 64.33498 ? 234 LEU A N   1 
ATOM   579  C CA  . LEU A 1 78  ? -3.75143  -20.15721 11.19076  1.000 65.75654 ? 234 LEU A CA  1 
ATOM   580  C C   . LEU A 1 78  ? -5.12612  -19.96647 11.81108  1.000 67.46275 ? 234 LEU A C   1 
ATOM   581  O O   . LEU A 1 78  ? -6.11869  -19.76560 11.11134  1.000 68.05464 ? 234 LEU A O   1 
ATOM   582  C CB  . LEU A 1 78  ? -3.13383  -18.79429 10.88548  1.000 63.10754 ? 234 LEU A CB  1 
ATOM   583  C CG  . LEU A 1 78  ? -1.75570  -18.78973 10.23967  1.000 60.61495 ? 234 LEU A CG  1 
ATOM   584  C CD1 . LEU A 1 78  ? -1.48357  -17.37646 9.75166   1.000 61.64466 ? 234 LEU A CD1 1 
ATOM   585  C CD2 . LEU A 1 78  ? -0.71066  -19.24325 11.24884  1.000 54.63498 ? 234 LEU A CD2 1 
ATOM   586  N N   . SER A 1 79  ? -5.17400  -20.02222 13.13718  1.000 62.42787 ? 235 SER A N   1 
ATOM   587  C CA  . SER A 1 79  ? -6.38489  -19.67614 13.85193  1.000 58.85626 ? 235 SER A CA  1 
ATOM   588  C C   . SER A 1 79  ? -6.78458  -18.23272 13.54586  1.000 70.06244 ? 235 SER A C   1 
ATOM   589  O O   . SER A 1 79  ? -6.02363  -17.45085 12.96521  1.000 67.36668 ? 235 SER A O   1 
ATOM   590  C CB  . SER A 1 79  ? -6.17666  -19.83922 15.35653  1.000 61.71389 ? 235 SER A CB  1 
ATOM   591  O OG  . SER A 1 79  ? -5.47679  -18.71363 15.88879  1.000 62.75220 ? 235 SER A OG  1 
ATOM   592  N N   . SER A 1 80  ? -8.00040  -17.87566 13.97344  1.000 78.45356 ? 236 SER A N   1 
ATOM   593  C CA  . SER A 1 80  ? -8.45886  -16.49708 13.83532  1.000 65.44428 ? 236 SER A CA  1 
ATOM   594  C C   . SER A 1 80  ? -7.55550  -15.54472 14.60113  1.000 64.23163 ? 236 SER A C   1 
ATOM   595  O O   . SER A 1 80  ? -7.19579  -14.47836 14.09132  1.000 70.49508 ? 236 SER A O   1 
ATOM   596  C CB  . SER A 1 80  ? -9.90867  -16.36622 14.31541  1.000 64.53160 ? 236 SER A CB  1 
ATOM   597  N N   . GLU A 1 81  ? -7.16231  -15.91266 15.81924  1.000 59.71954 ? 237 GLU A N   1 
ATOM   598  C CA  . GLU A 1 81  ? -6.35894  -14.99533 16.62163  1.000 68.07667 ? 237 GLU A CA  1 
ATOM   599  C C   . GLU A 1 81  ? -4.92214  -14.90767 16.11684  1.000 64.47792 ? 237 GLU A C   1 
ATOM   600  O O   . GLU A 1 81  ? -4.24786  -13.88947 16.33158  1.000 61.16263 ? 237 GLU A O   1 
ATOM   601  C CB  . GLU A 1 81  ? -6.38633  -15.41728 18.09016  1.000 68.04911 ? 237 GLU A CB  1 
ATOM   602  N N   . GLN A 1 82  ? -4.43385  -15.94673 15.43959  1.000 59.17603 ? 238 GLN A N   1 
ATOM   603  C CA  . GLN A 1 82  ? -3.06057  -15.89348 14.94585  1.000 60.99194 ? 238 GLN A CA  1 
ATOM   604  C C   . GLN A 1 82  ? -2.94713  -14.97831 13.73853  1.000 59.81596 ? 238 GLN A C   1 
ATOM   605  O O   . GLN A 1 82  ? -1.98536  -14.20688 13.62509  1.000 59.57978 ? 238 GLN A O   1 
ATOM   606  C CB  . GLN A 1 82  ? -2.56107  -17.29328 14.60907  1.000 57.04846 ? 238 GLN A CB  1 
ATOM   607  C CG  . GLN A 1 82  ? -2.22200  -18.09895 15.83641  1.000 50.56734 ? 238 GLN A CG  1 
ATOM   608  C CD  . GLN A 1 82  ? -2.12448  -19.55816 15.53720  1.000 51.22321 ? 238 GLN A CD  1 
ATOM   609  O OE1 . GLN A 1 82  ? -2.91592  -20.09298 14.75649  1.000 54.09676 ? 238 GLN A OE1 1 
ATOM   610  N NE2 . GLN A 1 82  ? -1.14318  -20.22389 16.14287  1.000 44.40597 ? 238 GLN A NE2 1 
ATOM   611  N N   . LEU A 1 83  ? -3.92904  -15.03576 12.83684  1.000 60.68930 ? 239 LEU A N   1 
ATOM   612  C CA  . LEU A 1 83  ? -3.93866  -14.11878 11.70697  1.000 58.36981 ? 239 LEU A CA  1 
ATOM   613  C C   . LEU A 1 83  ? -3.86110  -12.67422 12.17198  1.000 60.00156 ? 239 LEU A C   1 
ATOM   614  O O   . LEU A 1 83  ? -3.14689  -11.86243 11.57069  1.000 58.82085 ? 239 LEU A O   1 
ATOM   615  C CB  . LEU A 1 83  ? -5.18335  -14.33055 10.85233  1.000 59.27690 ? 239 LEU A CB  1 
ATOM   616  C CG  . LEU A 1 83  ? -5.16336  -13.37331 9.65336   1.000 66.54815 ? 239 LEU A CG  1 
ATOM   617  C CD1 . LEU A 1 83  ? -4.01020  -13.73502 8.71707   1.000 63.03646 ? 239 LEU A CD1 1 
ATOM   618  C CD2 . LEU A 1 83  ? -6.49089  -13.33236 8.91474   1.000 59.42669 ? 239 LEU A CD2 1 
ATOM   619  N N   . LYS A 1 84  ? -4.58268  -12.33403 13.24659  1.000 59.18630 ? 240 LYS A N   1 
ATOM   620  C CA  . LYS A 1 84  ? -4.53511  -10.96650 13.75506  1.000 61.96164 ? 240 LYS A CA  1 
ATOM   621  C C   . LYS A 1 84  ? -3.14860  -10.63087 14.27881  1.000 60.01687 ? 240 LYS A C   1 
ATOM   622  O O   . LYS A 1 84  ? -2.67251  -9.50238  14.10871  1.000 64.32489 ? 240 LYS A O   1 
ATOM   623  C CB  . LYS A 1 84  ? -5.58325  -10.76268 14.85261  1.000 68.57616 ? 240 LYS A CB  1 
ATOM   624  C CG  . LYS A 1 84  ? -6.99767  -11.20331 14.48084  1.000 70.63748 ? 240 LYS A CG  1 
ATOM   625  C CD  . LYS A 1 84  ? -8.02822  -10.69621 15.49968  1.000 73.43092 ? 240 LYS A CD  1 
ATOM   626  N N   . LEU A 1 85  ? -2.48396  -11.59570 14.91995  1.000 58.17706 ? 241 LEU A N   1 
ATOM   627  C CA  . LEU A 1 85  ? -1.11019  -11.37400 15.35848  1.000 56.44696 ? 241 LEU A CA  1 
ATOM   628  C C   . LEU A 1 85  ? -0.20008  -11.11348 14.16601  1.000 53.49925 ? 241 LEU A C   1 
ATOM   629  O O   . LEU A 1 85  ? 0.57818   -10.15448 14.16274  1.000 61.23450 ? 241 LEU A O   1 
ATOM   630  C CB  . LEU A 1 85  ? -0.61401  -12.57341 16.17120  1.000 60.88901 ? 241 LEU A CB  1 
ATOM   631  C CG  . LEU A 1 85  ? -1.22906  -12.76789 17.56188  1.000 62.97855 ? 241 LEU A CG  1 
ATOM   632  C CD1 . LEU A 1 85  ? -1.19690  -14.23005 18.00576  1.000 59.49243 ? 241 LEU A CD1 1 
ATOM   633  C CD2 . LEU A 1 85  ? -0.53658  -11.87631 18.59033  1.000 62.84466 ? 241 LEU A CD2 1 
ATOM   634  N N   . CYS A 1 86  ? -0.30584  -11.94922 13.12886  1.000 53.28034 ? 242 CYS A N   1 
ATOM   635  C CA  . CYS A 1 86  ? 0.50027   -11.75301 11.92736  1.000 50.26701 ? 242 CYS A CA  1 
ATOM   636  C C   . CYS A 1 86  ? 0.27733   -10.37664 11.33492  1.000 51.69458 ? 242 CYS A C   1 
ATOM   637  O O   . CYS A 1 86  ? 1.23262   -9.68189  10.97181  1.000 52.79628 ? 242 CYS A O   1 
ATOM   638  C CB  . CYS A 1 86  ? 0.16269   -12.81433 10.88597  1.000 52.61081 ? 242 CYS A CB  1 
ATOM   639  S SG  . CYS A 1 86  ? 1.06785   -14.32258 11.05106  1.000 69.73022 ? 242 CYS A SG  1 
ATOM   640  N N   . VAL A 1 87  ? -0.95689  -9.97285  11.25139  1.000 48.64647 ? 243 VAL A N   1 
ATOM   641  C CA  . VAL A 1 87  ? -1.27093  -8.70640  10.69877  1.000 53.30269 ? 243 VAL A CA  1 
ATOM   642  C C   . VAL A 1 87  ? -0.61499  -7.57795  11.43020  1.000 51.93438 ? 243 VAL A C   1 
ATOM   643  O O   . VAL A 1 87  ? -0.00572  -6.75603  10.83206  1.000 55.57488 ? 243 VAL A O   1 
ATOM   644  C CB  . VAL A 1 87  ? -2.77143  -8.49998  10.63386  1.000 54.42067 ? 243 VAL A CB  1 
ATOM   645  C CG1 . VAL A 1 87  ? -3.09948  -7.05643  10.40627  1.000 48.30037 ? 243 VAL A CG1 1 
ATOM   646  C CG2 . VAL A 1 87  ? -3.34535  -9.32143  9.53004   1.000 49.63064 ? 243 VAL A CG2 1 
ATOM   647  N N   . LEU A 1 88  ? -0.71483  -7.55194  12.73473  1.000 55.79841 ? 244 LEU A N   1 
ATOM   648  C CA  . LEU A 1 88  ? -0.08951  -6.47378  13.50385  1.000 55.08750 ? 244 LEU A CA  1 
ATOM   649  C C   . LEU A 1 88  ? 1.41385   -6.42360  13.26828  1.000 59.24686 ? 244 LEU A C   1 
ATOM   650  O O   . LEU A 1 88  ? 1.99715   -5.33759  13.14378  1.000 60.63613 ? 244 LEU A O   1 
ATOM   651  C CB  . LEU A 1 88  ? -0.38201  -6.62933  14.99645  1.000 55.55986 ? 244 LEU A CB  1 
ATOM   652  C CG  . LEU A 1 88  ? -1.85180  -6.73020  15.42776  1.000 66.64572 ? 244 LEU A CG  1 
ATOM   653  C CD1 . LEU A 1 88  ? -1.95741  -6.62499  16.92984  1.000 64.40753 ? 244 LEU A CD1 1 
ATOM   654  C CD2 . LEU A 1 88  ? -2.74016  -5.67979  14.75875  1.000 65.53702 ? 244 LEU A CD2 1 
ATOM   655  N N   . GLU A 1 89  ? 2.05800   -7.58893  13.17310  1.000 57.96154 ? 245 GLU A N   1 
ATOM   656  C CA  . GLU A 1 89  ? 3.50872   -7.61555  13.01894  1.000 51.27153 ? 245 GLU A CA  1 
ATOM   657  C C   . GLU A 1 89  ? 3.92670   -7.18798  11.61894  1.000 57.36449 ? 245 GLU A C   1 
ATOM   658  O O   . GLU A 1 89  ? 4.86824   -6.40458  11.45387  1.000 56.20066 ? 245 GLU A O   1 
ATOM   659  C CB  . GLU A 1 89  ? 4.03369   -9.01073  13.34077  1.000 58.41680 ? 245 GLU A CB  1 
ATOM   660  C CG  . GLU A 1 89  ? 3.65335   -9.48475  14.73642  1.000 64.80980 ? 245 GLU A CG  1 
ATOM   661  C CD  . GLU A 1 89  ? 4.45548   -10.69746 15.17410  1.000 77.40546 ? 245 GLU A CD  1 
ATOM   662  O OE1 . GLU A 1 89  ? 5.09861   -11.33118 14.29988  1.000 74.60667 ? 245 GLU A OE1 1 
ATOM   663  O OE2 . GLU A 1 89  ? 4.44645   -11.00580 16.38923  1.000 74.21150 ? 245 GLU A OE2 1 
ATOM   664  N N   . TYR A 1 90  ? 3.25156   -7.70832  10.59283  1.000 59.02838 ? 246 TYR A N   1 
ATOM   665  C CA  . TYR A 1 90  ? 3.57653   -7.30665  9.22797   1.000 57.63163 ? 246 TYR A CA  1 
ATOM   666  C C   . TYR A 1 90  ? 3.34101   -5.81260  9.02815   1.000 55.78478 ? 246 TYR A C   1 
ATOM   667  O O   . TYR A 1 90  ? 4.13908   -5.14039  8.36764   1.000 61.77298 ? 246 TYR A O   1 
ATOM   668  C CB  . TYR A 1 90  ? 2.74415   -8.11409  8.22718   1.000 61.07793 ? 246 TYR A CB  1 
ATOM   669  C CG  . TYR A 1 90  ? 3.44773   -9.23862  7.46890   1.000 63.55006 ? 246 TYR A CG  1 
ATOM   670  C CD1 . TYR A 1 90  ? 4.32511   -8.96757  6.41153   1.000 68.65140 ? 246 TYR A CD1 1 
ATOM   671  C CD2 . TYR A 1 90  ? 3.17874   -10.57700 7.75636   1.000 63.15526 ? 246 TYR A CD2 1 
ATOM   672  C CE1 . TYR A 1 90  ? 4.94359   -10.01015 5.68315   1.000 64.55204 ? 246 TYR A CE1 1 
ATOM   673  C CE2 . TYR A 1 90  ? 3.79352   -11.62167 7.03287   1.000 62.96941 ? 246 TYR A CE2 1 
ATOM   674  C CZ  . TYR A 1 90  ? 4.66635   -11.32585 6.00537   1.000 58.32369 ? 246 TYR A CZ  1 
ATOM   675  O OH  . TYR A 1 90  ? 5.25901   -12.34881 5.31207   1.000 66.35310 ? 246 TYR A OH  1 
ATOM   676  N N   . GLN A 1 91  ? 2.25121   -5.27814  9.60096   1.000 60.58403 ? 247 GLN A N   1 
ATOM   677  C CA  . GLN A 1 91  ? 1.89317   -3.86801  9.40855   1.000 57.03290 ? 247 GLN A CA  1 
ATOM   678  C C   . GLN A 1 91  ? 3.00234   -2.93823  9.87584   1.000 62.68280 ? 247 GLN A C   1 
ATOM   679  O O   . GLN A 1 91  ? 3.44796   -2.05417  9.13475   1.000 76.56225 ? 247 GLN A O   1 
ATOM   680  C CB  . GLN A 1 91  ? 0.61153   -3.53510  10.17048  1.000 56.04210 ? 247 GLN A CB  1 
ATOM   681  C CG  . GLN A 1 91  ? -0.67022  -3.88286  9.48871   1.000 50.99698 ? 247 GLN A CG  1 
ATOM   682  C CD  . GLN A 1 91  ? -1.85024  -3.56421  10.37175  1.000 55.51018 ? 247 GLN A CD  1 
ATOM   683  O OE1 . GLN A 1 91  ? -1.70708  -3.48972  11.58589  1.000 55.34209 ? 247 GLN A OE1 1 
ATOM   684  N NE2 . GLN A 1 91  ? -3.02417  -3.37213  9.77201   1.000 51.19845 ? 247 GLN A NE2 1 
ATOM   685  N N   . GLY A 1 92  ? 3.43756   -3.09628  11.12040  1.000 60.04407 ? 248 GLY A N   1 
ATOM   686  C CA  . GLY A 1 92  ? 4.47149   -2.22161  11.63008  1.000 59.30976 ? 248 GLY A CA  1 
ATOM   687  C C   . GLY A 1 92  ? 5.81431   -2.37099  10.94293  1.000 61.22388 ? 248 GLY A C   1 
ATOM   688  O O   . GLY A 1 92  ? 6.66868   -1.48326  11.07246  1.000 62.89820 ? 248 GLY A O   1 
ATOM   689  N N   . LYS A 1 93  ? 6.03858   -3.46962  10.22161  1.000 54.61027 ? 249 LYS A N   1 
ATOM   690  C CA  . LYS A 1 93  ? 7.37272   -3.71873  9.68933   1.000 53.57879 ? 249 LYS A CA  1 
ATOM   691  C C   . LYS A 1 93  ? 7.49269   -3.46427  8.19280   1.000 48.53692 ? 249 LYS A C   1 
ATOM   692  O O   . LYS A 1 93  ? 8.61395   -3.41762  7.68531   1.000 51.64746 ? 249 LYS A O   1 
ATOM   693  C CB  . LYS A 1 93  ? 7.82198   -5.15022  10.00749  1.000 42.78630 ? 249 LYS A CB  1 
ATOM   694  N N   . TYR A 1 94  ? 6.38502   -3.26849  7.47772   1.000 51.93369 ? 250 TYR A N   1 
ATOM   695  C CA  . TYR A 1 94  ? 6.43503   -3.07100  6.03514   1.000 48.14982 ? 250 TYR A CA  1 
ATOM   696  C C   . TYR A 1 94  ? 5.72470   -1.78342  5.64533   1.000 50.52632 ? 250 TYR A C   1 
ATOM   697  O O   . TYR A 1 94  ? 4.87105   -1.26879  6.37411   1.000 49.35489 ? 250 TYR A O   1 
ATOM   698  C CB  . TYR A 1 94  ? 5.81238   -4.26242  5.27162   1.000 52.26795 ? 250 TYR A CB  1 
ATOM   699  C CG  . TYR A 1 94  ? 6.66268   -5.51171  5.34724   1.000 49.01149 ? 250 TYR A CG  1 
ATOM   700  C CD1 . TYR A 1 94  ? 7.63663   -5.76760  4.40392   1.000 49.93656 ? 250 TYR A CD1 1 
ATOM   701  C CD2 . TYR A 1 94  ? 6.50691   -6.41425  6.38148   1.000 52.00122 ? 250 TYR A CD2 1 
ATOM   702  C CE1 . TYR A 1 94  ? 8.43220   -6.89744  4.48183   1.000 53.34869 ? 250 TYR A CE1 1 
ATOM   703  C CE2 . TYR A 1 94  ? 7.29043   -7.54881  6.46483   1.000 53.83232 ? 250 TYR A CE2 1 
ATOM   704  C CZ  . TYR A 1 94  ? 8.25167   -7.78135  5.51966   1.000 53.15366 ? 250 TYR A CZ  1 
ATOM   705  O OH  . TYR A 1 94  ? 9.03225   -8.90788  5.62077   1.000 55.81561 ? 250 TYR A OH  1 
ATOM   706  N N   . ILE A 1 95  ? 6.09910   -1.27275  4.46975   1.000 48.55008 ? 251 ILE A N   1 
ATOM   707  C CA  . ILE A 1 95  ? 5.38885   -0.18717  3.81321   1.000 45.91939 ? 251 ILE A CA  1 
ATOM   708  C C   . ILE A 1 95  ? 5.22294   -0.52236  2.33449   1.000 46.87562 ? 251 ILE A C   1 
ATOM   709  O O   . ILE A 1 95  ? 5.93534   -1.35795  1.76737   1.000 44.92905 ? 251 ILE A O   1 
ATOM   710  C CB  . ILE A 1 95  ? 6.10770   1.16862   3.97085   1.000 49.95519 ? 251 ILE A CB  1 
ATOM   711  C CG1 . ILE A 1 95  ? 7.57550   1.03058   3.58526   1.000 46.04566 ? 251 ILE A CG1 1 
ATOM   712  C CG2 . ILE A 1 95  ? 5.94419   1.72007   5.39500   1.000 51.03171 ? 251 ILE A CG2 1 
ATOM   713  C CD1 . ILE A 1 95  ? 7.86122   1.42202   2.15899   1.000 51.24508 ? 251 ILE A CD1 1 
ATOM   714  N N   . LEU A 1 96  ? 4.28306   0.17691   1.71214   1.000 45.31848 ? 252 LEU A N   1 
ATOM   715  C CA  . LEU A 1 96  ? 3.98502   0.00932   0.30231   1.000 45.99915 ? 252 LEU A CA  1 
ATOM   716  C C   . LEU A 1 96  ? 4.75802   1.00563   -0.54683  1.000 44.65189 ? 252 LEU A C   1 
ATOM   717  O O   . LEU A 1 96  ? 4.91886   2.17442   -0.18082  1.000 45.35479 ? 252 LEU A O   1 
ATOM   718  C CB  . LEU A 1 96  ? 2.48529   0.16722   0.05228   1.000 41.71833 ? 252 LEU A CB  1 
ATOM   719  C CG  . LEU A 1 96  ? 1.65261   -0.95348  0.65223   1.000 44.92524 ? 252 LEU A CG  1 
ATOM   720  C CD1 . LEU A 1 96  ? 0.19500   -0.57796  0.54462   1.000 45.61404 ? 252 LEU A CD1 1 
ATOM   721  C CD2 . LEU A 1 96  ? 1.95399   -2.28990  -0.05735  1.000 46.35686 ? 252 LEU A CD2 1 
ATOM   722  N N   . LYS A 1 97  ? 5.20687   0.53101   -1.69784  1.000 38.65732 ? 253 LYS A N   1 
ATOM   723  C CA  . LYS A 1 97  ? 5.98678   1.30115   -2.64604  1.000 43.69630 ? 253 LYS A CA  1 
ATOM   724  C C   . LYS A 1 97  ? 5.38598   1.09583   -4.02400  1.000 44.26377 ? 253 LYS A C   1 
ATOM   725  O O   . LYS A 1 97  ? 4.89065   0.01382   -4.33058  1.000 48.06336 ? 253 LYS A O   1 
ATOM   726  C CB  . LYS A 1 97  ? 7.46983   0.84668   -2.63499  1.000 40.27217 ? 253 LYS A CB  1 
ATOM   727  C CG  . LYS A 1 97  ? 8.32748   1.43890   -3.73721  1.000 44.76422 ? 253 LYS A CG  1 
ATOM   728  C CD  . LYS A 1 97  ? 9.67443   0.74835   -3.84019  1.000 46.01836 ? 253 LYS A CD  1 
ATOM   729  C CE  . LYS A 1 97  ? 10.50037  1.35575   -4.96702  1.000 53.26392 ? 253 LYS A CE  1 
ATOM   730  N NZ  . LYS A 1 97  ? 10.00795  1.03551   -6.35242  1.000 46.79907 ? 253 LYS A NZ  1 
ATOM   731  N N   . VAL A 1 98  ? 5.42717   2.13369   -4.85831  1.000 42.00660 ? 254 VAL A N   1 
ATOM   732  C CA  . VAL A 1 98  ? 5.00150   1.98790   -6.24628  1.000 41.67089 ? 254 VAL A CA  1 
ATOM   733  C C   . VAL A 1 98  ? 6.06698   1.21684   -7.02916  1.000 50.40406 ? 254 VAL A C   1 
ATOM   734  O O   . VAL A 1 98  ? 7.25385   1.56988   -7.00248  1.000 50.00116 ? 254 VAL A O   1 
ATOM   735  C CB  . VAL A 1 98  ? 4.73570   3.36745   -6.86830  1.000 41.71229 ? 254 VAL A CB  1 
ATOM   736  C CG1 . VAL A 1 98  ? 4.41398   3.24587   -8.35702  1.000 45.51932 ? 254 VAL A CG1 1 
ATOM   737  C CG2 . VAL A 1 98  ? 3.60128   4.07151   -6.12817  1.000 44.21046 ? 254 VAL A CG2 1 
ATOM   738  N N   . CYS A 1 99  ? 5.65143   0.15954   -7.72982  1.000 41.77613 ? 255 CYS A N   1 
ATOM   739  C CA  . CYS A 1 99  ? 6.58346   -0.59257  -8.56778  1.000 40.26314 ? 255 CYS A CA  1 
ATOM   740  C C   . CYS A 1 99  ? 7.10514   0.28373   -9.69412  1.000 44.51798 ? 255 CYS A C   1 
ATOM   741  O O   . CYS A 1 99  ? 6.32359   0.84868   -10.46718 1.000 44.09257 ? 255 CYS A O   1 
ATOM   742  C CB  . CYS A 1 99  ? 5.91517   -1.82973  -9.16548  1.000 34.55373 ? 255 CYS A CB  1 
ATOM   743  S SG  . CYS A 1 99  ? 5.41292   -3.06315  -7.97926  1.000 54.79599 ? 255 CYS A SG  1 
ATOM   744  N N   . GLY A 1 100 ? 8.42811   0.38974   -9.79291  1.000 41.79884 ? 256 GLY A N   1 
ATOM   745  C CA  . GLY A 1 100 ? 9.03040   1.12603   -10.88158 1.000 42.29418 ? 256 GLY A CA  1 
ATOM   746  C C   . GLY A 1 100 ? 9.19153   2.60091   -10.63003 1.000 53.06932 ? 256 GLY A C   1 
ATOM   747  O O   . GLY A 1 100 ? 9.27223   3.38147   -11.59013 1.000 57.16994 ? 256 GLY A O   1 
ATOM   748  N N   . CYS A 1 101 ? 9.26853   3.00863   -9.36395  1.000 51.97193 ? 257 CYS A N   1 
ATOM   749  C CA  . CYS A 1 101 ? 9.24993   4.41828   -9.01145  1.000 55.41708 ? 257 CYS A CA  1 
ATOM   750  C C   . CYS A 1 101 ? 9.60055   4.57035   -7.53116  1.000 61.31981 ? 257 CYS A C   1 
ATOM   751  O O   . CYS A 1 101 ? 9.32037   3.67686   -6.72331  1.000 62.17482 ? 257 CYS A O   1 
ATOM   752  C CB  . CYS A 1 101 ? 7.87039   5.01987   -9.31616  1.000 58.66190 ? 257 CYS A CB  1 
ATOM   753  S SG  . CYS A 1 101 ? 7.79193   6.79523   -9.11232  1.000 88.49854 ? 257 CYS A SG  1 
ATOM   754  N N   . ASP A 1 102 ? 10.21103  5.69797   -7.18161  1.000 62.82522 ? 258 ASP A N   1 
ATOM   755  C CA  . ASP A 1 102 ? 10.58017  5.96942   -5.78720  1.000 56.04935 ? 258 ASP A CA  1 
ATOM   756  C C   . ASP A 1 102 ? 9.49148   6.74888   -5.06035  1.000 56.06924 ? 258 ASP A C   1 
ATOM   757  O O   . ASP A 1 102 ? 9.74425   7.78777   -4.45229  1.000 56.98413 ? 258 ASP A O   1 
ATOM   758  C CB  . ASP A 1 102 ? 11.91409  6.70256   -5.71854  1.000 60.64472 ? 258 ASP A CB  1 
ATOM   759  C CG  . ASP A 1 102 ? 13.11440  5.74770   -5.68320  1.000 75.41356 ? 258 ASP A CG  1 
ATOM   760  O OD1 . ASP A 1 102 ? 12.94012  4.53877   -5.96437  1.000 67.24690 ? 258 ASP A OD1 1 
ATOM   761  O OD2 . ASP A 1 102 ? 14.23635  6.20947   -5.36652  1.000 81.99992 ? 258 ASP A OD2 1 
ATOM   762  N N   . GLU A 1 103 ? 8.26344   6.23784   -5.11450  1.000 51.98756 ? 259 GLU A N   1 
ATOM   763  C CA  . GLU A 1 103 ? 7.12371   6.80638   -4.41214  1.000 49.86417 ? 259 GLU A CA  1 
ATOM   764  C C   . GLU A 1 103 ? 6.64295   5.82313   -3.36202  1.000 50.34676 ? 259 GLU A C   1 
ATOM   765  O O   . GLU A 1 103 ? 6.45638   4.63784   -3.65011  1.000 48.84841 ? 259 GLU A O   1 
ATOM   766  C CB  . GLU A 1 103 ? 5.98218   7.14424   -5.37045  1.000 46.57379 ? 259 GLU A CB  1 
ATOM   767  C CG  . GLU A 1 103 ? 6.26859   8.37897   -6.21273  1.000 58.16807 ? 259 GLU A CG  1 
ATOM   768  C CD  . GLU A 1 103 ? 6.35572   9.67249   -5.38935  1.000 65.89291 ? 259 GLU A CD  1 
ATOM   769  O OE1 . GLU A 1 103 ? 6.84932   10.67993  -5.94181  1.000 60.14103 ? 259 GLU A OE1 1 
ATOM   770  O OE2 . GLU A 1 103 ? 5.92346   9.68995   -4.20508  1.000 60.43700 ? 259 GLU A OE2 1 
ATOM   771  N N   . TYR A 1 104 ? 6.43513   6.31880   -2.15238  1.000 43.41008 ? 260 TYR A N   1 
ATOM   772  C CA  . TYR A 1 104 ? 6.08890   5.46268   -1.03734  1.000 41.47466 ? 260 TYR A CA  1 
ATOM   773  C C   . TYR A 1 104 ? 4.74087   5.88187   -0.49109  1.000 39.13280 ? 260 TYR A C   1 
ATOM   774  O O   . TYR A 1 104 ? 4.28243   7.01174   -0.70531  1.000 45.63551 ? 260 TYR A O   1 
ATOM   775  C CB  . TYR A 1 104 ? 7.18430   5.52230   0.03295   1.000 43.41398 ? 260 TYR A CB  1 
ATOM   776  C CG  . TYR A 1 104 ? 8.49832   5.08956   -0.55377  1.000 37.30958 ? 260 TYR A CG  1 
ATOM   777  C CD1 . TYR A 1 104 ? 9.30989   5.98737   -1.22002  1.000 42.50577 ? 260 TYR A CD1 1 
ATOM   778  C CD2 . TYR A 1 104 ? 8.89012   3.76580   -0.50587  1.000 42.10642 ? 260 TYR A CD2 1 
ATOM   779  C CE1 . TYR A 1 104 ? 10.49060  5.58009   -1.80149  1.000 48.45821 ? 260 TYR A CE1 1 
ATOM   780  C CE2 . TYR A 1 104 ? 10.07651  3.34962   -1.07399  1.000 46.70256 ? 260 TYR A CE2 1 
ATOM   781  C CZ  . TYR A 1 104 ? 10.86768  4.26099   -1.72122  1.000 44.93007 ? 260 TYR A CZ  1 
ATOM   782  O OH  . TYR A 1 104 ? 12.05032  3.85581   -2.28092  1.000 55.96808 ? 260 TYR A OH  1 
ATOM   783  N N   . PHE A 1 105 ? 4.09546   4.95583   0.20006   1.000 38.71888 ? 261 PHE A N   1 
ATOM   784  C CA  . PHE A 1 105 ? 2.83021   5.23967   0.87058   1.000 35.52556 ? 261 PHE A CA  1 
ATOM   785  C C   . PHE A 1 105 ? 3.08239   5.34261   2.37236   1.000 42.00966 ? 261 PHE A C   1 
ATOM   786  O O   . PHE A 1 105 ? 2.71477   4.46395   3.15650   1.000 44.79349 ? 261 PHE A O   1 
ATOM   787  C CB  . PHE A 1 105 ? 1.82105   4.17334   0.53679   1.000 36.92577 ? 261 PHE A CB  1 
ATOM   788  C CG  . PHE A 1 105 ? 1.44182   4.11269   -0.92513  1.000 42.34543 ? 261 PHE A CG  1 
ATOM   789  C CD1 . PHE A 1 105 ? 2.29575   3.53831   -1.85687  1.000 43.10739 ? 261 PHE A CD1 1 
ATOM   790  C CD2 . PHE A 1 105 ? 0.20361   4.57159   -1.35426  1.000 44.94139 ? 261 PHE A CD2 1 
ATOM   791  C CE1 . PHE A 1 105 ? 1.93247   3.45801   -3.21257  1.000 50.69379 ? 261 PHE A CE1 1 
ATOM   792  C CE2 . PHE A 1 105 ? -0.17785  4.49373   -2.70343  1.000 41.18212 ? 261 PHE A CE2 1 
ATOM   793  C CZ  . PHE A 1 105 ? 0.69099   3.94403   -3.63644  1.000 45.44212 ? 261 PHE A CZ  1 
ATOM   794  N N   . LEU A 1 106 ? 3.74395   6.43168   2.77749   1.000 38.43365 ? 262 LEU A N   1 
ATOM   795  C CA  . LEU A 1 106 ? 4.17519   6.59377   4.16233   1.000 42.64470 ? 262 LEU A CA  1 
ATOM   796  C C   . LEU A 1 106 ? 3.12113   7.21668   5.06244   1.000 40.43047 ? 262 LEU A C   1 
ATOM   797  O O   . LEU A 1 106 ? 3.20648   7.04720   6.27776   1.000 53.71898 ? 262 LEU A O   1 
ATOM   798  C CB  . LEU A 1 106 ? 5.45168   7.44103   4.22467   1.000 33.84147 ? 262 LEU A CB  1 
ATOM   799  C CG  . LEU A 1 106 ? 6.61152   6.78469   3.47269   1.000 42.99300 ? 262 LEU A CG  1 
ATOM   800  C CD1 . LEU A 1 106 ? 7.72632   7.76657   3.17612   1.000 46.37081 ? 262 LEU A CD1 1 
ATOM   801  C CD2 . LEU A 1 106 ? 7.14065   5.58566   4.23178   1.000 49.23652 ? 262 LEU A CD2 1 
ATOM   802  N N   . GLU A 1 107 ? 2.12866   7.91769   4.51331   1.000 46.94254 ? 263 GLU A N   1 
ATOM   803  C CA  . GLU A 1 107 ? 1.16628   8.66345   5.31704   1.000 52.73784 ? 263 GLU A CA  1 
ATOM   804  C C   . GLU A 1 107 ? -0.21594  8.02972   5.23957   1.000 49.44976 ? 263 GLU A C   1 
ATOM   805  O O   . GLU A 1 107 ? -0.56749  7.37381   4.25120   1.000 49.26416 ? 263 GLU A O   1 
ATOM   806  C CB  . GLU A 1 107 ? 1.08657   10.12781  4.87211   1.000 50.05454 ? 263 GLU A CB  1 
ATOM   807  N N   . LYS A 1 108 ? -1.01520  8.26242   6.27996   1.000 53.52188 ? 264 LYS A N   1 
ATOM   808  C CA  . LYS A 1 108 ? -2.28837  7.55273   6.46628   1.000 51.64393 ? 264 LYS A CA  1 
ATOM   809  C C   . LYS A 1 108 ? -3.45730  8.12272   5.64865   1.000 47.42738 ? 264 LYS A C   1 
ATOM   810  O O   . LYS A 1 108 ? -4.58719  8.14740   6.13379   1.000 57.33442 ? 264 LYS A O   1 
ATOM   811  C CB  . LYS A 1 108 ? -2.62948  7.54117   7.95463   1.000 46.77946 ? 264 LYS A CB  1 
ATOM   812  C CG  . LYS A 1 108 ? -3.15729  6.21721   8.44802   1.000 50.30869 ? 264 LYS A CG  1 
ATOM   813  N N   . TYR A 1 109 ? -3.22367  8.59224   4.42392   1.000 44.68231 ? 265 TYR A N   1 
ATOM   814  C CA  . TYR A 1 109 ? -4.30121  9.02090   3.54405   1.000 41.11341 ? 265 TYR A CA  1 
ATOM   815  C C   . TYR A 1 109 ? -5.02739  7.82047   2.94391   1.000 45.18974 ? 265 TYR A C   1 
ATOM   816  O O   . TYR A 1 109 ? -4.43138  6.75361   2.76852   1.000 41.96802 ? 265 TYR A O   1 
ATOM   817  C CB  . TYR A 1 109 ? -3.76013  9.84748   2.40022   1.000 43.47456 ? 265 TYR A CB  1 
ATOM   818  C CG  . TYR A 1 109 ? -3.02916  11.08627  2.79032   1.000 49.64860 ? 265 TYR A CG  1 
ATOM   819  C CD1 . TYR A 1 109 ? -3.71508  12.21308  3.21469   1.000 49.66777 ? 265 TYR A CD1 1 
ATOM   820  C CD2 . TYR A 1 109 ? -1.64374  11.14680  2.69817   1.000 52.19335 ? 265 TYR A CD2 1 
ATOM   821  C CE1 . TYR A 1 109 ? -3.03273  13.36516  3.55625   1.000 51.32132 ? 265 TYR A CE1 1 
ATOM   822  C CE2 . TYR A 1 109 ? -0.95774  12.28450  3.03366   1.000 42.73129 ? 265 TYR A CE2 1 
ATOM   823  C CZ  . TYR A 1 109 ? -1.65186  13.39162  3.45955   1.000 51.51263 ? 265 TYR A CZ  1 
ATOM   824  O OH  . TYR A 1 109 ? -0.95252  14.52872  3.79690   1.000 65.05355 ? 265 TYR A OH  1 
ATOM   825  N N   . PRO A 1 110 ? -6.30567  7.98618   2.59083   1.000 42.97694 ? 266 PRO A N   1 
ATOM   826  C CA  . PRO A 1 110 ? -6.97048  6.98888   1.73784   1.000 36.07566 ? 266 PRO A CA  1 
ATOM   827  C C   . PRO A 1 110 ? -6.12714  6.66096   0.51297   1.000 37.57465 ? 266 PRO A C   1 
ATOM   828  O O   . PRO A 1 110 ? -5.55610  7.55064   -0.12201  1.000 38.91853 ? 266 PRO A O   1 
ATOM   829  C CB  . PRO A 1 110 ? -8.27698  7.68262   1.33814   1.000 38.69032 ? 266 PRO A CB  1 
ATOM   830  C CG  . PRO A 1 110 ? -8.53423  8.66546   2.41776   1.000 39.72454 ? 266 PRO A CG  1 
ATOM   831  C CD  . PRO A 1 110 ? -7.18233  9.12620   2.90441   1.000 36.79330 ? 266 PRO A CD  1 
ATOM   832  N N   . LEU A 1 111 ? -6.05922  5.36302   0.19102   1.000 39.32169 ? 267 LEU A N   1 
ATOM   833  C CA  . LEU A 1 111 ? -5.35641  4.88428   -1.00229  1.000 35.77497 ? 267 LEU A CA  1 
ATOM   834  C C   . LEU A 1 111 ? -5.70531  5.70513   -2.24138  1.000 35.20307 ? 267 LEU A C   1 
ATOM   835  O O   . LEU A 1 111 ? -4.81700  6.15386   -2.97773  1.000 42.98061 ? 267 LEU A O   1 
ATOM   836  C CB  . LEU A 1 111 ? -5.68502  3.40347   -1.24085  1.000 41.13277 ? 267 LEU A CB  1 
ATOM   837  C CG  . LEU A 1 111 ? -4.84518  2.66949   -2.29924  1.000 47.59370 ? 267 LEU A CG  1 
ATOM   838  C CD1 . LEU A 1 111 ? -3.39068  2.63933   -1.88006  1.000 40.73112 ? 267 LEU A CD1 1 
ATOM   839  C CD2 . LEU A 1 111 ? -5.36133  1.23971   -2.58481  1.000 52.47686 ? 267 LEU A CD2 1 
ATOM   840  N N   . SER A 1 112 ? -6.99418  5.93530   -2.47899  1.000 39.42110 ? 268 SER A N   1 
ATOM   841  C CA  . SER A 1 112 ? -7.40272  6.65174   -3.68341  1.000 41.30286 ? 268 SER A CA  1 
ATOM   842  C C   . SER A 1 112 ? -7.01611  8.12597   -3.67424  1.000 38.22205 ? 268 SER A C   1 
ATOM   843  O O   . SER A 1 112 ? -7.21652  8.80283   -4.69286  1.000 39.61743 ? 268 SER A O   1 
ATOM   844  C CB  . SER A 1 112 ? -8.91039  6.53649   -3.88707  1.000 40.82717 ? 268 SER A CB  1 
ATOM   845  O OG  . SER A 1 112 ? -9.58563  7.17234   -2.81589  1.000 43.63336 ? 268 SER A OG  1 
ATOM   846  N N   . GLN A 1 113 ? -6.48313  8.65016   -2.57116  1.000 35.50859 ? 269 GLN A N   1 
ATOM   847  C CA  . GLN A 1 113 ? -5.99572  10.02020  -2.59978  1.000 35.48147 ? 269 GLN A CA  1 
ATOM   848  C C   . GLN A 1 113 ? -4.56181  10.11879  -3.10555  1.000 38.06777 ? 269 GLN A C   1 
ATOM   849  O O   . GLN A 1 113 ? -4.10232  11.23160  -3.37828  1.000 37.95602 ? 269 GLN A O   1 
ATOM   850  C CB  . GLN A 1 113 ? -6.10647  10.67621  -1.20868  1.000 38.96836 ? 269 GLN A CB  1 
ATOM   851  C CG  . GLN A 1 113 ? -6.10093  12.22749  -1.24484  1.000 41.92375 ? 269 GLN A CG  1 
ATOM   852  C CD  . GLN A 1 113 ? -6.13022  12.91526  0.13514   1.000 47.04867 ? 269 GLN A CD  1 
ATOM   853  O OE1 . GLN A 1 113 ? -6.48389  12.30482  1.14671   1.000 40.53185 ? 269 GLN A OE1 1 
ATOM   854  N NE2 . GLN A 1 113 ? -5.75444  14.20536  0.16513   1.000 40.01394 ? 269 GLN A NE2 1 
ATOM   855  N N   . TYR A 1 114 ? -3.84393  8.99877   -3.26235  1.000 37.83693 ? 270 TYR A N   1 
ATOM   856  C CA  . TYR A 1 114 ? -2.50335  9.07397   -3.83596  1.000 40.08138 ? 270 TYR A CA  1 
ATOM   857  C C   . TYR A 1 114 ? -2.62689  9.26836   -5.33349  1.000 35.65853 ? 270 TYR A C   1 
ATOM   858  O O   . TYR A 1 114 ? -3.39091  8.56319   -5.99421  1.000 42.71632 ? 270 TYR A O   1 
ATOM   859  C CB  . TYR A 1 114 ? -1.66486  7.83213   -3.51920  1.000 33.37796 ? 270 TYR A CB  1 
ATOM   860  C CG  . TYR A 1 114 ? -1.10443  7.80006   -2.11200  1.000 37.91875 ? 270 TYR A CG  1 
ATOM   861  C CD1 . TYR A 1 114 ? -1.87615  7.33869   -1.05373  1.000 39.07774 ? 270 TYR A CD1 1 
ATOM   862  C CD2 . TYR A 1 114 ? 0.18032   8.24909   -1.83662  1.000 41.25345 ? 270 TYR A CD2 1 
ATOM   863  C CE1 . TYR A 1 114 ? -1.39995  7.31276   0.22484   1.000 39.81021 ? 270 TYR A CE1 1 
ATOM   864  C CE2 . TYR A 1 114 ? 0.67740   8.22705   -0.53244  1.000 47.24937 ? 270 TYR A CE2 1 
ATOM   865  C CZ  . TYR A 1 114 ? -0.12858  7.75847   0.49361   1.000 44.29823 ? 270 TYR A CZ  1 
ATOM   866  O OH  . TYR A 1 114 ? 0.32795   7.69971   1.79168   1.000 42.13918 ? 270 TYR A OH  1 
ATOM   867  N N   . LYS A 1 115 ? -1.89074  10.24469  -5.85589  1.000 42.30434 ? 271 LYS A N   1 
ATOM   868  C CA  . LYS A 1 115 ? -1.91761  10.53939  -7.28197  1.000 43.27884 ? 271 LYS A CA  1 
ATOM   869  C C   . LYS A 1 115 ? -1.73947  9.27674   -8.13048  1.000 50.21787 ? 271 LYS A C   1 
ATOM   870  O O   . LYS A 1 115 ? -2.47778  9.06951   -9.10242  1.000 44.98509 ? 271 LYS A O   1 
ATOM   871  C CB  . LYS A 1 115 ? -0.83838  11.57053  -7.60106  1.000 52.13897 ? 271 LYS A CB  1 
ATOM   872  C CG  . LYS A 1 115 ? -0.94743  12.22445  -8.96534  1.000 63.74384 ? 271 LYS A CG  1 
ATOM   873  C CD  . LYS A 1 115 ? -0.53055  13.69710  -8.87431  1.000 65.10529 ? 271 LYS A CD  1 
ATOM   874  C CE  . LYS A 1 115 ? 0.64623   14.03400  -9.78831  1.000 63.46216 ? 271 LYS A CE  1 
ATOM   875  N NZ  . LYS A 1 115 ? 0.27558   14.02668  -11.23948 1.000 71.06439 ? 271 LYS A NZ  1 
ATOM   876  N N   . TYR A 1 116 ? -0.78916  8.40335   -7.75858  1.000 41.77754 ? 272 TYR A N   1 
ATOM   877  C CA  . TYR A 1 116 ? -0.51093  7.22295   -8.57288  1.000 40.03814 ? 272 TYR A CA  1 
ATOM   878  C C   . TYR A 1 116 ? -1.74124  6.33549   -8.70748  1.000 40.55740 ? 272 TYR A C   1 
ATOM   879  O O   . TYR A 1 116 ? -1.99833  5.76818   -9.77844  1.000 39.26689 ? 272 TYR A O   1 
ATOM   880  C CB  . TYR A 1 116 ? 0.65336   6.42026   -7.99028  1.000 38.09342 ? 272 TYR A CB  1 
ATOM   881  C CG  . TYR A 1 116 ? 0.79205   5.03546   -8.61643  1.000 43.89223 ? 272 TYR A CG  1 
ATOM   882  C CD1 . TYR A 1 116 ? 1.27015   4.87286   -9.92390  1.000 42.97282 ? 272 TYR A CD1 1 
ATOM   883  C CD2 . TYR A 1 116 ? 0.43046   3.89756   -7.90715  1.000 38.89827 ? 272 TYR A CD2 1 
ATOM   884  C CE1 . TYR A 1 116 ? 1.37751   3.59674   -10.50447 1.000 42.39329 ? 272 TYR A CE1 1 
ATOM   885  C CE2 . TYR A 1 116 ? 0.53057   2.64022   -8.46572  1.000 42.34080 ? 272 TYR A CE2 1 
ATOM   886  C CZ  . TYR A 1 116 ? 1.00925   2.49289   -9.75845  1.000 41.19456 ? 272 TYR A CZ  1 
ATOM   887  O OH  . TYR A 1 116 ? 1.10073   1.23226   -10.27713 1.000 46.45498 ? 272 TYR A OH  1 
ATOM   888  N N   . ILE A 1 117 ? -2.52067  6.21102   -7.63656  1.000 41.89720 ? 273 ILE A N   1 
ATOM   889  C CA  . ILE A 1 117 ? -3.72595  5.39294   -7.69208  1.000 39.80947 ? 273 ILE A CA  1 
ATOM   890  C C   . ILE A 1 117 ? -4.78657  6.05875   -8.56095  1.000 41.24743 ? 273 ILE A C   1 
ATOM   891  O O   . ILE A 1 117 ? -5.40631  5.40849   -9.41881  1.000 38.20183 ? 273 ILE A O   1 
ATOM   892  C CB  . ILE A 1 117 ? -4.24113  5.11989   -6.27271  1.000 40.57711 ? 273 ILE A CB  1 
ATOM   893  C CG1 . ILE A 1 117 ? -3.15621  4.39853   -5.47448  1.000 35.32979 ? 273 ILE A CG1 1 
ATOM   894  C CG2 . ILE A 1 117 ? -5.54737  4.34430   -6.31536  1.000 29.30636 ? 273 ILE A CG2 1 
ATOM   895  C CD1 . ILE A 1 117 ? -2.81882  3.00083   -6.03231  1.000 37.78719 ? 273 ILE A CD1 1 
ATOM   896  N N   . ARG A 1 118 ? -4.98405  7.34343   -8.38770  1.000 36.62234 ? 274 ARG A N   1 
ATOM   897  C CA  . ARG A 1 118 ? -5.92147  8.08036   -9.16474  1.000 39.47382 ? 274 ARG A CA  1 
ATOM   898  C C   . ARG A 1 118 ? -5.55048  8.04212   -10.62693 1.000 46.39381 ? 274 ARG A C   1 
ATOM   899  O O   . ARG A 1 118 ? -6.37362  7.87728   -11.45596 1.000 41.29528 ? 274 ARG A O   1 
ATOM   900  C CB  . ARG A 1 118 ? -6.00632  9.48354   -8.68602  1.000 37.31057 ? 274 ARG A CB  1 
ATOM   901  C CG  . ARG A 1 118 ? -7.20096  9.69076   -7.85666  1.000 42.60520 ? 274 ARG A CG  1 
ATOM   902  C CD  . ARG A 1 118 ? -7.36918  11.11493  -7.44827  1.000 46.89347 ? 274 ARG A CD  1 
ATOM   903  N NE  . ARG A 1 118 ? -7.86384  11.15935  -6.11383  1.000 38.01580 ? 274 ARG A NE  1 
ATOM   904  C CZ  . ARG A 1 118 ? -8.41779  12.20371  -5.57830  1.000 44.17063 ? 274 ARG A CZ  1 
ATOM   905  N NH1 . ARG A 1 118 ? -8.55984  13.28056  -6.26661  1.000 46.24374 ? 274 ARG A NH1 1 
ATOM   906  N NH2 . ARG A 1 118 ? -8.85501  12.15823  -4.37468  1.000 40.41463 ? 274 ARG A NH2 1 
ATOM   907  N N   . SER A 1 119 ? -4.28320  8.19581   -10.91696 1.000 36.95508 ? 275 SER A N   1 
ATOM   908  C CA  . SER A 1 119 ? -3.80066  8.09113   -12.28414 1.000 38.31674 ? 275 SER A CA  1 
ATOM   909  C C   . SER A 1 119 ? -4.07440  6.70765   -12.86706 1.000 37.12563 ? 275 SER A C   1 
ATOM   910  O O   . SER A 1 119 ? -4.48225  6.58965   -14.02325 1.000 38.61141 ? 275 SER A O   1 
ATOM   911  C CB  . SER A 1 119 ? -2.31217  8.42178   -12.32351 1.000 44.34268 ? 275 SER A CB  1 
ATOM   912  O OG  . SER A 1 119 ? -2.11258  9.80051   -12.07206 1.000 42.41002 ? 275 SER A OG  1 
ATOM   913  N N   . CYS A 1 120 ? -3.86932  5.65033   -12.08171 1.000 37.12561 ? 276 CYS A N   1 
ATOM   914  C CA  . CYS A 1 120 ? -4.16637  4.31216   -12.57638 1.000 38.22958 ? 276 CYS A CA  1 
ATOM   915  C C   . CYS A 1 120 ? -5.65582  4.14619   -12.87159 1.000 38.55781 ? 276 CYS A C   1 
ATOM   916  O O   . CYS A 1 120 ? -6.02950  3.56290   -13.89419 1.000 42.74429 ? 276 CYS A O   1 
ATOM   917  C CB  . CYS A 1 120 ? -3.69161  3.25858   -11.57512 1.000 41.03364 ? 276 CYS A CB  1 
ATOM   918  S SG  . CYS A 1 120 ? -1.86024  3.02440   -11.49905 1.000 40.46694 ? 276 CYS A SG  1 
ATOM   919  N N   . ILE A 1 121 ? -6.50685  4.66480   -12.03553 1.000 41.48949 ? 277 ILE A N   1 
ATOM   920  C CA  . ILE A 1 121 ? -7.89336  4.49505   -12.24971 1.000 40.16668 ? 277 ILE A CA  1 
ATOM   921  C C   . ILE A 1 121 ? -8.38527  5.20213   -13.47123 1.000 42.26802 ? 277 ILE A C   1 
ATOM   922  O O   . ILE A 1 121 ? -9.06014  4.63056   -14.25077 1.000 41.93088 ? 277 ILE A O   1 
ATOM   923  C CB  . ILE A 1 121 ? -8.68582  4.94438   -11.06435 1.000 41.05766 ? 277 ILE A CB  1 
ATOM   924  C CG1 . ILE A 1 121 ? -8.26767  4.16728   -9.85619  1.000 43.71931 ? 277 ILE A CG1 1 
ATOM   925  C CG2 . ILE A 1 121 ? -10.12200 4.68579   -11.30895 1.000 42.27440 ? 277 ILE A CG2 1 
ATOM   926  C CD1 . ILE A 1 121 ? -9.00497  4.49914   -8.60615  1.000 33.46911 ? 277 ILE A CD1 1 
ATOM   927  N N   . MET A 1 122 ? -8.02853  6.45308   -13.61504 1.000 41.77395 ? 278 MET A N   1 
ATOM   928  C CA  . MET A 1 122 ? -8.40616  7.25387   -14.78061 1.000 41.75325 ? 278 MET A CA  1 
ATOM   929  C C   . MET A 1 122 ? -7.90961  6.64339   -16.08132 1.000 44.38178 ? 278 MET A C   1 
ATOM   930  O O   . MET A 1 122 ? -8.58226  6.74713   -17.11157 1.000 44.39062 ? 278 MET A O   1 
ATOM   931  C CB  . MET A 1 122 ? -7.84174  8.66694   -14.66254 1.000 40.70872 ? 278 MET A CB  1 
ATOM   932  C CG  . MET A 1 122 ? -8.73652  9.67603   -13.97101 1.000 55.10956 ? 278 MET A CG  1 
ATOM   933  S SD  . MET A 1 122 ? -7.72463  11.08141  -13.45248 1.000 74.98593 ? 278 MET A SD  1 
ATOM   934  C CE  . MET A 1 122 ? -7.02250  11.60021  -15.01936 1.000 63.82090 ? 278 MET A CE  1 
ATOM   935  N N   . LEU A 1 123 ? -6.71981  6.04609   -16.06705 1.000 36.43769 ? 279 LEU A N   1 
ATOM   936  C CA  . LEU A 1 123 ? -6.09015  5.59147   -17.29220 1.000 40.64745 ? 279 LEU A CA  1 
ATOM   937  C C   . LEU A 1 123 ? -6.40641  4.13707   -17.61965 1.000 44.25603 ? 279 LEU A C   1 
ATOM   938  O O   . LEU A 1 123 ? -6.01365  3.66674   -18.68713 1.000 43.85729 ? 279 LEU A O   1 
ATOM   939  C CB  . LEU A 1 123 ? -4.56853  5.76867   -17.20617 1.000 43.97943 ? 279 LEU A CB  1 
ATOM   940  C CG  . LEU A 1 123 ? -3.93755  7.16589   -17.15804 1.000 47.69193 ? 279 LEU A CG  1 
ATOM   941  C CD1 . LEU A 1 123 ? -2.55899  7.05197   -16.55254 1.000 49.93746 ? 279 LEU A CD1 1 
ATOM   942  C CD2 . LEU A 1 123 ? -3.84271  7.81611   -18.53523 1.000 36.27251 ? 279 LEU A CD2 1 
ATOM   943  N N   . GLY A 1 124 ? -7.08433  3.41264   -16.73464 1.000 42.53211 ? 280 GLY A N   1 
ATOM   944  C CA  . GLY A 1 124 ? -7.33185  2.00557   -16.98600 1.000 39.43758 ? 280 GLY A CA  1 
ATOM   945  C C   . GLY A 1 124 ? -6.13281  1.10646   -16.78447 1.000 48.33785 ? 280 GLY A C   1 
ATOM   946  O O   . GLY A 1 124 ? -6.04965  0.05319   -17.43497 1.000 52.35492 ? 280 GLY A O   1 
ATOM   947  N N   . ARG A 1 125 ? -5.20309  1.48136   -15.89960 1.000 36.83423 ? 281 ARG A N   1 
ATOM   948  C CA  . ARG A 1 125 ? -4.06468  0.64059   -15.55497 1.000 37.89448 ? 281 ARG A CA  1 
ATOM   949  C C   . ARG A 1 125 ? -4.26659  -0.00902  -14.19094 1.000 45.27678 ? 281 ARG A C   1 
ATOM   950  O O   . ARG A 1 125 ? -4.87355  0.56113   -13.28415 1.000 42.74249 ? 281 ARG A O   1 
ATOM   951  C CB  . ARG A 1 125 ? -2.75651  1.44373   -15.52277 1.000 39.28620 ? 281 ARG A CB  1 
ATOM   952  C CG  . ARG A 1 125 ? -2.42727  2.21292   -16.79906 1.000 45.93068 ? 281 ARG A CG  1 
ATOM   953  C CD  . ARG A 1 125 ? -1.59829  1.38634   -17.78416 1.000 46.88218 ? 281 ARG A CD  1 
ATOM   954  N NE  . ARG A 1 125 ? -2.28534  0.20176   -18.30463 1.000 51.55815 ? 281 ARG A NE  1 
ATOM   955  C CZ  . ARG A 1 125 ? -3.23672  0.23270   -19.23980 1.000 57.51742 ? 281 ARG A CZ  1 
ATOM   956  N NH1 . ARG A 1 125 ? -3.78712  -0.89854  -19.65772 1.000 47.73401 ? 281 ARG A NH1 1 
ATOM   957  N NH2 . ARG A 1 125 ? -3.64548  1.39184   -19.75156 1.000 52.20832 ? 281 ARG A NH2 1 
ATOM   958  N N   . MET A 1 126 ? -3.73316  -1.18367  -14.04963 1.000 38.11340 ? 282 MET A N   1 
ATOM   959  C CA  . MET A 1 126 ? -3.74607  -1.87446  -12.77508 1.000 37.10964 ? 282 MET A CA  1 
ATOM   960  C C   . MET A 1 126 ? -2.68254  -1.28867  -11.86083 1.000 43.39947 ? 282 MET A C   1 
ATOM   961  O O   . MET A 1 126 ? -1.51379  -1.22599  -12.25405 1.000 46.60350 ? 282 MET A O   1 
ATOM   962  C CB  . MET A 1 126 ? -3.46896  -3.35400  -12.98946 1.000 42.25232 ? 282 MET A CB  1 
ATOM   963  C CG  . MET A 1 126 ? -3.35643  -4.11638  -11.69928 1.000 48.72229 ? 282 MET A CG  1 
ATOM   964  S SD  . MET A 1 126 ? -4.95913  -4.72724  -11.16344 1.000 53.10639 ? 282 MET A SD  1 
ATOM   965  C CE  . MET A 1 126 ? -5.12830  -6.20630  -12.17876 1.000 35.11100 ? 282 MET A CE  1 
ATOM   966  N N   . PRO A 1 127 ? -3.03616  -0.83562  -10.64960 1.000 48.46644 ? 283 PRO A N   1 
ATOM   967  C CA  . PRO A 1 127 ? -2.00337  -0.38125  -9.69574  1.000 41.29392 ? 283 PRO A CA  1 
ATOM   968  C C   . PRO A 1 127 ? -1.12891  -1.54403  -9.22904  1.000 38.49016 ? 283 PRO A C   1 
ATOM   969  O O   . PRO A 1 127 ? -1.62613  -2.55922  -8.73923  1.000 41.15695 ? 283 PRO A O   1 
ATOM   970  C CB  . PRO A 1 127 ? -2.81471  0.21212   -8.52852  1.000 41.48397 ? 283 PRO A CB  1 
ATOM   971  C CG  . PRO A 1 127 ? -4.15150  0.54714   -9.12034  1.000 45.47837 ? 283 PRO A CG  1 
ATOM   972  C CD  . PRO A 1 127 ? -4.39841  -0.49344  -10.20268 1.000 36.59325 ? 283 PRO A CD  1 
ATOM   973  N N   . ASN A 1 128 ? 0.18169   -1.38939  -9.38336  1.000 43.21933 ? 284 ASN A N   1 
ATOM   974  C CA  . ASN A 1 128 ? 1.14364   -2.40650  -8.97025  1.000 39.96634 ? 284 ASN A CA  1 
ATOM   975  C C   . ASN A 1 128 ? 1.97524   -1.86243  -7.81744  1.000 46.23633 ? 284 ASN A C   1 
ATOM   976  O O   . ASN A 1 128 ? 2.72551   -0.89362  -7.98192  1.000 41.16655 ? 284 ASN A O   1 
ATOM   977  C CB  . ASN A 1 128 ? 2.03114   -2.83145  -10.14020 1.000 41.78536 ? 284 ASN A CB  1 
ATOM   978  C CG  . ASN A 1 128 ? 1.38406   -3.92181  -10.99147 1.000 50.57465 ? 284 ASN A CG  1 
ATOM   979  O OD1 . ASN A 1 128 ? 1.65205   -5.11383  -10.80651 1.000 49.16710 ? 284 ASN A OD1 1 
ATOM   980  N ND2 . ASN A 1 128 ? 0.49948   -3.51842  -11.90298 1.000 46.52148 ? 284 ASN A ND2 1 
ATOM   981  N N   . LEU A 1 129 ? 1.83946   -2.48418  -6.65801  1.000 40.17209 ? 285 LEU A N   1 
ATOM   982  C CA  . LEU A 1 129 ? 2.49478   -2.01526  -5.45698  1.000 46.21332 ? 285 LEU A CA  1 
ATOM   983  C C   . LEU A 1 129 ? 3.45852   -3.07738  -4.95432  1.000 45.20365 ? 285 LEU A C   1 
ATOM   984  O O   . LEU A 1 129 ? 3.19201   -4.27291  -5.05132  1.000 47.27833 ? 285 LEU A O   1 
ATOM   985  C CB  . LEU A 1 129 ? 1.47027   -1.68186  -4.35658  1.000 37.92947 ? 285 LEU A CB  1 
ATOM   986  C CG  . LEU A 1 129 ? 0.40759   -0.63503  -4.67752  1.000 38.48348 ? 285 LEU A CG  1 
ATOM   987  C CD1 . LEU A 1 129 ? -0.36770  -0.34186  -3.42737  1.000 44.33529 ? 285 LEU A CD1 1 
ATOM   988  C CD2 . LEU A 1 129 ? 1.04028   0.63894   -5.20242  1.000 38.88613 ? 285 LEU A CD2 1 
ATOM   989  N N   A MET A 1 130 ? 4.57249   -2.62982  -4.39430  0.571 44.09735 ? 286 MET A N   1 
ATOM   990  N N   B MET A 1 130 ? 4.57788   -2.61084  -4.40970  0.429 43.99183 ? 286 MET A N   1 
ATOM   991  C CA  A MET A 1 130 ? 5.57820   -3.50909  -3.81572  0.571 46.60328 ? 286 MET A CA  1 
ATOM   992  C CA  B MET A 1 130 ? 5.60076   -3.43782  -3.78286  0.429 46.75225 ? 286 MET A CA  1 
ATOM   993  C C   A MET A 1 130 ? 5.57446   -3.37178  -2.29958  0.571 46.30652 ? 286 MET A C   1 
ATOM   994  C C   B MET A 1 130 ? 5.48048   -3.34874  -2.26934  0.429 46.29243 ? 286 MET A C   1 
ATOM   995  O O   A MET A 1 130 ? 5.69774   -2.26069  -1.77310  0.571 45.70912 ? 286 MET A O   1 
ATOM   996  O O   B MET A 1 130 ? 5.45034   -2.24530  -1.71303  0.429 45.85578 ? 286 MET A O   1 
ATOM   997  C CB  A MET A 1 130 ? 6.96940   -3.18113  -4.35867  0.571 49.18110 ? 286 MET A CB  1 
ATOM   998  C CB  B MET A 1 130 ? 7.00418   -2.97457  -4.18320  0.429 49.37834 ? 286 MET A CB  1 
ATOM   999  C CG  A MET A 1 130 ? 8.08122   -3.88567  -3.61281  0.571 52.05446 ? 286 MET A CG  1 
ATOM   1000 C CG  B MET A 1 130 ? 7.54295   -3.53780  -5.45794  0.429 54.69749 ? 286 MET A CG  1 
ATOM   1001 S SD  A MET A 1 130 ? 8.71469   -5.28751  -4.55207  0.571 70.14710 ? 286 MET A SD  1 
ATOM   1002 S SD  B MET A 1 130 ? 9.10202   -4.37932  -5.15621  0.429 78.40520 ? 286 MET A SD  1 
ATOM   1003 C CE  A MET A 1 130 ? 9.63968   -4.40116  -5.81398  0.571 72.09921 ? 286 MET A CE  1 
ATOM   1004 C CE  B MET A 1 130 ? 8.52097   -5.81075  -4.23021  0.429 62.59982 ? 286 MET A CE  1 
ATOM   1005 N N   . LEU A 1 131 ? 5.43783   -4.50241  -1.60733  1.000 45.31425 ? 287 LEU A N   1 
ATOM   1006 C CA  . LEU A 1 131 ? 5.56508   -4.55245  -0.15877  1.000 40.29033 ? 287 LEU A CA  1 
ATOM   1007 C C   . LEU A 1 131 ? 7.03956   -4.57101  0.21425   1.000 50.47619 ? 287 LEU A C   1 
ATOM   1008 O O   . LEU A 1 131 ? 7.81245   -5.37454  -0.31266  1.000 58.02668 ? 287 LEU A O   1 
ATOM   1009 C CB  . LEU A 1 131 ? 4.87354   -5.78154  0.40549   1.000 37.84936 ? 287 LEU A CB  1 
ATOM   1010 C CG  . LEU A 1 131 ? 4.69249   -5.77858  1.91918   1.000 52.51972 ? 287 LEU A CG  1 
ATOM   1011 C CD1 . LEU A 1 131 ? 3.50320   -4.89992  2.27334   1.000 51.47482 ? 287 LEU A CD1 1 
ATOM   1012 C CD2 . LEU A 1 131 ? 4.52365   -7.18746  2.48341   1.000 53.10076 ? 287 LEU A CD2 1 
ATOM   1013 N N   . MET A 1 132 ? 7.43604   -3.68503  1.11893   1.000 50.95203 ? 288 MET A N   1 
ATOM   1014 C CA  . MET A 1 132 ? 8.84880   -3.39900  1.30426   1.000 46.92528 ? 288 MET A CA  1 
ATOM   1015 C C   . MET A 1 132 ? 9.15217   -3.15027  2.77864   1.000 52.34359 ? 288 MET A C   1 
ATOM   1016 O O   . MET A 1 132 ? 8.42326   -2.41747  3.45682   1.000 52.94105 ? 288 MET A O   1 
ATOM   1017 C CB  . MET A 1 132 ? 9.23480   -2.19504  0.45146   1.000 46.62463 ? 288 MET A CB  1 
ATOM   1018 C CG  . MET A 1 132 ? 10.66139  -1.84979  0.52078   1.000 59.98489 ? 288 MET A CG  1 
ATOM   1019 S SD  . MET A 1 132 ? 10.90704  -0.25578  -0.23655  1.000 64.17794 ? 288 MET A SD  1 
ATOM   1020 C CE  . MET A 1 132 ? 12.68100  -0.11564  -0.01137  1.000 46.84976 ? 288 MET A CE  1 
ATOM   1021 N N   . ALA A 1 133 ? 10.21840  -3.77248  3.27561   1.000 55.61203 ? 289 ALA A N   1 
ATOM   1022 C CA  . ALA A 1 133 ? 10.55165  -3.65744  4.69177   1.000 54.61051 ? 289 ALA A CA  1 
ATOM   1023 C C   . ALA A 1 133 ? 10.94441  -2.23145  5.01658   1.000 47.06169 ? 289 ALA A C   1 
ATOM   1024 O O   . ALA A 1 133 ? 11.73050  -1.62156  4.28558   1.000 46.73616 ? 289 ALA A O   1 
ATOM   1025 C CB  . ALA A 1 133 ? 11.69338  -4.60472  5.05723   1.000 48.28789 ? 289 ALA A CB  1 
ATOM   1026 N N   . LYS A 1 134 ? 10.38438  -1.70523  6.11411   1.000 40.42644 ? 290 LYS A N   1 
ATOM   1027 C CA  . LYS A 1 134 ? 10.73629  -0.36211  6.57201   1.000 45.36812 ? 290 LYS A CA  1 
ATOM   1028 C C   . LYS A 1 134 ? 12.23413  -0.19464  6.70459   1.000 45.17452 ? 290 LYS A C   1 
ATOM   1029 O O   . LYS A 1 134 ? 12.78657  0.82312   6.27311   1.000 49.24711 ? 290 LYS A O   1 
ATOM   1030 C CB  . LYS A 1 134 ? 10.07583  -0.04781  7.91017   1.000 43.37745 ? 290 LYS A CB  1 
ATOM   1031 C CG  . LYS A 1 134 ? 8.62179   0.31662   7.79274   1.000 45.46135 ? 290 LYS A CG  1 
ATOM   1032 C CD  . LYS A 1 134 ? 8.03831   0.69804   9.14831   1.000 48.31739 ? 290 LYS A CD  1 
ATOM   1033 C CE  . LYS A 1 134 ? 6.52107   0.93545   9.03376   1.000 50.72375 ? 290 LYS A CE  1 
ATOM   1034 N NZ  . LYS A 1 134 ? 5.91824   1.36961   10.33090  1.000 58.95281 ? 290 LYS A NZ  1 
ATOM   1035 N N   . GLU A 1 135 ? 12.91042  -1.19121  7.28963   1.000 42.30070 ? 291 GLU A N   1 
ATOM   1036 C CA  . GLU A 1 135 ? 14.35542  -1.08462  7.48701   1.000 49.47616 ? 291 GLU A CA  1 
ATOM   1037 C C   . GLU A 1 135 ? 15.09427  -0.98758  6.15584   1.000 53.39986 ? 291 GLU A C   1 
ATOM   1038 O O   . GLU A 1 135 ? 16.12621  -0.31178  6.07669   1.000 53.33057 ? 291 GLU A O   1 
ATOM   1039 C CB  . GLU A 1 135 ? 14.87269  -2.26603  8.31376   1.000 49.74013 ? 291 GLU A CB  1 
ATOM   1040 N N   . SER A 1 136 ? 14.57762  -1.62458  5.09440   1.000 45.23742 ? 292 SER A N   1 
ATOM   1041 C CA  . SER A 1 136 ? 15.15108  -1.39719  3.77081   1.000 48.04906 ? 292 SER A CA  1 
ATOM   1042 C C   . SER A 1 136 ? 15.03710  0.07066   3.38159   1.000 49.83884 ? 292 SER A C   1 
ATOM   1043 O O   . SER A 1 136 ? 16.03345  0.70958   3.01782   1.000 54.23406 ? 292 SER A O   1 
ATOM   1044 C CB  . SER A 1 136 ? 14.47818  -2.27568  2.71616   1.000 44.45964 ? 292 SER A CB  1 
ATOM   1045 O OG  . SER A 1 136 ? 14.73594  -3.64589  2.94579   1.000 57.43511 ? 292 SER A OG  1 
ATOM   1046 N N   . LEU A 1 137 ? 13.82537  0.62558   3.46769   1.000 43.82030 ? 293 LEU A N   1 
ATOM   1047 C CA  . LEU A 1 137 ? 13.63860  2.03051   3.11528   1.000 49.34936 ? 293 LEU A CA  1 
ATOM   1048 C C   . LEU A 1 137 ? 14.54820  2.94141   3.93772   1.000 49.70905 ? 293 LEU A C   1 
ATOM   1049 O O   . LEU A 1 137 ? 15.15042  3.87664   3.39670   1.000 45.61455 ? 293 LEU A O   1 
ATOM   1050 C CB  . LEU A 1 137 ? 12.18141  2.43597   3.30160   1.000 45.79284 ? 293 LEU A CB  1 
ATOM   1051 C CG  . LEU A 1 137 ? 11.88945  3.91901   3.03338   1.000 52.02813 ? 293 LEU A CG  1 
ATOM   1052 C CD1 . LEU A 1 137 ? 12.20656  4.29179   1.58338   1.000 51.71726 ? 293 LEU A CD1 1 
ATOM   1053 C CD2 . LEU A 1 137 ? 10.44889  4.26175   3.37194   1.000 49.14209 ? 293 LEU A CD2 1 
ATOM   1054 N N   . TYR A 1 138 ? 14.64935  2.69303   5.24848   1.000 44.95938 ? 294 TYR A N   1 
ATOM   1055 C CA  . TYR A 1 138 ? 15.45559  3.57317   6.09268   1.000 52.05653 ? 294 TYR A CA  1 
ATOM   1056 C C   . TYR A 1 138 ? 16.93267  3.49812   5.71433   1.000 54.12189 ? 294 TYR A C   1 
ATOM   1057 O O   . TYR A 1 138 ? 17.63564  4.51233   5.77982   1.000 57.87543 ? 294 TYR A O   1 
ATOM   1058 C CB  . TYR A 1 138 ? 15.24467  3.23465   7.57320   1.000 44.30974 ? 294 TYR A CB  1 
ATOM   1059 C CG  . TYR A 1 138 ? 13.81061  3.40437   8.06180   1.000 40.66155 ? 294 TYR A CG  1 
ATOM   1060 C CD1 . TYR A 1 138 ? 12.90965  4.20244   7.36569   1.000 41.83867 ? 294 TYR A CD1 1 
ATOM   1061 C CD2 . TYR A 1 138 ? 13.36397  2.78231   9.22624   1.000 42.40785 ? 294 TYR A CD2 1 
ATOM   1062 C CE1 . TYR A 1 138 ? 11.59384  4.37987   7.80263   1.000 37.69632 ? 294 TYR A CE1 1 
ATOM   1063 C CE2 . TYR A 1 138 ? 12.03692  2.94681   9.67470   1.000 43.15612 ? 294 TYR A CE2 1 
ATOM   1064 C CZ  . TYR A 1 138 ? 11.16226  3.75186   8.94688   1.000 42.59858 ? 294 TYR A CZ  1 
ATOM   1065 O OH  . TYR A 1 138 ? 9.85654   3.94582   9.35152   1.000 44.91726 ? 294 TYR A OH  1 
ATOM   1066 N N   . SER A 1 139 ? 17.39454  2.32895   5.25749   1.000 51.47998 ? 295 SER A N   1 
ATOM   1067 C CA  . SER A 1 139 ? 18.76053  2.18729   4.74973   1.000 52.88240 ? 295 SER A CA  1 
ATOM   1068 C C   . SER A 1 139 ? 19.04688  3.09259   3.55535   1.000 54.92013 ? 295 SER A C   1 
ATOM   1069 O O   . SER A 1 139 ? 20.21052  3.43508   3.31495   1.000 59.39282 ? 295 SER A O   1 
ATOM   1070 C CB  . SER A 1 139 ? 19.02680  0.73257   4.35101   1.000 55.16428 ? 295 SER A CB  1 
ATOM   1071 O OG  . SER A 1 139 ? 18.94772  -0.13878  5.46695   1.000 67.73675 ? 295 SER A OG  1 
ATOM   1072 N N   . GLN A 1 140 ? 18.02105  3.44896   2.76796   1.000 52.96471 ? 296 GLN A N   1 
ATOM   1073 C CA  . GLN A 1 140 ? 18.20261  4.33822   1.61897   1.000 53.95430 ? 296 GLN A CA  1 
ATOM   1074 C C   . GLN A 1 140 ? 18.41924  5.78556   2.02488   1.000 56.91112 ? 296 GLN A C   1 
ATOM   1075 O O   . GLN A 1 140 ? 18.80061  6.59493   1.17158   1.000 52.75457 ? 296 GLN A O   1 
ATOM   1076 C CB  . GLN A 1 140 ? 16.99014  4.29032   0.67333   1.000 56.80408 ? 296 GLN A CB  1 
ATOM   1077 C CG  . GLN A 1 140 ? 16.81991  3.00369   -0.13957  1.000 62.03477 ? 296 GLN A CG  1 
ATOM   1078 C CD  . GLN A 1 140 ? 15.43243  2.87080   -0.78869  1.000 63.58429 ? 296 GLN A CD  1 
ATOM   1079 O OE1 . GLN A 1 140 ? 14.93678  1.75931   -0.97206  1.000 67.84249 ? 296 GLN A OE1 1 
ATOM   1080 N NE2 . GLN A 1 140 ? 14.81012  4.00133   -1.13865  1.000 56.88791 ? 296 GLN A NE2 1 
ATOM   1081 N N   . LEU A 1 141 ? 18.15681  6.13258   3.28612   1.000 55.54256 ? 297 LEU A N   1 
ATOM   1082 C CA  . LEU A 1 141 ? 18.28716  7.51097   3.72382   1.000 56.78654 ? 297 LEU A CA  1 
ATOM   1083 C C   . LEU A 1 141 ? 19.75613  7.93111   3.72890   1.000 59.04805 ? 297 LEU A C   1 
ATOM   1084 O O   . LEU A 1 141 ? 20.63861  7.11257   4.00931   1.000 57.71968 ? 297 LEU A O   1 
ATOM   1085 C CB  . LEU A 1 141 ? 17.69506  7.68946   5.11959   1.000 53.29996 ? 297 LEU A CB  1 
ATOM   1086 C CG  . LEU A 1 141 ? 16.18580  7.49102   5.21034   1.000 55.81631 ? 297 LEU A CG  1 
ATOM   1087 C CD1 . LEU A 1 141 ? 15.72305  7.50079   6.65480   1.000 46.58214 ? 297 LEU A CD1 1 
ATOM   1088 C CD2 . LEU A 1 141 ? 15.48150  8.56532   4.40795   1.000 52.12296 ? 297 LEU A CD2 1 
ATOM   1089 N N   . PRO A 1 142 ? 20.03662  9.21401   3.43104   1.000 60.47838 ? 298 PRO A N   1 
ATOM   1090 C CA  . PRO A 1 142 ? 21.41917  9.71473   3.46485   1.000 57.91184 ? 298 PRO A CA  1 
ATOM   1091 C C   . PRO A 1 142 ? 22.20351  9.23187   4.67348   1.000 59.26252 ? 298 PRO A C   1 
ATOM   1092 O O   . PRO A 1 142 ? 21.76223  9.40968   5.81379   1.000 60.62598 ? 298 PRO A O   1 
ATOM   1093 C CB  . PRO A 1 142 ? 21.23222  11.23556  3.50855   1.000 62.75503 ? 298 PRO A CB  1 
ATOM   1094 C CG  . PRO A 1 142 ? 19.92727  11.46802  2.82858   1.000 61.21899 ? 298 PRO A CG  1 
ATOM   1095 C CD  . PRO A 1 142 ? 19.06106  10.28634  3.15863   1.000 59.79729 ? 298 PRO A CD  1 
ATOM   1096 N N   . MET A 1 143 ? 23.35027  8.59715   4.43342   1.000 65.44214 ? 299 MET A N   1 
ATOM   1097 C CA  . MET A 1 143 ? 24.22481  8.20821   5.52827   1.000 66.43921 ? 299 MET A CA  1 
ATOM   1098 C C   . MET A 1 143 ? 24.84639  9.44428   6.15931   1.000 68.42537 ? 299 MET A C   1 
ATOM   1099 O O   . MET A 1 143 ? 25.05455  10.46820  5.49825   1.000 68.07778 ? 299 MET A O   1 
ATOM   1100 C CB  . MET A 1 143 ? 25.32934  7.26681   5.04889   1.000 62.35111 ? 299 MET A CB  1 
ATOM   1101 N N   . ASP A 1 144 ? 25.11650  9.34298   7.45858   1.000 63.95193 ? 300 ASP A N   1 
ATOM   1102 C CA  . ASP A 1 144 ? 25.78347  10.39740  8.21792   1.000 64.51637 ? 300 ASP A CA  1 
ATOM   1103 C C   . ASP A 1 144 ? 27.04449  10.90514  7.50287   1.000 67.29003 ? 300 ASP A C   1 
ATOM   1104 O O   . ASP A 1 144 ? 27.83145  10.09189  7.00040   1.000 64.35016 ? 300 ASP A O   1 
ATOM   1105 C CB  . ASP A 1 144 ? 26.14960  9.88637   9.61442   1.000 58.20698 ? 300 ASP A CB  1 
ATOM   1106 C CG  . ASP A 1 144 ? 24.93839  9.60113   10.47203  1.000 62.47718 ? 300 ASP A CG  1 
ATOM   1107 O OD1 . ASP A 1 144 ? 23.85151  10.15075  10.17134  1.000 65.58367 ? 300 ASP A OD1 1 
ATOM   1108 O OD2 . ASP A 1 144 ? 25.08575  8.84872   11.46133  1.000 61.38573 ? 300 ASP A OD2 1 
ATOM   1109 O OXT . ASP A 1 144 ? 27.30599  12.11763  7.40452   1.000 66.02240 ? 300 ASP A OXT 1 
HETATM 1110 O O   . HOH B 2 .   ? 3.95869   8.66014   -2.43994  1.000 45.49790 ? 401 HOH A O   1 
HETATM 1111 O O   . HOH B 2 .   ? -9.26757  10.22045  -2.84808  1.000 48.55393 ? 402 HOH A O   1 
HETATM 1112 O O   . HOH B 2 .   ? -14.81675 7.48073   1.56364   1.000 51.31558 ? 403 HOH A O   1 
HETATM 1113 O O   . HOH B 2 .   ? -10.30858 6.15270   5.05518   1.000 45.53073 ? 404 HOH A O   1 
HETATM 1114 O O   . HOH B 2 .   ? -16.90371 -4.47247  -5.11423  1.000 50.50749 ? 405 HOH A O   1 
HETATM 1115 O O   . HOH B 2 .   ? 11.15572  15.39870  13.83960  1.000 37.47689 ? 406 HOH A O   1 
HETATM 1116 O O   . HOH B 2 .   ? -17.87874 2.66031   -7.79232  1.000 41.70583 ? 407 HOH A O   1 
HETATM 1117 O O   . HOH B 2 .   ? 10.40989  12.99524  14.30497  1.000 39.96023 ? 408 HOH A O   1 
HETATM 1118 O O   . HOH B 2 .   ? -12.64575 1.93890   4.36021   1.000 60.72219 ? 409 HOH A O   1 
HETATM 1119 O O   . HOH B 2 .   ? -11.83580 -3.15988  1.68203   1.000 48.86222 ? 410 HOH A O   1 
HETATM 1120 O O   . HOH B 2 .   ? -9.99794  1.98296   -14.46456 1.000 41.53716 ? 411 HOH A O   1 
HETATM 1121 O O   . HOH B 2 .   ? -22.00121 4.42040   -4.96200  1.000 49.34422 ? 412 HOH A O   1 
HETATM 1122 O O   . HOH B 2 .   ? 10.82539  -1.59192  -7.11445  1.000 64.27079 ? 413 HOH A O   1 
HETATM 1123 O O   . HOH B 2 .   ? 1.07808   8.83718   -5.48910  1.000 44.51513 ? 414 HOH A O   1 
HETATM 1124 O O   . HOH B 2 .   ? -0.03675  10.11082  8.27770   1.000 50.72397 ? 415 HOH A O   1 
HETATM 1125 O O   . HOH B 2 .   ? 17.35443  8.92608   0.24463   1.000 56.37674 ? 416 HOH A O   1 
HETATM 1126 O O   . HOH B 2 .   ? 6.78312   9.24429   -1.43549  1.000 41.64181 ? 417 HOH A O   1 
HETATM 1127 O O   . HOH B 2 .   ? -2.46164  -12.82364 -7.94663  1.000 46.86111 ? 418 HOH A O   1 
HETATM 1128 O O   . HOH B 2 .   ? -9.88774  15.61477  -4.80471  1.000 59.83086 ? 419 HOH A O   1 
HETATM 1129 O O   . HOH B 2 .   ? -22.43151 9.98336   -10.62377 1.000 49.97280 ? 420 HOH A O   1 
HETATM 1130 O O   . HOH B 2 .   ? -15.03767 -1.85446  -11.54235 1.000 42.80136 ? 421 HOH A O   1 
HETATM 1131 O O   . HOH B 2 .   ? -16.06975 4.19177   4.30268   1.000 58.78337 ? 422 HOH A O   1 
HETATM 1132 O O   . HOH B 2 .   ? -15.02103 -7.58409  -10.16846 1.000 61.18103 ? 423 HOH A O   1 
HETATM 1133 O O   . HOH B 2 .   ? -7.97771  14.01444  -9.45271  1.000 51.63305 ? 424 HOH A O   1 
HETATM 1134 O O   . HOH B 2 .   ? -17.36258 -3.30002  1.48620   1.000 65.94345 ? 425 HOH A O   1 
HETATM 1135 O O   . HOH B 2 .   ? 7.60961   -6.81526  -10.69246 1.000 62.73674 ? 426 HOH A O   1 
# 
loop_
_pdbx_poly_seq_scheme.asym_id 
_pdbx_poly_seq_scheme.entity_id 
_pdbx_poly_seq_scheme.seq_id 
_pdbx_poly_seq_scheme.mon_id 
_pdbx_poly_seq_scheme.ndb_seq_num 
_pdbx_poly_seq_scheme.pdb_seq_num 
_pdbx_poly_seq_scheme.auth_seq_num 
_pdbx_poly_seq_scheme.pdb_mon_id 
_pdbx_poly_seq_scheme.auth_mon_id 
_pdbx_poly_seq_scheme.pdb_strand_id 
_pdbx_poly_seq_scheme.pdb_ins_code 
_pdbx_poly_seq_scheme.hetero 
A 1 1   ASN 1   157 157 ASN ASN A . n 
A 1 2   SER 2   158 158 SER SER A . n 
A 1 3   PRO 3   159 159 PRO PRO A . n 
A 1 4   HIS 4   160 160 HIS HIS A . n 
A 1 5   SER 5   161 161 SER SER A . n 
A 1 6   ARG 6   162 162 ARG ARG A . n 
A 1 7   ALA 7   163 163 ALA ALA A . n 
A 1 8   MET 8   164 164 MET MET A . n 
A 1 9   TYR 9   165 165 TYR TYR A . n 
A 1 10  VAL 10  166 166 VAL VAL A . n 
A 1 11  TYR 11  167 167 TYR TYR A . n 
A 1 12  PRO 12  168 168 PRO PRO A . n 
A 1 13  PRO 13  169 169 PRO PRO A . n 
A 1 14  ASN 14  170 170 ASN ASN A . n 
A 1 15  VAL 15  171 171 VAL VAL A . n 
A 1 16  GLU 16  172 172 GLU GLU A . n 
A 1 17  SER 17  173 173 SER SER A . n 
A 1 18  SER 18  174 174 SER SER A . n 
A 1 19  PRO 19  175 175 PRO PRO A . n 
A 1 20  GLU 20  176 176 GLU GLU A . n 
A 1 21  LEU 21  177 177 LEU LEU A . n 
A 1 22  PRO 22  178 178 PRO PRO A . n 
A 1 23  LYS 23  179 179 LYS LYS A . n 
A 1 24  HIS 24  180 180 HIS HIS A . n 
A 1 25  ILE 25  181 181 ILE ILE A . n 
A 1 26  TYR 26  182 182 TYR TYR A . n 
A 1 27  ASN 27  183 183 ASN ASN A . n 
A 1 28  LYS 28  184 184 LYS LYS A . n 
A 1 29  LEU 29  185 185 LEU LEU A . n 
A 1 30  ASP 30  186 186 ASP ASP A . n 
A 1 31  LYS 31  187 187 LYS LYS A . n 
A 1 32  GLY 32  188 188 GLY GLY A . n 
A 1 33  GLN 33  189 189 GLN GLN A . n 
A 1 34  ILE 34  190 190 ILE ILE A . n 
A 1 35  ILE 35  191 191 ILE ILE A . n 
A 1 36  VAL 36  192 192 VAL VAL A . n 
A 1 37  VAL 37  193 193 VAL VAL A . n 
A 1 38  ILE 38  194 194 ILE ILE A . n 
A 1 39  TRP 39  195 195 TRP TRP A . n 
A 1 40  VAL 40  196 196 VAL VAL A . n 
A 1 41  ILE 41  197 197 ILE ILE A . n 
A 1 42  VAL 42  198 198 VAL VAL A . n 
A 1 43  SER 43  199 ?   ?   ?   A . n 
A 1 44  PRO 44  200 ?   ?   ?   A . n 
A 1 45  ASN 45  201 ?   ?   ?   A . n 
A 1 46  ASN 46  202 ?   ?   ?   A . n 
A 1 47  ASP 47  203 203 ASP ASP A . n 
A 1 48  LYS 48  204 204 LYS LYS A . n 
A 1 49  GLN 49  205 205 GLN GLN A . n 
A 1 50  LYS 50  206 206 LYS LYS A . n 
A 1 51  TYR 51  207 207 TYR TYR A . n 
A 1 52  THR 52  208 208 THR THR A . n 
A 1 53  LEU 53  209 209 LEU LEU A . n 
A 1 54  LYS 54  210 210 LYS LYS A . n 
A 1 55  ILE 55  211 211 ILE ILE A . n 
A 1 56  ASN 56  212 212 ASN ASN A . n 
A 1 57  HIS 57  213 213 HIS HIS A . n 
A 1 58  ASP 58  214 214 ASP ASP A . n 
A 1 59  CYS 59  215 215 CYS CYS A . n 
A 1 60  VAL 60  216 216 VAL VAL A . n 
A 1 61  PRO 61  217 217 PRO PRO A . n 
A 1 62  GLU 62  218 218 GLU GLU A . n 
A 1 63  GLN 63  219 219 GLN GLN A . n 
A 1 64  VAL 64  220 220 VAL VAL A . n 
A 1 65  ILE 65  221 221 ILE ILE A . n 
A 1 66  ALA 66  222 222 ALA ALA A . n 
A 1 67  GLU 67  223 223 GLU GLU A . n 
A 1 68  ALA 68  224 224 ALA ALA A . n 
A 1 69  ILE 69  225 225 ILE ILE A . n 
A 1 70  ARG 70  226 226 ARG ARG A . n 
A 1 71  LYS 71  227 227 LYS LYS A . n 
A 1 72  LYS 72  228 228 LYS LYS A . n 
A 1 73  THR 73  229 229 THR THR A . n 
A 1 74  ARG 74  230 230 ARG ARG A . n 
A 1 75  SER 75  231 231 SER SER A . n 
A 1 76  MET 76  232 232 MET MET A . n 
A 1 77  LEU 77  233 233 LEU LEU A . n 
A 1 78  LEU 78  234 234 LEU LEU A . n 
A 1 79  SER 79  235 235 SER SER A . n 
A 1 80  SER 80  236 236 SER SER A . n 
A 1 81  GLU 81  237 237 GLU GLU A . n 
A 1 82  GLN 82  238 238 GLN GLN A . n 
A 1 83  LEU 83  239 239 LEU LEU A . n 
A 1 84  LYS 84  240 240 LYS LYS A . n 
A 1 85  LEU 85  241 241 LEU LEU A . n 
A 1 86  CYS 86  242 242 CYS CYS A . n 
A 1 87  VAL 87  243 243 VAL VAL A . n 
A 1 88  LEU 88  244 244 LEU LEU A . n 
A 1 89  GLU 89  245 245 GLU GLU A . n 
A 1 90  TYR 90  246 246 TYR TYR A . n 
A 1 91  GLN 91  247 247 GLN GLN A . n 
A 1 92  GLY 92  248 248 GLY GLY A . n 
A 1 93  LYS 93  249 249 LYS LYS A . n 
A 1 94  TYR 94  250 250 TYR TYR A . n 
A 1 95  ILE 95  251 251 ILE ILE A . n 
A 1 96  LEU 96  252 252 LEU LEU A . n 
A 1 97  LYS 97  253 253 LYS LYS A . n 
A 1 98  VAL 98  254 254 VAL VAL A . n 
A 1 99  CYS 99  255 255 CYS CYS A . n 
A 1 100 GLY 100 256 256 GLY GLY A . n 
A 1 101 CYS 101 257 257 CYS CYS A . n 
A 1 102 ASP 102 258 258 ASP ASP A . n 
A 1 103 GLU 103 259 259 GLU GLU A . n 
A 1 104 TYR 104 260 260 TYR TYR A . n 
A 1 105 PHE 105 261 261 PHE PHE A . n 
A 1 106 LEU 106 262 262 LEU LEU A . n 
A 1 107 GLU 107 263 263 GLU GLU A . n 
A 1 108 LYS 108 264 264 LYS LYS A . n 
A 1 109 TYR 109 265 265 TYR TYR A . n 
A 1 110 PRO 110 266 266 PRO PRO A . n 
A 1 111 LEU 111 267 267 LEU LEU A . n 
A 1 112 SER 112 268 268 SER SER A . n 
A 1 113 GLN 113 269 269 GLN GLN A . n 
A 1 114 TYR 114 270 270 TYR TYR A . n 
A 1 115 LYS 115 271 271 LYS LYS A . n 
A 1 116 TYR 116 272 272 TYR TYR A . n 
A 1 117 ILE 117 273 273 ILE ILE A . n 
A 1 118 ARG 118 274 274 ARG ARG A . n 
A 1 119 SER 119 275 275 SER SER A . n 
A 1 120 CYS 120 276 276 CYS CYS A . n 
A 1 121 ILE 121 277 277 ILE ILE A . n 
A 1 122 MET 122 278 278 MET MET A . n 
A 1 123 LEU 123 279 279 LEU LEU A . n 
A 1 124 GLY 124 280 280 GLY GLY A . n 
A 1 125 ARG 125 281 281 ARG ARG A . n 
A 1 126 MET 126 282 282 MET MET A . n 
A 1 127 PRO 127 283 283 PRO PRO A . n 
A 1 128 ASN 128 284 284 ASN ASN A . n 
A 1 129 LEU 129 285 285 LEU LEU A . n 
A 1 130 MET 130 286 286 MET MET A . n 
A 1 131 LEU 131 287 287 LEU LEU A . n 
A 1 132 MET 132 288 288 MET MET A . n 
A 1 133 ALA 133 289 289 ALA ALA A . n 
A 1 134 LYS 134 290 290 LYS LYS A . n 
A 1 135 GLU 135 291 291 GLU GLU A . n 
A 1 136 SER 136 292 292 SER SER A . n 
A 1 137 LEU 137 293 293 LEU LEU A . n 
A 1 138 TYR 138 294 294 TYR TYR A . n 
A 1 139 SER 139 295 295 SER SER A . n 
A 1 140 GLN 140 296 296 GLN GLN A . n 
A 1 141 LEU 141 297 297 LEU LEU A . n 
A 1 142 PRO 142 298 298 PRO PRO A . n 
A 1 143 MET 143 299 299 MET MET A . n 
A 1 144 ASP 144 300 300 ASP ASP A . n 
# 
loop_
_pdbx_nonpoly_scheme.asym_id 
_pdbx_nonpoly_scheme.entity_id 
_pdbx_nonpoly_scheme.mon_id 
_pdbx_nonpoly_scheme.ndb_seq_num 
_pdbx_nonpoly_scheme.pdb_seq_num 
_pdbx_nonpoly_scheme.auth_seq_num 
_pdbx_nonpoly_scheme.pdb_mon_id 
_pdbx_nonpoly_scheme.auth_mon_id 
_pdbx_nonpoly_scheme.pdb_strand_id 
_pdbx_nonpoly_scheme.pdb_ins_code 
B 2 HOH 1  401 9  HOH HOH A . 
B 2 HOH 2  402 25 HOH HOH A . 
B 2 HOH 3  403 31 HOH HOH A . 
B 2 HOH 4  404 14 HOH HOH A . 
B 2 HOH 5  405 17 HOH HOH A . 
B 2 HOH 6  406 5  HOH HOH A . 
B 2 HOH 7  407 1  HOH HOH A . 
B 2 HOH 8  408 11 HOH HOH A . 
B 2 HOH 9  409 21 HOH HOH A . 
B 2 HOH 10 410 19 HOH HOH A . 
B 2 HOH 11 411 10 HOH HOH A . 
B 2 HOH 12 412 34 HOH HOH A . 
B 2 HOH 13 413 6  HOH HOH A . 
B 2 HOH 14 414 7  HOH HOH A . 
B 2 HOH 15 415 27 HOH HOH A . 
B 2 HOH 16 416 16 HOH HOH A . 
B 2 HOH 17 417 8  HOH HOH A . 
B 2 HOH 18 418 28 HOH HOH A . 
B 2 HOH 19 419 33 HOH HOH A . 
B 2 HOH 20 420 30 HOH HOH A . 
B 2 HOH 21 421 18 HOH HOH A . 
B 2 HOH 22 422 22 HOH HOH A . 
B 2 HOH 23 423 29 HOH HOH A . 
B 2 HOH 24 424 32 HOH HOH A . 
B 2 HOH 25 425 20 HOH HOH A . 
B 2 HOH 26 426 12 HOH HOH A . 
# 
_pdbx_struct_assembly.id                   1 
_pdbx_struct_assembly.details              author_and_software_defined_assembly 
_pdbx_struct_assembly.method_details       PISA 
_pdbx_struct_assembly.oligomeric_details   monomeric 
_pdbx_struct_assembly.oligomeric_count     1 
# 
_pdbx_struct_assembly_gen.assembly_id       1 
_pdbx_struct_assembly_gen.oper_expression   1 
_pdbx_struct_assembly_gen.asym_id_list      A,B 
# 
_pdbx_struct_oper_list.id                   1 
_pdbx_struct_oper_list.type                 'identity operation' 
_pdbx_struct_oper_list.name                 1_555 
_pdbx_struct_oper_list.symmetry_operation   x,y,z 
_pdbx_struct_oper_list.matrix[1][1]         1.0000000000 
_pdbx_struct_oper_list.matrix[1][2]         0.0000000000 
_pdbx_struct_oper_list.matrix[1][3]         0.0000000000 
_pdbx_struct_oper_list.vector[1]            0.0000000000 
_pdbx_struct_oper_list.matrix[2][1]         0.0000000000 
_pdbx_struct_oper_list.matrix[2][2]         1.0000000000 
_pdbx_struct_oper_list.matrix[2][3]         0.0000000000 
_pdbx_struct_oper_list.vector[2]            0.0000000000 
_pdbx_struct_oper_list.matrix[3][1]         0.0000000000 
_pdbx_struct_oper_list.matrix[3][2]         0.0000000000 
_pdbx_struct_oper_list.matrix[3][3]         1.0000000000 
_pdbx_struct_oper_list.vector[3]            0.0000000000 
# 
loop_
_pdbx_audit_revision_history.ordinal 
_pdbx_audit_revision_history.data_content_type 
_pdbx_audit_revision_history.major_revision 
_pdbx_audit_revision_history.minor_revision 
_pdbx_audit_revision_history.revision_date 
1 'Structure model' 1 0 2021-02-03 
2 'Structure model' 1 1 2021-02-17 
3 'Structure model' 1 2 2021-03-10 
4 'Structure model' 1 3 2023-10-11 
# 
_pdbx_audit_revision_details.ordinal             1 
_pdbx_audit_revision_details.revision_ordinal    1 
_pdbx_audit_revision_details.data_content_type   'Structure model' 
_pdbx_audit_revision_details.provider            repository 
_pdbx_audit_revision_details.type                'Initial release' 
_pdbx_audit_revision_details.description         ? 
_pdbx_audit_revision_details.details             ? 
# 
loop_
_pdbx_audit_revision_group.ordinal 
_pdbx_audit_revision_group.revision_ordinal 
_pdbx_audit_revision_group.data_content_type 
_pdbx_audit_revision_group.group 
1 2 'Structure model' 'Database references'    
2 3 'Structure model' 'Database references'    
3 4 'Structure model' 'Data collection'        
4 4 'Structure model' 'Database references'    
5 4 'Structure model' 'Refinement description' 
# 
loop_
_pdbx_audit_revision_category.ordinal 
_pdbx_audit_revision_category.revision_ordinal 
_pdbx_audit_revision_category.data_content_type 
_pdbx_audit_revision_category.category 
1 2 'Structure model' citation                      
2 2 'Structure model' citation_author               
3 3 'Structure model' citation                      
4 4 'Structure model' chem_comp_atom                
5 4 'Structure model' chem_comp_bond                
6 4 'Structure model' database_2                    
7 4 'Structure model' pdbx_initial_refinement_model 
# 
loop_
_pdbx_audit_revision_item.ordinal 
_pdbx_audit_revision_item.revision_ordinal 
_pdbx_audit_revision_item.data_content_type 
_pdbx_audit_revision_item.item 
1  2 'Structure model' '_citation.country'                   
2  2 'Structure model' '_citation.journal_abbrev'            
3  2 'Structure model' '_citation.journal_id_ASTM'           
4  2 'Structure model' '_citation.journal_id_CSD'            
5  2 'Structure model' '_citation.journal_id_ISSN'           
6  2 'Structure model' '_citation.page_first'                
7  2 'Structure model' '_citation.page_last'                 
8  2 'Structure model' '_citation.pdbx_database_id_DOI'      
9  2 'Structure model' '_citation.pdbx_database_id_PubMed'   
10 2 'Structure model' '_citation.title'                     
11 2 'Structure model' '_citation.year'                      
12 2 'Structure model' '_citation_author.identifier_ORCID'   
13 2 'Structure model' '_citation_author.name'               
14 3 'Structure model' '_citation.journal_volume'            
15 3 'Structure model' '_citation.title'                     
16 4 'Structure model' '_database_2.pdbx_DOI'                
17 4 'Structure model' '_database_2.pdbx_database_accession' 
# 
loop_
_space_group_symop.id 
_space_group_symop.operation_xyz 
1 x,y,z               
2 x,-y,-z             
3 -x,y,-z+1/2         
4 -x,-y,z+1/2         
5 x+1/2,y+1/2,z       
6 x+1/2,-y+1/2,-z     
7 -x+1/2,y+1/2,-z+1/2 
8 -x+1/2,-y+1/2,z+1/2 
# 
loop_
_software.citation_id 
_software.classification 
_software.compiler_name 
_software.compiler_version 
_software.contact_author 
_software.contact_author_email 
_software.date 
_software.description 
_software.dependencies 
_software.hardware 
_software.language 
_software.location 
_software.mods 
_software.name 
_software.os 
_software.os_version 
_software.type 
_software.version 
_software.pdbx_ordinal 
? refinement       ? ? ? ? ? ? ? ? ? ? ? PHENIX   ? ? ? 1.14_3260 1 
? 'data reduction' ? ? ? ? ? ? ? ? ? ? ? HKL-2000 ? ? ? .         2 
? 'data scaling'   ? ? ? ? ? ? ? ? ? ? ? HKL-2000 ? ? ? .         3 
? phasing          ? ? ? ? ? ? ? ? ? ? ? PHASER   ? ? ? .         4 
# 
loop_
_pdbx_validate_torsion.id 
_pdbx_validate_torsion.PDB_model_num 
_pdbx_validate_torsion.auth_comp_id 
_pdbx_validate_torsion.auth_asym_id 
_pdbx_validate_torsion.auth_seq_id 
_pdbx_validate_torsion.PDB_ins_code 
_pdbx_validate_torsion.label_alt_id 
_pdbx_validate_torsion.phi 
_pdbx_validate_torsion.psi 
1 1 ASP A 258 ? ? -92.82  52.71 
2 1 PHE A 261 ? ? -105.61 71.45 
3 1 LYS A 264 ? ? -81.42  36.53 
# 
loop_
_pdbx_unobs_or_zero_occ_atoms.id 
_pdbx_unobs_or_zero_occ_atoms.PDB_model_num 
_pdbx_unobs_or_zero_occ_atoms.polymer_flag 
_pdbx_unobs_or_zero_occ_atoms.occupancy_flag 
_pdbx_unobs_or_zero_occ_atoms.auth_asym_id 
_pdbx_unobs_or_zero_occ_atoms.auth_comp_id 
_pdbx_unobs_or_zero_occ_atoms.auth_seq_id 
_pdbx_unobs_or_zero_occ_atoms.PDB_ins_code 
_pdbx_unobs_or_zero_occ_atoms.auth_atom_id 
_pdbx_unobs_or_zero_occ_atoms.label_alt_id 
_pdbx_unobs_or_zero_occ_atoms.label_asym_id 
_pdbx_unobs_or_zero_occ_atoms.label_comp_id 
_pdbx_unobs_or_zero_occ_atoms.label_seq_id 
_pdbx_unobs_or_zero_occ_atoms.label_atom_id 
1  1 Y 1 A SER 173 ? OG  ? A SER 17  OG  
2  1 Y 1 A ILE 197 ? CG1 ? A ILE 41  CG1 
3  1 Y 1 A ILE 197 ? CG2 ? A ILE 41  CG2 
4  1 Y 1 A ILE 197 ? CD1 ? A ILE 41  CD1 
5  1 Y 1 A VAL 198 ? CG1 ? A VAL 42  CG1 
6  1 Y 1 A VAL 198 ? CG2 ? A VAL 42  CG2 
7  1 Y 1 A ASP 203 ? CG  ? A ASP 47  CG  
8  1 Y 1 A ASP 203 ? OD1 ? A ASP 47  OD1 
9  1 Y 1 A ASP 203 ? OD2 ? A ASP 47  OD2 
10 1 Y 1 A LYS 204 ? CG  ? A LYS 48  CG  
11 1 Y 1 A LYS 204 ? CD  ? A LYS 48  CD  
12 1 Y 1 A LYS 204 ? CE  ? A LYS 48  CE  
13 1 Y 1 A LYS 204 ? NZ  ? A LYS 48  NZ  
14 1 Y 1 A LYS 206 ? CE  ? A LYS 50  CE  
15 1 Y 1 A LYS 206 ? NZ  ? A LYS 50  NZ  
16 1 Y 1 A GLU 218 ? OE1 ? A GLU 62  OE1 
17 1 Y 1 A GLU 218 ? OE2 ? A GLU 62  OE2 
18 1 Y 1 A SER 231 ? OG  ? A SER 75  OG  
19 1 Y 1 A SER 236 ? OG  ? A SER 80  OG  
20 1 Y 1 A GLU 237 ? CG  ? A GLU 81  CG  
21 1 Y 1 A GLU 237 ? CD  ? A GLU 81  CD  
22 1 Y 1 A GLU 237 ? OE1 ? A GLU 81  OE1 
23 1 Y 1 A GLU 237 ? OE2 ? A GLU 81  OE2 
24 1 Y 1 A LYS 240 ? CE  ? A LYS 84  CE  
25 1 Y 1 A LYS 240 ? NZ  ? A LYS 84  NZ  
26 1 Y 1 A LYS 249 ? CG  ? A LYS 93  CG  
27 1 Y 1 A LYS 249 ? CD  ? A LYS 93  CD  
28 1 Y 1 A LYS 249 ? CE  ? A LYS 93  CE  
29 1 Y 1 A LYS 249 ? NZ  ? A LYS 93  NZ  
30 1 Y 1 A GLU 263 ? CG  ? A GLU 107 CG  
31 1 Y 1 A GLU 263 ? CD  ? A GLU 107 CD  
32 1 Y 1 A GLU 263 ? OE1 ? A GLU 107 OE1 
33 1 Y 1 A GLU 263 ? OE2 ? A GLU 107 OE2 
34 1 Y 1 A LYS 264 ? CD  ? A LYS 108 CD  
35 1 Y 1 A LYS 264 ? CE  ? A LYS 108 CE  
36 1 Y 1 A LYS 264 ? NZ  ? A LYS 108 NZ  
37 1 Y 1 A GLU 291 ? CG  ? A GLU 135 CG  
38 1 Y 1 A GLU 291 ? CD  ? A GLU 135 CD  
39 1 Y 1 A GLU 291 ? OE1 ? A GLU 135 OE1 
40 1 Y 1 A GLU 291 ? OE2 ? A GLU 135 OE2 
41 1 Y 1 A MET 299 ? CG  ? A MET 143 CG  
42 1 Y 1 A MET 299 ? SD  ? A MET 143 SD  
43 1 Y 1 A MET 299 ? CE  ? A MET 143 CE  
# 
loop_
_pdbx_unobs_or_zero_occ_residues.id 
_pdbx_unobs_or_zero_occ_residues.PDB_model_num 
_pdbx_unobs_or_zero_occ_residues.polymer_flag 
_pdbx_unobs_or_zero_occ_residues.occupancy_flag 
_pdbx_unobs_or_zero_occ_residues.auth_asym_id 
_pdbx_unobs_or_zero_occ_residues.auth_comp_id 
_pdbx_unobs_or_zero_occ_residues.auth_seq_id 
_pdbx_unobs_or_zero_occ_residues.PDB_ins_code 
_pdbx_unobs_or_zero_occ_residues.label_asym_id 
_pdbx_unobs_or_zero_occ_residues.label_comp_id 
_pdbx_unobs_or_zero_occ_residues.label_seq_id 
1 1 Y 1 A SER 199 ? A SER 43 
2 1 Y 1 A PRO 200 ? A PRO 44 
3 1 Y 1 A ASN 201 ? A ASN 45 
4 1 Y 1 A ASN 202 ? A ASN 46 
# 
loop_
_chem_comp_atom.comp_id 
_chem_comp_atom.atom_id 
_chem_comp_atom.type_symbol 
_chem_comp_atom.pdbx_aromatic_flag 
_chem_comp_atom.pdbx_stereo_config 
_chem_comp_atom.pdbx_ordinal 
ALA N    N N N 1   
ALA CA   C N S 2   
ALA C    C N N 3   
ALA O    O N N 4   
ALA CB   C N N 5   
ALA OXT  O N N 6   
ALA H    H N N 7   
ALA H2   H N N 8   
ALA HA   H N N 9   
ALA HB1  H N N 10  
ALA HB2  H N N 11  
ALA HB3  H N N 12  
ALA HXT  H N N 13  
ARG N    N N N 14  
ARG CA   C N S 15  
ARG C    C N N 16  
ARG O    O N N 17  
ARG CB   C N N 18  
ARG CG   C N N 19  
ARG CD   C N N 20  
ARG NE   N N N 21  
ARG CZ   C N N 22  
ARG NH1  N N N 23  
ARG NH2  N N N 24  
ARG OXT  O N N 25  
ARG H    H N N 26  
ARG H2   H N N 27  
ARG HA   H N N 28  
ARG HB2  H N N 29  
ARG HB3  H N N 30  
ARG HG2  H N N 31  
ARG HG3  H N N 32  
ARG HD2  H N N 33  
ARG HD3  H N N 34  
ARG HE   H N N 35  
ARG HH11 H N N 36  
ARG HH12 H N N 37  
ARG HH21 H N N 38  
ARG HH22 H N N 39  
ARG HXT  H N N 40  
ASN N    N N N 41  
ASN CA   C N S 42  
ASN C    C N N 43  
ASN O    O N N 44  
ASN CB   C N N 45  
ASN CG   C N N 46  
ASN OD1  O N N 47  
ASN ND2  N N N 48  
ASN OXT  O N N 49  
ASN H    H N N 50  
ASN H2   H N N 51  
ASN HA   H N N 52  
ASN HB2  H N N 53  
ASN HB3  H N N 54  
ASN HD21 H N N 55  
ASN HD22 H N N 56  
ASN HXT  H N N 57  
ASP N    N N N 58  
ASP CA   C N S 59  
ASP C    C N N 60  
ASP O    O N N 61  
ASP CB   C N N 62  
ASP CG   C N N 63  
ASP OD1  O N N 64  
ASP OD2  O N N 65  
ASP OXT  O N N 66  
ASP H    H N N 67  
ASP H2   H N N 68  
ASP HA   H N N 69  
ASP HB2  H N N 70  
ASP HB3  H N N 71  
ASP HD2  H N N 72  
ASP HXT  H N N 73  
CYS N    N N N 74  
CYS CA   C N R 75  
CYS C    C N N 76  
CYS O    O N N 77  
CYS CB   C N N 78  
CYS SG   S N N 79  
CYS OXT  O N N 80  
CYS H    H N N 81  
CYS H2   H N N 82  
CYS HA   H N N 83  
CYS HB2  H N N 84  
CYS HB3  H N N 85  
CYS HG   H N N 86  
CYS HXT  H N N 87  
GLN N    N N N 88  
GLN CA   C N S 89  
GLN C    C N N 90  
GLN O    O N N 91  
GLN CB   C N N 92  
GLN CG   C N N 93  
GLN CD   C N N 94  
GLN OE1  O N N 95  
GLN NE2  N N N 96  
GLN OXT  O N N 97  
GLN H    H N N 98  
GLN H2   H N N 99  
GLN HA   H N N 100 
GLN HB2  H N N 101 
GLN HB3  H N N 102 
GLN HG2  H N N 103 
GLN HG3  H N N 104 
GLN HE21 H N N 105 
GLN HE22 H N N 106 
GLN HXT  H N N 107 
GLU N    N N N 108 
GLU CA   C N S 109 
GLU C    C N N 110 
GLU O    O N N 111 
GLU CB   C N N 112 
GLU CG   C N N 113 
GLU CD   C N N 114 
GLU OE1  O N N 115 
GLU OE2  O N N 116 
GLU OXT  O N N 117 
GLU H    H N N 118 
GLU H2   H N N 119 
GLU HA   H N N 120 
GLU HB2  H N N 121 
GLU HB3  H N N 122 
GLU HG2  H N N 123 
GLU HG3  H N N 124 
GLU HE2  H N N 125 
GLU HXT  H N N 126 
GLY N    N N N 127 
GLY CA   C N N 128 
GLY C    C N N 129 
GLY O    O N N 130 
GLY OXT  O N N 131 
GLY H    H N N 132 
GLY H2   H N N 133 
GLY HA2  H N N 134 
GLY HA3  H N N 135 
GLY HXT  H N N 136 
HIS N    N N N 137 
HIS CA   C N S 138 
HIS C    C N N 139 
HIS O    O N N 140 
HIS CB   C N N 141 
HIS CG   C Y N 142 
HIS ND1  N Y N 143 
HIS CD2  C Y N 144 
HIS CE1  C Y N 145 
HIS NE2  N Y N 146 
HIS OXT  O N N 147 
HIS H    H N N 148 
HIS H2   H N N 149 
HIS HA   H N N 150 
HIS HB2  H N N 151 
HIS HB3  H N N 152 
HIS HD1  H N N 153 
HIS HD2  H N N 154 
HIS HE1  H N N 155 
HIS HE2  H N N 156 
HIS HXT  H N N 157 
HOH O    O N N 158 
HOH H1   H N N 159 
HOH H2   H N N 160 
ILE N    N N N 161 
ILE CA   C N S 162 
ILE C    C N N 163 
ILE O    O N N 164 
ILE CB   C N S 165 
ILE CG1  C N N 166 
ILE CG2  C N N 167 
ILE CD1  C N N 168 
ILE OXT  O N N 169 
ILE H    H N N 170 
ILE H2   H N N 171 
ILE HA   H N N 172 
ILE HB   H N N 173 
ILE HG12 H N N 174 
ILE HG13 H N N 175 
ILE HG21 H N N 176 
ILE HG22 H N N 177 
ILE HG23 H N N 178 
ILE HD11 H N N 179 
ILE HD12 H N N 180 
ILE HD13 H N N 181 
ILE HXT  H N N 182 
LEU N    N N N 183 
LEU CA   C N S 184 
LEU C    C N N 185 
LEU O    O N N 186 
LEU CB   C N N 187 
LEU CG   C N N 188 
LEU CD1  C N N 189 
LEU CD2  C N N 190 
LEU OXT  O N N 191 
LEU H    H N N 192 
LEU H2   H N N 193 
LEU HA   H N N 194 
LEU HB2  H N N 195 
LEU HB3  H N N 196 
LEU HG   H N N 197 
LEU HD11 H N N 198 
LEU HD12 H N N 199 
LEU HD13 H N N 200 
LEU HD21 H N N 201 
LEU HD22 H N N 202 
LEU HD23 H N N 203 
LEU HXT  H N N 204 
LYS N    N N N 205 
LYS CA   C N S 206 
LYS C    C N N 207 
LYS O    O N N 208 
LYS CB   C N N 209 
LYS CG   C N N 210 
LYS CD   C N N 211 
LYS CE   C N N 212 
LYS NZ   N N N 213 
LYS OXT  O N N 214 
LYS H    H N N 215 
LYS H2   H N N 216 
LYS HA   H N N 217 
LYS HB2  H N N 218 
LYS HB3  H N N 219 
LYS HG2  H N N 220 
LYS HG3  H N N 221 
LYS HD2  H N N 222 
LYS HD3  H N N 223 
LYS HE2  H N N 224 
LYS HE3  H N N 225 
LYS HZ1  H N N 226 
LYS HZ2  H N N 227 
LYS HZ3  H N N 228 
LYS HXT  H N N 229 
MET N    N N N 230 
MET CA   C N S 231 
MET C    C N N 232 
MET O    O N N 233 
MET CB   C N N 234 
MET CG   C N N 235 
MET SD   S N N 236 
MET CE   C N N 237 
MET OXT  O N N 238 
MET H    H N N 239 
MET H2   H N N 240 
MET HA   H N N 241 
MET HB2  H N N 242 
MET HB3  H N N 243 
MET HG2  H N N 244 
MET HG3  H N N 245 
MET HE1  H N N 246 
MET HE2  H N N 247 
MET HE3  H N N 248 
MET HXT  H N N 249 
PHE N    N N N 250 
PHE CA   C N S 251 
PHE C    C N N 252 
PHE O    O N N 253 
PHE CB   C N N 254 
PHE CG   C Y N 255 
PHE CD1  C Y N 256 
PHE CD2  C Y N 257 
PHE CE1  C Y N 258 
PHE CE2  C Y N 259 
PHE CZ   C Y N 260 
PHE OXT  O N N 261 
PHE H    H N N 262 
PHE H2   H N N 263 
PHE HA   H N N 264 
PHE HB2  H N N 265 
PHE HB3  H N N 266 
PHE HD1  H N N 267 
PHE HD2  H N N 268 
PHE HE1  H N N 269 
PHE HE2  H N N 270 
PHE HZ   H N N 271 
PHE HXT  H N N 272 
PRO N    N N N 273 
PRO CA   C N S 274 
PRO C    C N N 275 
PRO O    O N N 276 
PRO CB   C N N 277 
PRO CG   C N N 278 
PRO CD   C N N 279 
PRO OXT  O N N 280 
PRO H    H N N 281 
PRO HA   H N N 282 
PRO HB2  H N N 283 
PRO HB3  H N N 284 
PRO HG2  H N N 285 
PRO HG3  H N N 286 
PRO HD2  H N N 287 
PRO HD3  H N N 288 
PRO HXT  H N N 289 
SER N    N N N 290 
SER CA   C N S 291 
SER C    C N N 292 
SER O    O N N 293 
SER CB   C N N 294 
SER OG   O N N 295 
SER OXT  O N N 296 
SER H    H N N 297 
SER H2   H N N 298 
SER HA   H N N 299 
SER HB2  H N N 300 
SER HB3  H N N 301 
SER HG   H N N 302 
SER HXT  H N N 303 
THR N    N N N 304 
THR CA   C N S 305 
THR C    C N N 306 
THR O    O N N 307 
THR CB   C N R 308 
THR OG1  O N N 309 
THR CG2  C N N 310 
THR OXT  O N N 311 
THR H    H N N 312 
THR H2   H N N 313 
THR HA   H N N 314 
THR HB   H N N 315 
THR HG1  H N N 316 
THR HG21 H N N 317 
THR HG22 H N N 318 
THR HG23 H N N 319 
THR HXT  H N N 320 
TRP N    N N N 321 
TRP CA   C N S 322 
TRP C    C N N 323 
TRP O    O N N 324 
TRP CB   C N N 325 
TRP CG   C Y N 326 
TRP CD1  C Y N 327 
TRP CD2  C Y N 328 
TRP NE1  N Y N 329 
TRP CE2  C Y N 330 
TRP CE3  C Y N 331 
TRP CZ2  C Y N 332 
TRP CZ3  C Y N 333 
TRP CH2  C Y N 334 
TRP OXT  O N N 335 
TRP H    H N N 336 
TRP H2   H N N 337 
TRP HA   H N N 338 
TRP HB2  H N N 339 
TRP HB3  H N N 340 
TRP HD1  H N N 341 
TRP HE1  H N N 342 
TRP HE3  H N N 343 
TRP HZ2  H N N 344 
TRP HZ3  H N N 345 
TRP HH2  H N N 346 
TRP HXT  H N N 347 
TYR N    N N N 348 
TYR CA   C N S 349 
TYR C    C N N 350 
TYR O    O N N 351 
TYR CB   C N N 352 
TYR CG   C Y N 353 
TYR CD1  C Y N 354 
TYR CD2  C Y N 355 
TYR CE1  C Y N 356 
TYR CE2  C Y N 357 
TYR CZ   C Y N 358 
TYR OH   O N N 359 
TYR OXT  O N N 360 
TYR H    H N N 361 
TYR H2   H N N 362 
TYR HA   H N N 363 
TYR HB2  H N N 364 
TYR HB3  H N N 365 
TYR HD1  H N N 366 
TYR HD2  H N N 367 
TYR HE1  H N N 368 
TYR HE2  H N N 369 
TYR HH   H N N 370 
TYR HXT  H N N 371 
VAL N    N N N 372 
VAL CA   C N S 373 
VAL C    C N N 374 
VAL O    O N N 375 
VAL CB   C N N 376 
VAL CG1  C N N 377 
VAL CG2  C N N 378 
VAL OXT  O N N 379 
VAL H    H N N 380 
VAL H2   H N N 381 
VAL HA   H N N 382 
VAL HB   H N N 383 
VAL HG11 H N N 384 
VAL HG12 H N N 385 
VAL HG13 H N N 386 
VAL HG21 H N N 387 
VAL HG22 H N N 388 
VAL HG23 H N N 389 
VAL HXT  H N N 390 
# 
loop_
_chem_comp_bond.comp_id 
_chem_comp_bond.atom_id_1 
_chem_comp_bond.atom_id_2 
_chem_comp_bond.value_order 
_chem_comp_bond.pdbx_aromatic_flag 
_chem_comp_bond.pdbx_stereo_config 
_chem_comp_bond.pdbx_ordinal 
ALA N   CA   sing N N 1   
ALA N   H    sing N N 2   
ALA N   H2   sing N N 3   
ALA CA  C    sing N N 4   
ALA CA  CB   sing N N 5   
ALA CA  HA   sing N N 6   
ALA C   O    doub N N 7   
ALA C   OXT  sing N N 8   
ALA CB  HB1  sing N N 9   
ALA CB  HB2  sing N N 10  
ALA CB  HB3  sing N N 11  
ALA OXT HXT  sing N N 12  
ARG N   CA   sing N N 13  
ARG N   H    sing N N 14  
ARG N   H2   sing N N 15  
ARG CA  C    sing N N 16  
ARG CA  CB   sing N N 17  
ARG CA  HA   sing N N 18  
ARG C   O    doub N N 19  
ARG C   OXT  sing N N 20  
ARG CB  CG   sing N N 21  
ARG CB  HB2  sing N N 22  
ARG CB  HB3  sing N N 23  
ARG CG  CD   sing N N 24  
ARG CG  HG2  sing N N 25  
ARG CG  HG3  sing N N 26  
ARG CD  NE   sing N N 27  
ARG CD  HD2  sing N N 28  
ARG CD  HD3  sing N N 29  
ARG NE  CZ   sing N N 30  
ARG NE  HE   sing N N 31  
ARG CZ  NH1  sing N N 32  
ARG CZ  NH2  doub N N 33  
ARG NH1 HH11 sing N N 34  
ARG NH1 HH12 sing N N 35  
ARG NH2 HH21 sing N N 36  
ARG NH2 HH22 sing N N 37  
ARG OXT HXT  sing N N 38  
ASN N   CA   sing N N 39  
ASN N   H    sing N N 40  
ASN N   H2   sing N N 41  
ASN CA  C    sing N N 42  
ASN CA  CB   sing N N 43  
ASN CA  HA   sing N N 44  
ASN C   O    doub N N 45  
ASN C   OXT  sing N N 46  
ASN CB  CG   sing N N 47  
ASN CB  HB2  sing N N 48  
ASN CB  HB3  sing N N 49  
ASN CG  OD1  doub N N 50  
ASN CG  ND2  sing N N 51  
ASN ND2 HD21 sing N N 52  
ASN ND2 HD22 sing N N 53  
ASN OXT HXT  sing N N 54  
ASP N   CA   sing N N 55  
ASP N   H    sing N N 56  
ASP N   H2   sing N N 57  
ASP CA  C    sing N N 58  
ASP CA  CB   sing N N 59  
ASP CA  HA   sing N N 60  
ASP C   O    doub N N 61  
ASP C   OXT  sing N N 62  
ASP CB  CG   sing N N 63  
ASP CB  HB2  sing N N 64  
ASP CB  HB3  sing N N 65  
ASP CG  OD1  doub N N 66  
ASP CG  OD2  sing N N 67  
ASP OD2 HD2  sing N N 68  
ASP OXT HXT  sing N N 69  
CYS N   CA   sing N N 70  
CYS N   H    sing N N 71  
CYS N   H2   sing N N 72  
CYS CA  C    sing N N 73  
CYS CA  CB   sing N N 74  
CYS CA  HA   sing N N 75  
CYS C   O    doub N N 76  
CYS C   OXT  sing N N 77  
CYS CB  SG   sing N N 78  
CYS CB  HB2  sing N N 79  
CYS CB  HB3  sing N N 80  
CYS SG  HG   sing N N 81  
CYS OXT HXT  sing N N 82  
GLN N   CA   sing N N 83  
GLN N   H    sing N N 84  
GLN N   H2   sing N N 85  
GLN CA  C    sing N N 86  
GLN CA  CB   sing N N 87  
GLN CA  HA   sing N N 88  
GLN C   O    doub N N 89  
GLN C   OXT  sing N N 90  
GLN CB  CG   sing N N 91  
GLN CB  HB2  sing N N 92  
GLN CB  HB3  sing N N 93  
GLN CG  CD   sing N N 94  
GLN CG  HG2  sing N N 95  
GLN CG  HG3  sing N N 96  
GLN CD  OE1  doub N N 97  
GLN CD  NE2  sing N N 98  
GLN NE2 HE21 sing N N 99  
GLN NE2 HE22 sing N N 100 
GLN OXT HXT  sing N N 101 
GLU N   CA   sing N N 102 
GLU N   H    sing N N 103 
GLU N   H2   sing N N 104 
GLU CA  C    sing N N 105 
GLU CA  CB   sing N N 106 
GLU CA  HA   sing N N 107 
GLU C   O    doub N N 108 
GLU C   OXT  sing N N 109 
GLU CB  CG   sing N N 110 
GLU CB  HB2  sing N N 111 
GLU CB  HB3  sing N N 112 
GLU CG  CD   sing N N 113 
GLU CG  HG2  sing N N 114 
GLU CG  HG3  sing N N 115 
GLU CD  OE1  doub N N 116 
GLU CD  OE2  sing N N 117 
GLU OE2 HE2  sing N N 118 
GLU OXT HXT  sing N N 119 
GLY N   CA   sing N N 120 
GLY N   H    sing N N 121 
GLY N   H2   sing N N 122 
GLY CA  C    sing N N 123 
GLY CA  HA2  sing N N 124 
GLY CA  HA3  sing N N 125 
GLY C   O    doub N N 126 
GLY C   OXT  sing N N 127 
GLY OXT HXT  sing N N 128 
HIS N   CA   sing N N 129 
HIS N   H    sing N N 130 
HIS N   H2   sing N N 131 
HIS CA  C    sing N N 132 
HIS CA  CB   sing N N 133 
HIS CA  HA   sing N N 134 
HIS C   O    doub N N 135 
HIS C   OXT  sing N N 136 
HIS CB  CG   sing N N 137 
HIS CB  HB2  sing N N 138 
HIS CB  HB3  sing N N 139 
HIS CG  ND1  sing Y N 140 
HIS CG  CD2  doub Y N 141 
HIS ND1 CE1  doub Y N 142 
HIS ND1 HD1  sing N N 143 
HIS CD2 NE2  sing Y N 144 
HIS CD2 HD2  sing N N 145 
HIS CE1 NE2  sing Y N 146 
HIS CE1 HE1  sing N N 147 
HIS NE2 HE2  sing N N 148 
HIS OXT HXT  sing N N 149 
HOH O   H1   sing N N 150 
HOH O   H2   sing N N 151 
ILE N   CA   sing N N 152 
ILE N   H    sing N N 153 
ILE N   H2   sing N N 154 
ILE CA  C    sing N N 155 
ILE CA  CB   sing N N 156 
ILE CA  HA   sing N N 157 
ILE C   O    doub N N 158 
ILE C   OXT  sing N N 159 
ILE CB  CG1  sing N N 160 
ILE CB  CG2  sing N N 161 
ILE CB  HB   sing N N 162 
ILE CG1 CD1  sing N N 163 
ILE CG1 HG12 sing N N 164 
ILE CG1 HG13 sing N N 165 
ILE CG2 HG21 sing N N 166 
ILE CG2 HG22 sing N N 167 
ILE CG2 HG23 sing N N 168 
ILE CD1 HD11 sing N N 169 
ILE CD1 HD12 sing N N 170 
ILE CD1 HD13 sing N N 171 
ILE OXT HXT  sing N N 172 
LEU N   CA   sing N N 173 
LEU N   H    sing N N 174 
LEU N   H2   sing N N 175 
LEU CA  C    sing N N 176 
LEU CA  CB   sing N N 177 
LEU CA  HA   sing N N 178 
LEU C   O    doub N N 179 
LEU C   OXT  sing N N 180 
LEU CB  CG   sing N N 181 
LEU CB  HB2  sing N N 182 
LEU CB  HB3  sing N N 183 
LEU CG  CD1  sing N N 184 
LEU CG  CD2  sing N N 185 
LEU CG  HG   sing N N 186 
LEU CD1 HD11 sing N N 187 
LEU CD1 HD12 sing N N 188 
LEU CD1 HD13 sing N N 189 
LEU CD2 HD21 sing N N 190 
LEU CD2 HD22 sing N N 191 
LEU CD2 HD23 sing N N 192 
LEU OXT HXT  sing N N 193 
LYS N   CA   sing N N 194 
LYS N   H    sing N N 195 
LYS N   H2   sing N N 196 
LYS CA  C    sing N N 197 
LYS CA  CB   sing N N 198 
LYS CA  HA   sing N N 199 
LYS C   O    doub N N 200 
LYS C   OXT  sing N N 201 
LYS CB  CG   sing N N 202 
LYS CB  HB2  sing N N 203 
LYS CB  HB3  sing N N 204 
LYS CG  CD   sing N N 205 
LYS CG  HG2  sing N N 206 
LYS CG  HG3  sing N N 207 
LYS CD  CE   sing N N 208 
LYS CD  HD2  sing N N 209 
LYS CD  HD3  sing N N 210 
LYS CE  NZ   sing N N 211 
LYS CE  HE2  sing N N 212 
LYS CE  HE3  sing N N 213 
LYS NZ  HZ1  sing N N 214 
LYS NZ  HZ2  sing N N 215 
LYS NZ  HZ3  sing N N 216 
LYS OXT HXT  sing N N 217 
MET N   CA   sing N N 218 
MET N   H    sing N N 219 
MET N   H2   sing N N 220 
MET CA  C    sing N N 221 
MET CA  CB   sing N N 222 
MET CA  HA   sing N N 223 
MET C   O    doub N N 224 
MET C   OXT  sing N N 225 
MET CB  CG   sing N N 226 
MET CB  HB2  sing N N 227 
MET CB  HB3  sing N N 228 
MET CG  SD   sing N N 229 
MET CG  HG2  sing N N 230 
MET CG  HG3  sing N N 231 
MET SD  CE   sing N N 232 
MET CE  HE1  sing N N 233 
MET CE  HE2  sing N N 234 
MET CE  HE3  sing N N 235 
MET OXT HXT  sing N N 236 
PHE N   CA   sing N N 237 
PHE N   H    sing N N 238 
PHE N   H2   sing N N 239 
PHE CA  C    sing N N 240 
PHE CA  CB   sing N N 241 
PHE CA  HA   sing N N 242 
PHE C   O    doub N N 243 
PHE C   OXT  sing N N 244 
PHE CB  CG   sing N N 245 
PHE CB  HB2  sing N N 246 
PHE CB  HB3  sing N N 247 
PHE CG  CD1  doub Y N 248 
PHE CG  CD2  sing Y N 249 
PHE CD1 CE1  sing Y N 250 
PHE CD1 HD1  sing N N 251 
PHE CD2 CE2  doub Y N 252 
PHE CD2 HD2  sing N N 253 
PHE CE1 CZ   doub Y N 254 
PHE CE1 HE1  sing N N 255 
PHE CE2 CZ   sing Y N 256 
PHE CE2 HE2  sing N N 257 
PHE CZ  HZ   sing N N 258 
PHE OXT HXT  sing N N 259 
PRO N   CA   sing N N 260 
PRO N   CD   sing N N 261 
PRO N   H    sing N N 262 
PRO CA  C    sing N N 263 
PRO CA  CB   sing N N 264 
PRO CA  HA   sing N N 265 
PRO C   O    doub N N 266 
PRO C   OXT  sing N N 267 
PRO CB  CG   sing N N 268 
PRO CB  HB2  sing N N 269 
PRO CB  HB3  sing N N 270 
PRO CG  CD   sing N N 271 
PRO CG  HG2  sing N N 272 
PRO CG  HG3  sing N N 273 
PRO CD  HD2  sing N N 274 
PRO CD  HD3  sing N N 275 
PRO OXT HXT  sing N N 276 
SER N   CA   sing N N 277 
SER N   H    sing N N 278 
SER N   H2   sing N N 279 
SER CA  C    sing N N 280 
SER CA  CB   sing N N 281 
SER CA  HA   sing N N 282 
SER C   O    doub N N 283 
SER C   OXT  sing N N 284 
SER CB  OG   sing N N 285 
SER CB  HB2  sing N N 286 
SER CB  HB3  sing N N 287 
SER OG  HG   sing N N 288 
SER OXT HXT  sing N N 289 
THR N   CA   sing N N 290 
THR N   H    sing N N 291 
THR N   H2   sing N N 292 
THR CA  C    sing N N 293 
THR CA  CB   sing N N 294 
THR CA  HA   sing N N 295 
THR C   O    doub N N 296 
THR C   OXT  sing N N 297 
THR CB  OG1  sing N N 298 
THR CB  CG2  sing N N 299 
THR CB  HB   sing N N 300 
THR OG1 HG1  sing N N 301 
THR CG2 HG21 sing N N 302 
THR CG2 HG22 sing N N 303 
THR CG2 HG23 sing N N 304 
THR OXT HXT  sing N N 305 
TRP N   CA   sing N N 306 
TRP N   H    sing N N 307 
TRP N   H2   sing N N 308 
TRP CA  C    sing N N 309 
TRP CA  CB   sing N N 310 
TRP CA  HA   sing N N 311 
TRP C   O    doub N N 312 
TRP C   OXT  sing N N 313 
TRP CB  CG   sing N N 314 
TRP CB  HB2  sing N N 315 
TRP CB  HB3  sing N N 316 
TRP CG  CD1  doub Y N 317 
TRP CG  CD2  sing Y N 318 
TRP CD1 NE1  sing Y N 319 
TRP CD1 HD1  sing N N 320 
TRP CD2 CE2  doub Y N 321 
TRP CD2 CE3  sing Y N 322 
TRP NE1 CE2  sing Y N 323 
TRP NE1 HE1  sing N N 324 
TRP CE2 CZ2  sing Y N 325 
TRP CE3 CZ3  doub Y N 326 
TRP CE3 HE3  sing N N 327 
TRP CZ2 CH2  doub Y N 328 
TRP CZ2 HZ2  sing N N 329 
TRP CZ3 CH2  sing Y N 330 
TRP CZ3 HZ3  sing N N 331 
TRP CH2 HH2  sing N N 332 
TRP OXT HXT  sing N N 333 
TYR N   CA   sing N N 334 
TYR N   H    sing N N 335 
TYR N   H2   sing N N 336 
TYR CA  C    sing N N 337 
TYR CA  CB   sing N N 338 
TYR CA  HA   sing N N 339 
TYR C   O    doub N N 340 
TYR C   OXT  sing N N 341 
TYR CB  CG   sing N N 342 
TYR CB  HB2  sing N N 343 
TYR CB  HB3  sing N N 344 
TYR CG  CD1  doub Y N 345 
TYR CG  CD2  sing Y N 346 
TYR CD1 CE1  sing Y N 347 
TYR CD1 HD1  sing N N 348 
TYR CD2 CE2  doub Y N 349 
TYR CD2 HD2  sing N N 350 
TYR CE1 CZ   doub Y N 351 
TYR CE1 HE1  sing N N 352 
TYR CE2 CZ   sing Y N 353 
TYR CE2 HE2  sing N N 354 
TYR CZ  OH   sing N N 355 
TYR OH  HH   sing N N 356 
TYR OXT HXT  sing N N 357 
VAL N   CA   sing N N 358 
VAL N   H    sing N N 359 
VAL N   H2   sing N N 360 
VAL CA  C    sing N N 361 
VAL CA  CB   sing N N 362 
VAL CA  HA   sing N N 363 
VAL C   O    doub N N 364 
VAL C   OXT  sing N N 365 
VAL CB  CG1  sing N N 366 
VAL CB  CG2  sing N N 367 
VAL CB  HB   sing N N 368 
VAL CG1 HG11 sing N N 369 
VAL CG1 HG12 sing N N 370 
VAL CG1 HG13 sing N N 371 
VAL CG2 HG21 sing N N 372 
VAL CG2 HG22 sing N N 373 
VAL CG2 HG23 sing N N 374 
VAL OXT HXT  sing N N 375 
# 
_pdbx_audit_support.funding_organization   'National Institutes of Health/National Cancer Institute (NIH/NCI)' 
_pdbx_audit_support.country                'United States' 
_pdbx_audit_support.grant_number           CA203657 
_pdbx_audit_support.ordinal                1 
# 
_pdbx_entity_nonpoly.entity_id   2 
_pdbx_entity_nonpoly.name        water 
_pdbx_entity_nonpoly.comp_id     HOH 
# 
_pdbx_initial_refinement_model.id               1 
_pdbx_initial_refinement_model.entity_id_list   ? 
_pdbx_initial_refinement_model.type             'experimental model' 
_pdbx_initial_refinement_model.source_name      PDB 
_pdbx_initial_refinement_model.accession_code   5XGH 
_pdbx_initial_refinement_model.details          ? 
# 
_pdbx_struct_assembly_auth_evidence.id                     1 
_pdbx_struct_assembly_auth_evidence.assembly_id            1 
_pdbx_struct_assembly_auth_evidence.experimental_support   none 
_pdbx_struct_assembly_auth_evidence.details                ? 
# 
_space_group.name_H-M_alt     'C 2 2 21' 
_space_group.name_Hall        'C 2c 2' 
_space_group.IT_number        20 
_space_group.crystal_system   orthorhombic 
_space_group.id               1 
# 
